data_6J8H
#
_entry.id   6J8H
#
_cell.length_a   1
_cell.length_b   1
_cell.length_c   1
_cell.angle_alpha   90.00
_cell.angle_beta   90.00
_cell.angle_gamma   90.00
#
_symmetry.space_group_name_H-M   'P 1'
#
loop_
_entity.id
_entity.type
_entity.pdbx_description
1 polymer 'Sodium channel subunit beta-2'
2 polymer 'Sodium channel protein type 9 subunit alpha'
3 polymer 'Sodium channel subunit beta-1'
4 branched 2-acetamido-2-deoxy-beta-D-glucopyranose-(1-4)-2-acetamido-2-deoxy-beta-D-glucopyranose
5 non-polymer 2-acetamido-2-deoxy-beta-D-glucopyranose
6 non-polymer '[(3aS,4R,10aS)-2,6-diamino-10,10-dihydroxy-3a,4,9,10-tetrahydro-3H,8H-pyrrolo[1,2-c]purin-4-yl]methyl carbamate'
#
loop_
_entity_poly.entity_id
_entity_poly.type
_entity_poly.pdbx_seq_one_letter_code
_entity_poly.pdbx_strand_id
1 'polypeptide(L)'
;MHRDAWLPRPAFSLTGLSLFFSLVPPGRSMEVTVPATLNVLNGSDARLPCTFNSCYTVNHKQFSLNWTYQECNNCSEEMF
LQFRMKIINLKLERFQDRVEFSGNPSKYDVSVMLRNVQPEDEGIYNCYIMNPPDRHRGHGKIHLQVLMEEPPERDSTVAV
IVGASVGGFLAVVILVLMVVKCVRRKKEQKLSTDDLKTEEEGKTDGEGNPDDGAK
;
C
2 'polypeptide(L)'
;MASWSHPQFEKGGGARGGSGGGSWSHPQFEKGFDYKDDDDKGTMAMLPPPGPQSFVHFTKQSLALIEQRIAERKSKEPKE
EKKDDDEEAPKPSSDLEAGKQLPFIYGDIPPGMVSEPLEDLDPYYADKKTFIVLNKGKTIFRFNATPALYMLSPFSPLRR
ISIKILVHSLFSMLIMCTILTNCIFMTMNNPPDWTKNVEYTFTGIYTFESLVKILARGFCVGEFTFLRDPWNWLDFVVIV
FAYLTEFVNLGNVSALRTFRVLRALKTISVIPGLKTIVGALIQSVKKLSDVMILTVFCLSVFALIGLQLFMGNLKHKCFR
NSLENNETLESIMNTLESEEDFRKYFYYLEGSKDALLCGFSTDSGQCPEGYTCVKIGRNPDYGYTSFDTFSWAFLALFRL
MTQDYWENLYQQTLRAAGKTYMIFFVVVIFLGSFYLINLILAVVAMAYKEQNQANIEEAKQKELEFQQMLDRLKKEQEEA
EAIAAAAAEYTSIRRSRIMGLSESSSETSKLSSKSAKERRNRRKKKNQKKLSSGEEKGDAEKLSKSESEDSIRRKSFHLG
VEGHRRAHEKRLSTPNQSPLSIRGSLFSARRSSRTSLFSFKGRGRDIGSETEFADDEHSIFGDNESRRGSLFVPHRPQER
RSSNISQASRSPPMLPVNGKMHSAVDCNGVVSLVDGRSALMLPNGQLLPEVIIDKATSDDSGTTNQIHKKRRCSSYLLSE
DMLNDPNLRQRAMSRASILTNTVEELEESRQKCPPWWYRFAHKFLIWNCSPYWIKFKKCIYFIVMDPFVDLAITICIVLN
TLFMAMEHHPMTEEFKNVLAIGNLVFTGIFAAEMVLKLIAMDPYEYFQVGWNIFDSLIVTLSLVELFLADVEGLSVLRSF
RLLRVFKLAKSWPTLNMLIKIIGNSVGALGNLTLVLAIIVFIFAVVGMQLFGKSYKECVCKINDDCTLPRWHMNDFFHSF
LIVFRVLCGEWIETMWDCMEVAGQAMCLIVYMMVMVIGNLVVLNLFLALLLSSFSSDNLTAIEEDPDANNLQIAVTRIKK
GINYVKQTLREFILKAFSKKPKISREIRQAEDLNTKKENYISNHTLAEMSKGHNFLKEKDKISGFGSSVDKHLMEDSDGQ
SFIHNPSLTVTVPIAPGESDLENMNAEELSSDSDSEYSKVRLNRSSSSECSTVDNPLPGEGEEAEAEPMNSDEPEACFTD
GCVWRFSCCQVNIESGKGKIWWNIRKTCYKIVEHSWFESFIVLMILLSSGALAFEDIYIERKKTIKIILEYADKIFTYIF
ILEMLLKWIAYGYKTYFTNAWCWLDFLIVDVSLVTLVANTLGYSDLGPIKSLRTLRALRPLRALSRFEGMRVVVNALIGA
IPSIMNVLLVCLIFWLIFSIMGVNLFAGKFYECINTTDGSRFPASQVPNRSECFALMNVSQNVRWKNLKVNFDNVGLGYL
SLLQVATFKGWTIIMYAAVDSVNVDKQPKYEYSLYMYIYFVVFIIFGSFFTLNLFIGVIIDNFNQQKKKLGGQDIFMTEE
QKKYYNAMKKLGSKKPQKPIPRPGNKIQGCIFDLVTNQAFDISIMVLICLNMVTMMVEKEGQSQHMTEVLYWINVVFIIL
FTGECVLKLISLRHYYFTVGWNIFDFVVVIISIVGMFLADLIETYFVSPTLFRVIRLARIGRILRLVKGAKGIRTLLFAL
MMSLPALFNIGLLLFLVMFIYAIFGMSNFAYVKKEDGINDMFNFETFGNSMICLFQITTSAGWDGLLAPILNSKPPDCDP
KKVHPGSSVEGDCGNPSVGIFYFVSYIIISFLVVVNMYIAVILENFSVATEESTEPLSEDDFEMFYEVWEKFDPDATQFI
EFSKLSDFAAALDPPLLIAKPNKVQLIAMDLPMVSGDRIHCLDILFAFTKRVLGESGEMDSLRSQMEERFMSANPSKVSY
EPITTTLKRKQEDVSATVIQRAYRRYRLRQNVKNISSIYIKDGDRDDDLLNKKDMAFDNVNENSSPEKTDATSSTTSPPS
YDSVTKPDKEKYEQDRTEKEDKGKDSKESKK
;
A
3 'polypeptide(L)'
;MGRLLALVVGAALVSSACGGCVEVDSETEAVYGMTFKILCISCKRRSETNAETFTEWTFRQKGTEEFVKILRYENEVLQL
EEDERFEGRVVWNGSRGTKDLQDLSIFITNVTYNHSGDYECHVYRLLFFENYEHNTSVVKKIHIEVVDKANRDMASIVSE
IMMYVLIVVLTIWLVAEMIYCYKKIAAATETAAQENASEYLAITSESKENCTGVQVAE
;
B
#
# COMPACT_ATOMS: atom_id res chain seq x y z
N SER A 29 0.90 31.82 17.42
CA SER A 29 1.31 32.98 18.21
C SER A 29 2.84 33.12 18.22
N MET A 30 3.31 34.28 17.77
CA MET A 30 4.75 34.53 17.74
C MET A 30 5.28 34.56 19.18
N GLU A 31 6.46 34.01 19.39
CA GLU A 31 7.05 33.98 20.72
C GLU A 31 7.97 35.18 20.85
N VAL A 32 7.69 36.01 21.86
CA VAL A 32 8.50 37.20 22.09
C VAL A 32 9.16 37.22 23.46
N THR A 33 10.46 37.45 23.46
CA THR A 33 11.20 37.54 24.72
C THR A 33 11.88 38.89 24.81
N VAL A 34 11.48 39.68 25.79
CA VAL A 34 12.09 40.97 26.10
C VAL A 34 12.12 41.14 27.60
N PRO A 35 12.99 42.01 28.10
CA PRO A 35 12.90 42.40 29.52
C PRO A 35 11.76 43.37 29.72
N ALA A 36 10.89 43.05 30.68
CA ALA A 36 9.77 43.95 30.94
C ALA A 36 10.24 45.32 31.40
N THR A 37 11.32 45.36 32.19
CA THR A 37 11.92 46.60 32.65
C THR A 37 13.41 46.53 32.31
N LEU A 38 13.94 47.62 31.78
CA LEU A 38 15.35 47.73 31.46
C LEU A 38 15.86 49.02 32.07
N ASN A 39 16.80 48.90 33.00
CA ASN A 39 17.35 50.03 33.74
C ASN A 39 18.76 50.29 33.24
N VAL A 40 19.00 51.50 32.73
CA VAL A 40 20.26 51.85 32.11
C VAL A 40 20.74 53.19 32.64
N LEU A 41 22.05 53.29 32.86
CA LEU A 41 22.63 54.54 33.34
C LEU A 41 22.64 55.59 32.24
N ASN A 42 22.34 56.82 32.62
CA ASN A 42 22.45 57.94 31.70
C ASN A 42 23.84 58.00 31.10
N GLY A 43 23.91 58.08 29.77
CA GLY A 43 25.17 58.14 29.06
C GLY A 43 25.70 56.81 28.58
N SER A 44 25.21 55.70 29.11
CA SER A 44 25.63 54.39 28.64
C SER A 44 24.83 53.99 27.40
N ASP A 45 25.24 52.89 26.79
CA ASP A 45 24.52 52.33 25.66
C ASP A 45 23.50 51.33 26.18
N ALA A 46 22.30 51.39 25.64
CA ALA A 46 21.21 50.51 26.04
C ALA A 46 20.86 49.60 24.88
N ARG A 47 21.16 48.31 25.01
CA ARG A 47 20.66 47.33 24.07
C ARG A 47 19.29 46.90 24.53
N LEU A 48 18.31 47.05 23.66
CA LEU A 48 16.95 46.61 23.93
C LEU A 48 16.83 45.22 23.32
N PRO A 49 16.96 44.19 24.16
CA PRO A 49 16.93 42.80 23.68
C PRO A 49 15.58 42.08 23.76
N CYS A 50 15.13 41.63 22.60
CA CYS A 50 13.87 40.91 22.46
C CYS A 50 14.05 39.64 21.63
N THR A 51 13.34 38.59 22.00
CA THR A 51 13.41 37.34 21.28
C THR A 51 12.06 37.02 20.65
N PHE A 52 12.07 36.78 19.34
CA PHE A 52 10.86 36.44 18.64
C PHE A 52 11.05 35.02 18.15
N ASN A 53 10.05 34.17 18.37
CA ASN A 53 10.19 32.78 17.96
C ASN A 53 8.95 32.30 17.24
N SER A 54 9.14 31.74 16.04
CA SER A 54 7.98 31.22 15.36
C SER A 54 8.52 30.11 14.45
N CYS A 55 7.65 29.22 14.02
CA CYS A 55 8.05 28.11 13.15
C CYS A 55 8.38 28.65 11.76
N TYR A 56 8.97 27.81 10.93
CA TYR A 56 9.35 28.17 9.56
C TYR A 56 10.69 28.86 9.53
N THR A 57 11.07 29.31 8.34
CA THR A 57 12.32 30.02 8.09
C THR A 57 11.98 31.44 7.63
N VAL A 58 12.65 32.44 8.18
CA VAL A 58 12.37 33.83 7.84
C VAL A 58 12.61 34.17 6.38
N ASN A 59 11.71 34.98 5.82
CA ASN A 59 11.77 35.43 4.43
C ASN A 59 12.00 36.94 4.41
N HIS A 60 12.94 37.40 3.59
CA HIS A 60 13.24 38.83 3.56
C HIS A 60 12.06 39.70 3.16
N LYS A 61 11.37 39.33 2.07
CA LYS A 61 10.20 40.08 1.67
C LYS A 61 9.13 39.83 2.72
N GLN A 62 9.05 38.57 3.12
CA GLN A 62 8.10 38.09 4.11
C GLN A 62 8.25 38.62 5.52
N PHE A 63 9.48 38.73 6.02
CA PHE A 63 9.66 39.18 7.39
C PHE A 63 9.67 40.70 7.57
N SER A 64 8.78 41.18 8.44
CA SER A 64 8.66 42.60 8.74
C SER A 64 8.73 42.87 10.25
N LEU A 65 9.60 43.80 10.65
CA LEU A 65 9.75 44.17 12.06
C LEU A 65 9.59 45.66 12.28
N ASN A 66 8.78 46.04 13.27
CA ASN A 66 8.56 47.45 13.60
C ASN A 66 8.84 47.80 15.06
N TRP A 67 9.50 48.93 15.30
CA TRP A 67 9.81 49.39 16.64
C TRP A 67 9.20 50.77 16.85
N THR A 68 8.49 50.94 17.98
CA THR A 68 7.89 52.21 18.32
C THR A 68 8.24 52.61 19.74
N TYR A 69 8.21 53.93 19.98
CA TYR A 69 8.53 54.53 21.27
C TYR A 69 7.34 55.34 21.76
N GLN A 70 7.17 55.36 23.07
CA GLN A 70 6.17 56.20 23.72
C GLN A 70 6.80 56.85 24.94
N GLU A 71 6.48 58.13 25.16
CA GLU A 71 7.01 58.80 26.33
C GLU A 71 6.35 58.29 27.61
N CYS A 72 5.18 57.68 27.51
CA CYS A 72 4.40 57.27 28.67
C CYS A 72 3.40 56.21 28.24
N ASN A 73 2.70 55.65 29.22
CA ASN A 73 1.83 54.50 28.97
C ASN A 73 0.73 54.83 27.97
N ASN A 74 0.03 55.94 28.18
CA ASN A 74 -1.06 56.35 27.30
C ASN A 74 -0.58 57.15 26.10
N CYS A 75 0.71 57.44 26.02
CA CYS A 75 1.22 58.34 24.99
C CYS A 75 1.22 57.66 23.62
N SER A 76 0.77 58.40 22.60
CA SER A 76 0.97 58.10 21.19
C SER A 76 2.26 57.35 20.89
N GLU A 77 2.18 56.37 19.99
CA GLU A 77 3.36 55.62 19.58
C GLU A 77 4.03 56.29 18.39
N GLU A 78 5.36 56.36 18.44
CA GLU A 78 6.18 56.93 17.37
C GLU A 78 7.07 55.81 16.82
N MET A 79 6.83 55.41 15.57
CA MET A 79 7.68 54.41 14.94
C MET A 79 9.06 55.00 14.70
N PHE A 80 10.11 54.28 15.09
CA PHE A 80 11.46 54.79 14.89
C PHE A 80 12.36 53.89 14.06
N LEU A 81 12.00 52.62 13.87
CA LEU A 81 12.77 51.74 13.02
C LEU A 81 11.83 50.68 12.47
N GLN A 82 12.04 50.30 11.21
CA GLN A 82 11.25 49.27 10.56
C GLN A 82 12.19 48.34 9.81
N PHE A 83 11.76 47.08 9.64
CA PHE A 83 12.35 46.18 8.66
C PHE A 83 11.30 45.91 7.60
N ARG A 84 11.59 46.34 6.37
CA ARG A 84 10.79 46.05 5.18
C ARG A 84 11.80 45.83 4.07
N MET A 85 12.13 44.56 3.80
CA MET A 85 13.19 44.17 2.86
C MET A 85 14.59 44.41 3.44
N LYS A 86 14.73 45.51 4.16
CA LYS A 86 15.97 45.92 4.81
C LYS A 86 15.59 46.78 6.01
N ILE A 87 16.60 47.15 6.80
CA ILE A 87 16.36 48.06 7.92
C ILE A 87 16.10 49.46 7.39
N ILE A 88 15.05 50.10 7.91
CA ILE A 88 14.75 51.50 7.65
C ILE A 88 14.80 52.20 9.01
N ASN A 89 15.76 53.08 9.20
CA ASN A 89 15.86 53.90 10.40
C ASN A 89 15.20 55.23 10.10
N LEU A 90 14.12 55.54 10.83
CA LEU A 90 13.34 56.75 10.53
C LEU A 90 14.02 58.02 11.01
N LYS A 91 15.09 57.91 11.79
CA LYS A 91 15.86 59.06 12.24
C LYS A 91 14.98 60.11 12.92
N LEU A 92 14.16 59.65 13.87
CA LEU A 92 13.31 60.57 14.60
C LEU A 92 14.15 61.62 15.32
N GLU A 93 13.67 62.86 15.29
CA GLU A 93 14.42 63.95 15.93
C GLU A 93 14.66 63.64 17.41
N ARG A 94 13.70 62.99 18.07
CA ARG A 94 13.84 62.77 19.51
C ARG A 94 15.01 61.87 19.85
N PHE A 95 15.51 61.08 18.91
CA PHE A 95 16.65 60.20 19.18
C PHE A 95 17.95 60.67 18.56
N GLN A 96 17.91 61.76 17.79
CA GLN A 96 19.09 62.22 17.04
C GLN A 96 19.50 61.06 16.13
N ASP A 97 20.75 60.65 16.12
CA ASP A 97 21.24 59.52 15.35
C ASP A 97 21.73 58.43 16.28
N ARG A 98 21.08 58.28 17.43
CA ARG A 98 21.53 57.36 18.46
C ARG A 98 20.91 55.97 18.34
N VAL A 99 19.88 55.78 17.51
CA VAL A 99 19.28 54.46 17.30
C VAL A 99 20.08 53.69 16.28
N GLU A 100 20.31 52.41 16.58
CA GLU A 100 20.90 51.46 15.65
C GLU A 100 20.16 50.14 15.75
N PHE A 101 20.03 49.45 14.63
CA PHE A 101 19.62 48.06 14.70
C PHE A 101 20.77 47.25 15.29
N SER A 102 20.42 46.26 16.10
CA SER A 102 21.39 45.46 16.82
C SER A 102 21.02 43.98 16.78
N GLY A 103 20.27 43.54 15.78
CA GLY A 103 19.91 42.15 15.74
C GLY A 103 19.84 41.48 14.39
N ASN A 104 20.13 40.19 14.38
CA ASN A 104 20.06 39.44 13.15
C ASN A 104 18.72 38.72 13.22
N PRO A 105 17.75 39.22 12.46
CA PRO A 105 16.39 38.66 12.48
C PRO A 105 16.29 37.19 12.07
N SER A 106 17.19 36.72 11.21
CA SER A 106 17.16 35.34 10.76
C SER A 106 17.33 34.44 11.99
N LYS A 107 17.93 35.00 13.03
CA LYS A 107 18.17 34.29 14.28
C LYS A 107 16.99 34.45 15.24
N TYR A 108 15.93 35.13 14.79
CA TYR A 108 14.73 35.40 15.59
C TYR A 108 15.00 36.61 16.46
N ASP A 109 16.12 37.26 16.16
CA ASP A 109 16.62 38.43 16.84
C ASP A 109 16.27 39.72 16.12
N VAL A 110 15.73 40.66 16.89
CA VAL A 110 15.33 41.96 16.33
C VAL A 110 15.69 43.10 17.28
N SER A 111 16.74 42.90 18.07
CA SER A 111 17.12 43.88 19.08
C SER A 111 17.57 45.20 18.44
N VAL A 112 17.45 46.26 19.22
CA VAL A 112 17.93 47.58 18.83
C VAL A 112 18.88 48.09 19.90
N MET A 113 19.66 49.09 19.53
CA MET A 113 20.65 49.71 20.39
C MET A 113 20.35 51.20 20.44
N LEU A 114 20.33 51.76 21.63
CA LEU A 114 20.19 53.19 21.81
C LEU A 114 21.50 53.67 22.44
N ARG A 115 22.32 54.33 21.65
CA ARG A 115 23.62 54.79 22.13
C ARG A 115 23.46 55.99 23.06
N ASN A 116 24.37 56.09 24.03
CA ASN A 116 24.53 57.28 24.85
C ASN A 116 23.17 57.77 25.37
N VAL A 117 22.52 56.88 26.13
CA VAL A 117 21.12 57.12 26.51
C VAL A 117 20.99 58.40 27.32
N GLN A 118 19.92 59.13 27.06
CA GLN A 118 19.58 60.40 27.69
C GLN A 118 18.34 60.25 28.55
N PRO A 119 18.13 61.14 29.53
CA PRO A 119 16.94 60.99 30.39
C PRO A 119 15.64 60.99 29.64
N GLU A 120 15.54 61.73 28.54
CA GLU A 120 14.30 61.80 27.77
C GLU A 120 13.98 60.48 27.07
N ASP A 121 14.94 59.55 26.99
CA ASP A 121 14.69 58.25 26.37
C ASP A 121 13.82 57.35 27.25
N GLU A 122 13.66 57.69 28.52
CA GLU A 122 12.77 56.91 29.38
C GLU A 122 11.39 56.80 28.73
N GLY A 123 10.83 55.58 28.78
CA GLY A 123 9.50 55.36 28.24
C GLY A 123 9.31 53.91 27.84
N ILE A 124 8.36 53.69 26.94
CA ILE A 124 7.95 52.35 26.52
C ILE A 124 8.40 52.12 25.09
N TYR A 125 9.08 51.00 24.87
CA TYR A 125 9.56 50.60 23.56
C TYR A 125 8.83 49.33 23.15
N ASN A 126 8.17 49.35 21.98
CA ASN A 126 7.38 48.23 21.48
C ASN A 126 8.04 47.66 20.23
N CYS A 127 8.16 46.33 20.19
CA CYS A 127 8.61 45.57 19.01
C CYS A 127 7.41 44.79 18.49
N TYR A 128 7.07 44.99 17.21
CA TYR A 128 5.99 44.24 16.55
C TYR A 128 6.58 43.44 15.41
N ILE A 129 6.33 42.13 15.42
CA ILE A 129 6.86 41.28 14.38
C ILE A 129 5.73 40.51 13.73
N MET A 130 5.63 40.65 12.41
CA MET A 130 4.62 39.93 11.66
C MET A 130 5.47 39.10 10.72
N ASN A 131 5.32 37.78 10.74
CA ASN A 131 6.13 36.96 9.87
C ASN A 131 5.36 35.99 8.98
N PRO A 132 5.42 36.27 7.62
CA PRO A 132 4.71 35.29 6.78
C PRO A 132 5.52 33.99 6.74
N PRO A 133 4.88 32.83 6.69
CA PRO A 133 3.42 32.72 6.59
C PRO A 133 2.68 32.82 7.91
N ASP A 134 3.37 32.99 9.03
CA ASP A 134 2.67 33.07 10.31
C ASP A 134 1.69 34.23 10.29
N ARG A 135 0.41 33.93 10.52
CA ARG A 135 -0.61 34.96 10.59
C ARG A 135 -0.47 35.88 11.80
N HIS A 136 -0.14 35.28 12.95
CA HIS A 136 -0.02 35.99 14.22
C HIS A 136 1.08 37.05 14.26
N ARG A 137 0.85 38.10 15.03
CA ARG A 137 1.84 39.14 15.14
C ARG A 137 2.37 39.22 16.56
N GLY A 138 3.68 39.07 16.69
CA GLY A 138 4.33 39.15 17.98
C GLY A 138 4.45 40.59 18.47
N HIS A 139 4.47 40.75 19.78
CA HIS A 139 4.59 42.07 20.39
C HIS A 139 5.40 41.96 21.67
N GLY A 140 6.53 42.65 21.72
CA GLY A 140 7.31 42.79 22.94
C GLY A 140 7.24 44.23 23.42
N LYS A 141 7.21 44.41 24.73
CA LYS A 141 7.12 45.75 25.32
C LYS A 141 8.17 45.88 26.42
N ILE A 142 9.02 46.88 26.30
CA ILE A 142 10.09 47.14 27.27
C ILE A 142 9.87 48.51 27.90
N HIS A 143 9.93 48.57 29.22
CA HIS A 143 9.91 49.84 29.94
C HIS A 143 11.35 50.21 30.24
N LEU A 144 11.86 51.22 29.54
CA LEU A 144 13.23 51.67 29.71
C LEU A 144 13.25 52.77 30.76
N GLN A 145 14.05 52.59 31.80
CA GLN A 145 14.23 53.59 32.84
C GLN A 145 15.68 54.06 32.85
N VAL A 146 15.87 55.37 33.00
CA VAL A 146 17.20 55.98 32.90
C VAL A 146 17.63 56.39 34.30
N LEU A 147 18.73 55.80 34.76
CA LEU A 147 19.27 56.09 36.08
C LEU A 147 19.77 57.52 36.13
N MET A 148 20.59 57.82 37.14
CA MET A 148 21.14 59.15 37.30
C MET A 148 22.65 59.10 37.55
N PRO B 157 3.89 0.73 67.12
CA PRO B 157 2.48 1.10 67.15
C PRO B 157 2.09 1.74 65.83
N LEU B 158 2.81 2.79 65.45
CA LEU B 158 2.53 3.49 64.20
C LEU B 158 2.75 2.54 63.03
N ARG B 159 3.79 1.74 63.12
CA ARG B 159 4.08 0.80 62.06
C ARG B 159 2.92 -0.17 61.92
N ARG B 160 2.35 -0.59 63.04
CA ARG B 160 1.22 -1.52 63.00
C ARG B 160 0.04 -0.84 62.32
N ILE B 161 -0.20 0.43 62.65
CA ILE B 161 -1.31 1.15 62.04
C ILE B 161 -1.07 1.33 60.54
N SER B 162 0.15 1.72 60.17
CA SER B 162 0.47 1.90 58.77
C SER B 162 0.42 0.56 58.06
N ILE B 163 0.98 -0.46 58.70
CA ILE B 163 0.98 -1.78 58.12
C ILE B 163 -0.46 -2.21 58.02
N LYS B 164 -1.26 -1.85 59.03
CA LYS B 164 -2.67 -2.18 59.01
C LYS B 164 -3.31 -1.50 57.82
N ILE B 165 -2.93 -0.26 57.59
CA ILE B 165 -3.43 0.53 56.46
C ILE B 165 -3.00 0.01 55.09
N LEU B 166 -1.76 -0.46 55.01
CA LEU B 166 -1.16 -0.94 53.77
C LEU B 166 -1.87 -2.13 53.15
N VAL B 167 -2.23 -3.11 53.96
CA VAL B 167 -2.95 -4.26 53.41
C VAL B 167 -4.39 -4.10 53.81
N HIS B 168 -5.21 -3.67 52.88
CA HIS B 168 -6.62 -3.48 53.14
C HIS B 168 -7.35 -3.61 51.83
N SER B 169 -8.61 -4.06 51.87
CA SER B 169 -9.37 -4.20 50.63
C SER B 169 -9.61 -2.85 49.97
N LEU B 170 -10.03 -1.89 50.78
CA LEU B 170 -10.36 -0.54 50.33
C LEU B 170 -9.19 0.28 49.80
N PHE B 171 -8.01 0.14 50.41
CA PHE B 171 -6.86 0.92 49.98
C PHE B 171 -6.42 0.64 48.55
N SER B 172 -6.41 -0.62 48.13
CA SER B 172 -6.02 -0.90 46.75
C SER B 172 -7.03 -0.25 45.84
N MET B 173 -8.30 -0.36 46.20
CA MET B 173 -9.39 0.23 45.43
C MET B 173 -9.29 1.75 45.40
N LEU B 174 -8.96 2.35 46.54
CA LEU B 174 -8.84 3.79 46.62
C LEU B 174 -7.69 4.33 45.77
N ILE B 175 -6.55 3.64 45.79
CA ILE B 175 -5.40 4.10 45.00
C ILE B 175 -5.79 4.02 43.53
N MET B 176 -6.44 2.95 43.15
CA MET B 176 -6.85 2.75 41.77
C MET B 176 -7.90 3.71 41.25
N CYS B 177 -8.88 4.05 42.07
CA CYS B 177 -9.94 4.95 41.63
C CYS B 177 -9.41 6.33 41.30
N THR B 178 -8.49 6.83 42.10
CA THR B 178 -7.91 8.14 41.85
C THR B 178 -7.13 8.15 40.55
N ILE B 179 -6.40 7.06 40.29
CA ILE B 179 -5.60 6.97 39.10
C ILE B 179 -6.41 7.03 37.81
N LEU B 180 -7.54 6.33 37.78
CA LEU B 180 -8.39 6.35 36.60
C LEU B 180 -8.89 7.75 36.38
N THR B 181 -9.24 8.42 37.46
CA THR B 181 -9.73 9.79 37.38
C THR B 181 -8.64 10.70 36.85
N ASN B 182 -7.41 10.41 37.23
CA ASN B 182 -6.29 11.22 36.78
C ASN B 182 -6.14 11.19 35.28
N CYS B 183 -6.41 10.02 34.70
CA CYS B 183 -6.32 9.82 33.27
C CYS B 183 -7.28 10.71 32.51
N ILE B 184 -8.48 10.90 33.03
CA ILE B 184 -9.45 11.74 32.34
C ILE B 184 -8.90 13.15 32.21
N PHE B 185 -8.19 13.60 33.23
CA PHE B 185 -7.59 14.93 33.25
C PHE B 185 -6.48 15.19 32.22
N MET B 186 -5.69 14.17 31.90
CA MET B 186 -4.60 14.30 30.94
C MET B 186 -5.11 14.68 29.58
N THR B 187 -6.31 14.22 29.30
CA THR B 187 -7.01 14.40 28.05
C THR B 187 -7.48 15.82 27.75
N MET B 188 -7.31 16.71 28.72
CA MET B 188 -7.75 18.10 28.60
C MET B 188 -7.14 18.94 27.49
N ASN B 189 -5.82 18.88 27.32
CA ASN B 189 -5.13 19.63 26.26
C ASN B 189 -5.13 21.16 26.34
N ASN B 190 -5.43 21.70 27.52
CA ASN B 190 -5.51 23.13 27.79
C ASN B 190 -6.51 23.24 28.92
N PRO B 191 -6.19 22.56 30.01
CA PRO B 191 -7.08 22.54 31.17
C PRO B 191 -7.28 23.92 31.76
N PRO B 192 -8.51 24.14 32.36
CA PRO B 192 -8.70 25.48 32.91
C PRO B 192 -7.78 25.71 34.10
N ASP B 193 -7.59 26.97 34.48
CA ASP B 193 -6.72 27.32 35.59
C ASP B 193 -7.19 26.68 36.89
N TRP B 194 -8.50 26.60 37.08
CA TRP B 194 -9.10 26.02 38.28
C TRP B 194 -8.72 24.55 38.47
N THR B 195 -8.50 23.85 37.37
CA THR B 195 -8.12 22.44 37.40
C THR B 195 -6.79 22.23 38.08
N LYS B 196 -6.00 23.28 38.20
CA LYS B 196 -4.68 23.17 38.81
C LYS B 196 -4.77 22.65 40.23
N ASN B 197 -5.76 23.12 40.99
CA ASN B 197 -5.90 22.66 42.37
C ASN B 197 -6.14 21.16 42.40
N VAL B 198 -6.92 20.67 41.45
CA VAL B 198 -7.21 19.24 41.35
C VAL B 198 -5.91 18.51 41.12
N GLU B 199 -5.02 19.12 40.35
CA GLU B 199 -3.74 18.51 40.05
C GLU B 199 -2.98 18.27 41.33
N TYR B 200 -3.08 19.20 42.26
CA TYR B 200 -2.37 19.09 43.54
C TYR B 200 -2.84 17.89 44.35
N THR B 201 -4.15 17.65 44.34
CA THR B 201 -4.74 16.55 45.09
C THR B 201 -4.23 15.20 44.63
N PHE B 202 -4.07 15.03 43.32
CA PHE B 202 -3.58 13.78 42.80
C PHE B 202 -2.18 13.57 43.33
N THR B 203 -1.43 14.65 43.41
CA THR B 203 -0.07 14.61 43.91
C THR B 203 -0.13 14.18 45.38
N GLY B 204 -1.13 14.68 46.10
CA GLY B 204 -1.32 14.36 47.50
C GLY B 204 -1.67 12.90 47.74
N ILE B 205 -2.55 12.35 46.93
CA ILE B 205 -2.93 10.96 47.13
C ILE B 205 -1.76 10.03 46.92
N TYR B 206 -0.97 10.29 45.89
CA TYR B 206 0.18 9.43 45.60
C TYR B 206 1.22 9.46 46.70
N THR B 207 1.52 10.63 47.24
CA THR B 207 2.51 10.70 48.29
C THR B 207 2.02 9.94 49.52
N PHE B 208 0.74 10.13 49.84
CA PHE B 208 0.18 9.45 50.98
C PHE B 208 0.22 7.94 50.78
N GLU B 209 -0.21 7.50 49.59
CA GLU B 209 -0.18 6.08 49.26
C GLU B 209 1.28 5.61 49.23
N SER B 210 2.14 6.45 48.66
CA SER B 210 3.56 6.19 48.55
C SER B 210 4.28 6.25 49.89
N LEU B 211 3.90 7.23 50.71
CA LEU B 211 4.52 7.39 52.02
C LEU B 211 4.29 6.22 52.97
N VAL B 212 3.07 5.71 53.02
CA VAL B 212 2.76 4.59 53.92
C VAL B 212 3.53 3.34 53.57
N LYS B 213 3.62 3.03 52.29
CA LYS B 213 4.32 1.83 51.89
C LYS B 213 5.76 1.93 52.32
N ILE B 214 6.37 3.10 52.09
CA ILE B 214 7.76 3.36 52.47
C ILE B 214 7.96 3.39 53.99
N LEU B 215 6.98 3.93 54.70
CA LEU B 215 7.09 3.99 56.14
C LEU B 215 7.03 2.62 56.80
N ALA B 216 6.05 1.80 56.40
CA ALA B 216 5.91 0.46 56.96
C ALA B 216 6.98 -0.55 56.57
N ARG B 217 7.31 -0.58 55.28
CA ARG B 217 8.30 -1.51 54.74
C ARG B 217 9.73 -1.28 55.19
N GLY B 218 10.14 -0.01 55.18
CA GLY B 218 11.47 0.39 55.57
C GLY B 218 11.86 0.22 57.03
N PHE B 219 10.94 0.54 57.93
CA PHE B 219 11.21 0.43 59.36
C PHE B 219 12.40 1.33 59.63
N CYS B 220 12.52 2.39 58.85
CA CYS B 220 13.64 3.31 58.98
C CYS B 220 14.90 2.47 58.86
N VAL B 221 14.83 1.50 57.96
CA VAL B 221 15.93 0.58 57.69
C VAL B 221 16.46 0.76 56.27
N GLY B 222 16.25 1.95 55.72
CA GLY B 222 16.70 2.23 54.37
C GLY B 222 15.66 1.85 53.33
N GLU B 223 14.44 1.61 53.80
CA GLU B 223 13.36 1.26 52.90
C GLU B 223 13.75 0.02 52.11
N PHE B 224 14.32 -0.96 52.79
CA PHE B 224 14.76 -2.19 52.14
C PHE B 224 13.59 -2.92 51.52
N THR B 225 12.50 -3.04 52.28
CA THR B 225 11.29 -3.68 51.80
C THR B 225 10.67 -2.91 50.63
N PHE B 226 10.70 -1.58 50.74
CA PHE B 226 10.11 -0.71 49.73
C PHE B 226 10.78 -0.66 48.36
N LEU B 227 12.10 -0.54 48.32
CA LEU B 227 12.77 -0.44 47.03
C LEU B 227 13.20 -1.75 46.41
N ARG B 228 13.02 -2.85 47.13
CA ARG B 228 13.42 -4.14 46.60
C ARG B 228 12.62 -4.51 45.35
N ASP B 229 11.32 -4.24 45.37
CA ASP B 229 10.47 -4.54 44.22
C ASP B 229 10.72 -3.59 43.05
N PRO B 230 10.77 -4.17 41.79
CA PRO B 230 11.04 -3.23 40.68
C PRO B 230 9.99 -2.16 40.41
N TRP B 231 8.72 -2.51 40.53
CA TRP B 231 7.62 -1.60 40.24
C TRP B 231 7.63 -0.36 41.11
N ASN B 232 8.03 -0.52 42.36
CA ASN B 232 8.05 0.60 43.29
C ASN B 232 9.00 1.70 42.82
N TRP B 233 9.99 1.33 42.02
CA TRP B 233 10.95 2.30 41.51
C TRP B 233 10.17 3.33 40.71
N LEU B 234 9.18 2.85 39.97
CA LEU B 234 8.36 3.74 39.15
C LEU B 234 7.59 4.76 39.97
N ASP B 235 7.04 4.32 41.09
CA ASP B 235 6.27 5.21 41.96
C ASP B 235 7.14 6.34 42.52
N PHE B 236 8.36 6.00 42.89
CA PHE B 236 9.27 6.98 43.44
C PHE B 236 9.59 8.05 42.41
N VAL B 237 9.74 7.62 41.17
CA VAL B 237 10.04 8.54 40.08
C VAL B 237 8.91 9.54 39.91
N VAL B 238 7.67 9.05 39.97
CA VAL B 238 6.52 9.92 39.82
C VAL B 238 6.40 10.96 40.94
N ILE B 239 6.63 10.53 42.18
CA ILE B 239 6.51 11.46 43.30
C ILE B 239 7.54 12.57 43.23
N VAL B 240 8.78 12.22 42.92
CA VAL B 240 9.83 13.23 42.82
C VAL B 240 9.53 14.19 41.68
N PHE B 241 9.05 13.65 40.57
CA PHE B 241 8.76 14.47 39.41
C PHE B 241 7.67 15.49 39.68
N ALA B 242 6.61 15.10 40.37
CA ALA B 242 5.56 16.06 40.66
C ALA B 242 6.18 17.11 41.55
N TYR B 243 6.93 16.65 42.54
CA TYR B 243 7.62 17.50 43.49
C TYR B 243 8.74 18.31 42.88
N LEU B 244 9.48 17.70 41.97
CA LEU B 244 10.61 18.34 41.32
C LEU B 244 10.15 19.55 40.52
N THR B 245 9.01 19.45 39.88
CA THR B 245 8.49 20.53 39.05
C THR B 245 8.24 21.80 39.87
N GLU B 246 7.70 21.66 41.07
CA GLU B 246 7.45 22.83 41.90
C GLU B 246 8.82 23.43 42.18
N PHE B 247 9.79 22.55 42.40
CA PHE B 247 11.16 22.95 42.65
C PHE B 247 11.70 23.44 41.32
N VAL B 248 12.85 24.09 41.33
CA VAL B 248 13.41 24.58 40.08
C VAL B 248 13.39 23.44 39.07
N ASN B 249 12.94 23.76 37.87
CA ASN B 249 12.76 22.79 36.80
C ASN B 249 13.41 23.12 35.45
N LEU B 250 13.50 22.09 34.62
CA LEU B 250 14.09 22.18 33.28
C LEU B 250 13.21 23.05 32.38
N GLY B 251 13.81 23.61 31.34
CA GLY B 251 13.12 24.51 30.42
C GLY B 251 11.92 24.02 29.62
N ASN B 252 11.96 22.78 29.13
CA ASN B 252 10.83 22.29 28.34
C ASN B 252 9.74 21.65 29.20
N VAL B 253 8.69 22.41 29.45
CA VAL B 253 7.58 21.94 30.27
C VAL B 253 6.87 20.77 29.61
N SER B 254 6.66 20.86 28.30
CA SER B 254 6.00 19.79 27.57
C SER B 254 6.80 18.51 27.61
N ALA B 255 8.11 18.62 27.40
CA ALA B 255 8.97 17.44 27.44
C ALA B 255 8.98 16.89 28.85
N LEU B 256 9.11 17.77 29.83
CA LEU B 256 9.11 17.38 31.23
C LEU B 256 7.76 16.85 31.70
N ARG B 257 6.69 17.51 31.25
CA ARG B 257 5.34 17.14 31.65
C ARG B 257 4.98 15.74 31.18
N THR B 258 5.39 15.41 29.96
CA THR B 258 5.13 14.11 29.37
C THR B 258 5.30 13.00 30.38
N PHE B 259 6.20 13.19 31.34
CA PHE B 259 6.43 12.15 32.34
C PHE B 259 5.16 11.82 33.13
N ARG B 260 4.39 12.85 33.47
CA ARG B 260 3.16 12.64 34.21
C ARG B 260 2.37 11.48 33.67
N VAL B 261 2.53 11.21 32.38
CA VAL B 261 1.84 10.13 31.73
C VAL B 261 2.26 8.81 32.39
N LEU B 262 3.37 8.87 33.10
CA LEU B 262 3.91 7.72 33.81
C LEU B 262 2.91 7.22 34.86
N ARG B 263 2.10 8.12 35.41
CA ARG B 263 1.13 7.74 36.41
C ARG B 263 0.20 6.70 35.84
N ALA B 264 -0.12 6.82 34.55
CA ALA B 264 -1.02 5.89 33.89
C ALA B 264 -0.44 4.49 34.00
N LEU B 265 0.88 4.42 33.93
CA LEU B 265 1.59 3.17 34.05
C LEU B 265 1.37 2.56 35.42
N LYS B 266 1.10 3.40 36.42
CA LYS B 266 0.86 2.93 37.78
C LYS B 266 -0.34 2.01 37.76
N THR B 267 -1.34 2.38 36.98
CA THR B 267 -2.54 1.58 36.86
C THR B 267 -2.18 0.12 36.68
N ILE B 268 -1.10 -0.14 35.95
CA ILE B 268 -0.70 -1.51 35.72
C ILE B 268 -0.43 -2.20 37.03
N SER B 269 0.23 -1.52 37.96
CA SER B 269 0.53 -2.11 39.25
C SER B 269 -0.72 -2.38 40.10
N VAL B 270 -1.65 -1.43 40.13
CA VAL B 270 -2.87 -1.55 40.93
C VAL B 270 -3.87 -2.65 40.55
N ILE B 271 -4.19 -2.76 39.27
CA ILE B 271 -5.15 -3.75 38.83
C ILE B 271 -4.64 -5.14 39.11
N PRO B 272 -5.58 -6.04 39.63
CA PRO B 272 -5.04 -7.37 39.91
C PRO B 272 -4.78 -8.23 38.67
N GLY B 273 -3.59 -8.83 38.64
CA GLY B 273 -3.20 -9.71 37.56
C GLY B 273 -2.56 -9.05 36.36
N LEU B 274 -2.59 -7.73 36.30
CA LEU B 274 -1.99 -7.00 35.20
C LEU B 274 -0.49 -7.17 35.19
N LYS B 275 0.09 -7.24 36.37
CA LYS B 275 1.53 -7.38 36.50
C LYS B 275 1.97 -8.65 35.81
N THR B 276 1.18 -9.70 35.96
CA THR B 276 1.50 -10.98 35.34
C THR B 276 1.49 -10.90 33.82
N ILE B 277 0.51 -10.20 33.26
CA ILE B 277 0.43 -10.08 31.81
C ILE B 277 1.60 -9.33 31.20
N VAL B 278 2.03 -8.25 31.84
CA VAL B 278 3.15 -7.47 31.32
C VAL B 278 4.43 -8.30 31.31
N GLY B 279 4.62 -9.08 32.37
CA GLY B 279 5.77 -9.94 32.48
C GLY B 279 5.73 -10.97 31.38
N ALA B 280 4.54 -11.48 31.09
CA ALA B 280 4.34 -12.48 30.07
C ALA B 280 4.75 -11.94 28.71
N LEU B 281 4.44 -10.67 28.47
CA LEU B 281 4.79 -10.01 27.21
C LEU B 281 6.28 -9.87 27.04
N ILE B 282 6.98 -9.49 28.10
CA ILE B 282 8.43 -9.32 28.04
C ILE B 282 9.14 -10.63 27.72
N GLN B 283 8.63 -11.73 28.26
CA GLN B 283 9.23 -13.02 28.02
C GLN B 283 9.22 -13.34 26.54
N SER B 284 8.13 -12.99 25.86
CA SER B 284 8.01 -13.28 24.43
C SER B 284 9.08 -12.54 23.62
N VAL B 285 9.37 -11.30 24.00
CA VAL B 285 10.36 -10.48 23.32
C VAL B 285 11.74 -11.11 23.34
N LYS B 286 12.07 -11.81 24.42
CA LYS B 286 13.39 -12.43 24.53
C LYS B 286 13.58 -13.46 23.43
N LYS B 287 12.54 -14.21 23.11
CA LYS B 287 12.65 -15.22 22.08
C LYS B 287 12.99 -14.58 20.74
N LEU B 288 12.57 -13.34 20.58
CA LEU B 288 12.72 -12.61 19.34
C LEU B 288 14.12 -12.08 19.07
N SER B 289 15.08 -12.41 19.90
CA SER B 289 16.43 -11.89 19.70
C SER B 289 17.08 -12.29 18.39
N ASP B 290 17.00 -13.55 18.00
CA ASP B 290 17.60 -13.97 16.73
C ASP B 290 16.94 -13.36 15.51
N VAL B 291 15.61 -13.28 15.52
CA VAL B 291 14.87 -12.72 14.41
C VAL B 291 15.24 -11.27 14.21
N MET B 292 15.43 -10.55 15.30
CA MET B 292 15.79 -9.14 15.22
C MET B 292 17.13 -8.94 14.55
N ILE B 293 18.10 -9.79 14.88
CA ILE B 293 19.41 -9.69 14.28
C ILE B 293 19.31 -9.95 12.78
N LEU B 294 18.59 -10.98 12.38
CA LEU B 294 18.45 -11.29 10.98
C LEU B 294 17.72 -10.18 10.24
N THR B 295 16.70 -9.62 10.86
CA THR B 295 15.93 -8.57 10.23
C THR B 295 16.78 -7.35 9.97
N VAL B 296 17.61 -6.95 10.92
CA VAL B 296 18.47 -5.81 10.74
C VAL B 296 19.48 -6.07 9.66
N PHE B 297 20.03 -7.28 9.65
CA PHE B 297 21.01 -7.68 8.65
C PHE B 297 20.38 -7.72 7.28
N CYS B 298 19.19 -8.29 7.18
CA CYS B 298 18.49 -8.39 5.91
C CYS B 298 18.11 -7.04 5.37
N LEU B 299 17.60 -6.18 6.23
CA LEU B 299 17.21 -4.84 5.82
C LEU B 299 18.45 -4.11 5.40
N SER B 300 19.55 -4.37 6.11
CA SER B 300 20.82 -3.75 5.82
C SER B 300 21.40 -4.12 4.46
N VAL B 301 21.34 -5.40 4.11
CA VAL B 301 21.87 -5.81 2.81
C VAL B 301 21.10 -5.21 1.65
N PHE B 302 19.78 -5.22 1.76
CA PHE B 302 18.93 -4.65 0.74
C PHE B 302 19.17 -3.17 0.65
N ALA B 303 19.39 -2.54 1.80
CA ALA B 303 19.63 -1.12 1.83
C ALA B 303 20.89 -0.80 1.04
N LEU B 304 21.92 -1.64 1.19
CA LEU B 304 23.16 -1.45 0.45
C LEU B 304 22.96 -1.65 -1.05
N ILE B 305 22.20 -2.67 -1.42
CA ILE B 305 21.90 -2.94 -2.82
C ILE B 305 21.06 -1.81 -3.39
N GLY B 306 20.09 -1.36 -2.61
CA GLY B 306 19.22 -0.28 -3.04
C GLY B 306 19.97 1.00 -3.25
N LEU B 307 20.87 1.30 -2.31
CA LEU B 307 21.65 2.51 -2.37
C LEU B 307 22.58 2.55 -3.56
N GLN B 308 23.27 1.46 -3.86
CA GLN B 308 24.16 1.44 -5.00
C GLN B 308 23.42 1.57 -6.31
N LEU B 309 22.37 0.77 -6.46
CA LEU B 309 21.54 0.75 -7.65
C LEU B 309 20.71 2.01 -7.94
N PHE B 310 20.11 2.58 -6.92
CA PHE B 310 19.24 3.75 -7.07
C PHE B 310 19.66 5.09 -6.52
N MET B 311 20.88 5.24 -6.06
CA MET B 311 21.24 6.53 -5.46
C MET B 311 21.18 7.70 -6.43
N GLY B 312 20.48 8.75 -6.03
CA GLY B 312 20.33 9.96 -6.80
C GLY B 312 19.25 9.93 -7.85
N ASN B 313 18.61 8.77 -8.00
CA ASN B 313 17.52 8.58 -8.97
C ASN B 313 16.24 9.36 -8.73
N LEU B 314 15.85 9.51 -7.49
CA LEU B 314 14.62 10.21 -7.16
C LEU B 314 14.73 11.69 -7.48
N LYS B 315 15.95 12.15 -7.72
CA LYS B 315 16.20 13.55 -8.04
C LYS B 315 15.69 14.06 -9.40
N HIS B 316 15.55 13.18 -10.39
CA HIS B 316 15.20 13.60 -11.75
C HIS B 316 13.93 14.46 -11.84
N LYS B 317 13.98 15.49 -12.66
CA LYS B 317 12.84 16.35 -12.85
C LYS B 317 12.95 16.83 -14.26
N CYS B 318 11.87 17.29 -14.84
CA CYS B 318 11.94 17.77 -16.21
C CYS B 318 12.21 19.24 -16.16
N PHE B 319 13.37 19.64 -16.65
CA PHE B 319 13.75 21.05 -16.65
C PHE B 319 13.52 21.56 -18.05
N ARG B 320 12.83 22.67 -18.19
CA ARG B 320 12.52 23.20 -19.51
C ARG B 320 13.73 23.57 -20.35
N ASN B 321 13.64 23.29 -21.64
CA ASN B 321 14.70 23.56 -22.61
C ASN B 321 15.12 24.99 -22.87
N SER B 322 14.18 25.91 -23.01
CA SER B 322 14.57 27.28 -23.32
C SER B 322 14.43 28.26 -22.17
N LEU B 323 15.52 28.92 -21.82
CA LEU B 323 15.50 29.89 -20.73
C LEU B 323 15.87 31.28 -21.19
N GLU B 324 15.04 32.25 -20.85
CA GLU B 324 15.23 33.65 -21.21
C GLU B 324 16.33 34.35 -20.44
N ASN B 325 16.92 35.38 -21.06
CA ASN B 325 17.97 36.20 -20.44
C ASN B 325 19.29 35.51 -20.06
N ASN B 326 19.66 34.47 -20.81
CA ASN B 326 20.89 33.77 -20.54
C ASN B 326 20.96 33.11 -19.16
N GLU B 327 19.82 32.65 -18.65
CA GLU B 327 19.78 31.98 -17.37
C GLU B 327 20.35 30.58 -17.52
N THR B 328 20.83 29.98 -16.43
CA THR B 328 21.40 28.65 -16.50
C THR B 328 20.76 27.77 -15.43
N LEU B 329 20.81 26.47 -15.62
CA LEU B 329 20.20 25.58 -14.65
C LEU B 329 20.79 25.90 -13.29
N GLU B 330 22.10 26.09 -13.25
CA GLU B 330 22.75 26.41 -11.99
C GLU B 330 22.31 27.76 -11.42
N SER B 331 22.20 28.76 -12.27
CA SER B 331 21.79 30.09 -11.83
C SER B 331 20.37 30.11 -11.30
N ILE B 332 19.49 29.40 -11.97
CA ILE B 332 18.09 29.34 -11.61
C ILE B 332 17.83 28.71 -10.24
N MET B 333 18.57 27.65 -9.92
CA MET B 333 18.35 26.94 -8.68
C MET B 333 18.57 27.72 -7.39
N ASN B 334 19.66 28.46 -7.28
CA ASN B 334 19.89 29.23 -6.05
C ASN B 334 18.93 30.37 -5.77
N THR B 335 18.57 31.12 -6.81
CA THR B 335 17.68 32.27 -6.70
C THR B 335 16.23 32.04 -6.28
N LEU B 336 15.62 30.97 -6.76
CA LEU B 336 14.21 30.74 -6.47
C LEU B 336 13.85 29.60 -5.54
N GLU B 337 12.95 29.90 -4.61
CA GLU B 337 12.44 28.92 -3.65
C GLU B 337 10.97 29.14 -3.28
N SER B 338 10.07 28.74 -4.16
CA SER B 338 8.65 28.87 -3.90
C SER B 338 7.96 27.87 -4.79
N GLU B 339 6.86 27.30 -4.34
CA GLU B 339 6.16 26.33 -5.17
C GLU B 339 5.68 27.01 -6.44
N GLU B 340 5.17 28.23 -6.32
CA GLU B 340 4.71 28.95 -7.49
C GLU B 340 5.87 29.24 -8.42
N ASP B 341 6.99 29.66 -7.84
CA ASP B 341 8.18 29.95 -8.63
C ASP B 341 8.74 28.70 -9.25
N PHE B 342 8.74 27.61 -8.49
CA PHE B 342 9.24 26.34 -8.95
C PHE B 342 8.41 25.79 -10.10
N ARG B 343 7.10 25.96 -10.01
CA ARG B 343 6.20 25.42 -11.02
C ARG B 343 6.48 25.96 -12.39
N LYS B 344 6.69 27.26 -12.51
CA LYS B 344 7.01 27.79 -13.83
C LYS B 344 8.14 27.05 -14.52
N TYR B 345 9.22 26.83 -13.76
CA TYR B 345 10.46 26.12 -14.19
C TYR B 345 10.55 24.59 -14.45
N PHE B 346 9.88 23.77 -13.62
CA PHE B 346 9.92 22.31 -13.75
C PHE B 346 8.51 21.87 -14.11
N TYR B 347 8.29 20.64 -14.54
CA TYR B 347 6.94 20.26 -14.98
C TYR B 347 5.69 20.25 -14.05
N TYR B 348 5.73 19.54 -12.93
CA TYR B 348 4.59 19.52 -12.01
C TYR B 348 3.32 19.02 -12.65
N LEU B 349 2.90 17.83 -12.24
CA LEU B 349 1.74 17.18 -12.81
C LEU B 349 0.36 17.61 -12.30
N GLU B 350 -0.05 18.81 -12.67
CA GLU B 350 -1.38 19.34 -12.31
C GLU B 350 -1.86 19.31 -10.87
N GLY B 351 -1.11 19.93 -9.96
CA GLY B 351 -1.52 19.96 -8.57
C GLY B 351 -0.87 19.00 -7.61
N SER B 352 0.10 18.23 -8.08
CA SER B 352 0.81 17.32 -7.20
C SER B 352 1.72 18.20 -6.36
N LYS B 353 2.09 17.72 -5.19
CA LYS B 353 2.96 18.48 -4.31
C LYS B 353 4.34 18.71 -4.90
N ASP B 354 4.88 17.71 -5.60
CA ASP B 354 6.22 17.80 -6.17
C ASP B 354 6.32 17.53 -7.67
N ALA B 355 7.45 17.92 -8.26
CA ALA B 355 7.72 17.77 -9.69
C ALA B 355 7.71 16.34 -10.17
N LEU B 356 7.25 16.16 -11.40
CA LEU B 356 7.14 14.86 -12.03
C LEU B 356 8.49 14.21 -12.15
N LEU B 357 8.55 12.92 -11.86
CA LEU B 357 9.80 12.17 -11.93
C LEU B 357 9.95 11.71 -13.36
N CYS B 358 11.11 11.97 -13.96
CA CYS B 358 11.46 11.60 -15.33
C CYS B 358 12.53 10.53 -15.41
N GLY B 359 12.74 9.95 -16.58
CA GLY B 359 13.76 8.93 -16.75
C GLY B 359 14.57 8.97 -18.02
N PHE B 360 15.85 8.58 -17.91
CA PHE B 360 16.77 8.53 -19.04
C PHE B 360 16.51 7.46 -20.11
N SER B 361 16.15 6.25 -19.67
CA SER B 361 15.90 5.13 -20.56
C SER B 361 14.57 5.17 -21.29
N THR B 362 14.47 4.36 -22.34
CA THR B 362 13.26 4.25 -23.12
C THR B 362 12.11 3.67 -22.29
N ASP B 363 12.42 2.69 -21.45
CA ASP B 363 11.40 2.06 -20.60
C ASP B 363 10.74 2.97 -19.56
N SER B 364 11.49 3.88 -18.97
CA SER B 364 10.93 4.74 -17.95
C SER B 364 10.37 6.00 -18.59
N GLY B 365 10.97 7.16 -18.36
CA GLY B 365 10.49 8.37 -19.00
C GLY B 365 9.21 8.80 -18.37
N GLN B 366 8.52 9.80 -18.91
CA GLN B 366 8.96 10.60 -20.06
C GLN B 366 8.56 12.03 -19.78
N CYS B 367 9.22 12.97 -20.43
CA CYS B 367 8.92 14.37 -20.19
C CYS B 367 8.26 14.93 -21.42
N PRO B 368 7.27 15.89 -21.20
CA PRO B 368 6.62 16.41 -22.41
C PRO B 368 7.62 17.12 -23.31
N GLU B 369 7.32 17.21 -24.59
CA GLU B 369 8.24 17.85 -25.50
C GLU B 369 8.43 19.26 -25.03
N GLY B 370 9.64 19.78 -25.17
CA GLY B 370 9.94 21.13 -24.73
C GLY B 370 10.45 21.18 -23.31
N TYR B 371 10.56 20.02 -22.69
CA TYR B 371 11.06 19.88 -21.33
C TYR B 371 12.13 18.80 -21.38
N THR B 372 13.28 19.03 -20.75
CA THR B 372 14.35 18.04 -20.76
C THR B 372 14.59 17.49 -19.37
N CYS B 373 15.15 16.30 -19.28
CA CYS B 373 15.40 15.66 -18.01
C CYS B 373 16.79 15.88 -17.43
N VAL B 374 16.84 16.44 -16.24
CA VAL B 374 18.08 16.72 -15.53
C VAL B 374 17.81 16.45 -14.07
N LYS B 375 18.82 16.06 -13.30
CA LYS B 375 18.59 15.79 -11.89
C LYS B 375 19.07 16.89 -10.97
N ILE B 376 18.15 17.49 -10.24
CA ILE B 376 18.45 18.56 -9.31
C ILE B 376 17.34 18.64 -8.28
N GLY B 377 17.61 19.27 -7.15
CA GLY B 377 16.61 19.45 -6.13
C GLY B 377 16.33 18.32 -5.17
N ARG B 378 15.40 18.56 -4.26
CA ARG B 378 15.02 17.61 -3.23
C ARG B 378 14.24 16.42 -3.73
N ASN B 379 14.29 15.31 -3.00
CA ASN B 379 13.59 14.09 -3.37
C ASN B 379 12.11 14.27 -3.12
N PRO B 380 11.24 13.44 -3.68
CA PRO B 380 9.81 13.71 -3.42
C PRO B 380 9.42 13.38 -2.00
N ASP B 381 8.29 13.91 -1.52
CA ASP B 381 7.84 13.65 -0.15
C ASP B 381 8.51 14.47 0.93
N TYR B 382 8.96 15.67 0.59
CA TYR B 382 9.63 16.59 1.52
C TYR B 382 11.09 16.26 1.61
N GLY B 383 11.56 15.37 0.76
CA GLY B 383 12.94 14.95 0.78
C GLY B 383 13.09 13.70 1.60
N TYR B 384 12.01 13.30 2.26
CA TYR B 384 12.00 12.09 3.06
C TYR B 384 12.15 10.82 2.24
N THR B 385 11.55 10.78 1.06
CA THR B 385 11.65 9.59 0.22
C THR B 385 12.82 9.72 -0.73
N SER B 386 13.94 9.09 -0.39
CA SER B 386 15.12 9.16 -1.24
C SER B 386 15.98 7.97 -0.95
N PHE B 387 16.87 7.62 -1.87
CA PHE B 387 17.78 6.49 -1.70
C PHE B 387 19.21 6.98 -1.58
N ASP B 388 19.37 8.28 -1.36
CA ASP B 388 20.68 8.91 -1.28
C ASP B 388 21.66 8.49 -0.20
N THR B 389 21.17 8.27 1.02
CA THR B 389 22.04 7.92 2.12
C THR B 389 21.66 6.59 2.72
N PHE B 390 22.57 5.98 3.46
CA PHE B 390 22.26 4.69 4.03
C PHE B 390 21.11 4.80 5.01
N SER B 391 21.08 5.85 5.80
CA SER B 391 20.00 6.00 6.75
C SER B 391 18.68 6.18 6.01
N TRP B 392 18.67 7.02 4.99
CA TRP B 392 17.46 7.26 4.21
C TRP B 392 17.02 5.99 3.48
N ALA B 393 17.97 5.26 2.92
CA ALA B 393 17.68 4.02 2.21
C ALA B 393 17.12 3.02 3.19
N PHE B 394 17.64 3.01 4.41
CA PHE B 394 17.15 2.09 5.42
C PHE B 394 15.70 2.38 5.74
N LEU B 395 15.33 3.65 5.84
CA LEU B 395 13.95 3.98 6.13
C LEU B 395 13.06 3.57 4.99
N ALA B 396 13.52 3.77 3.76
CA ALA B 396 12.75 3.41 2.59
C ALA B 396 12.52 1.92 2.54
N LEU B 397 13.54 1.14 2.82
CA LEU B 397 13.40 -0.30 2.84
C LEU B 397 12.53 -0.81 3.99
N PHE B 398 12.64 -0.19 5.15
CA PHE B 398 11.84 -0.63 6.28
C PHE B 398 10.39 -0.45 5.90
N ARG B 399 10.09 0.62 5.20
CA ARG B 399 8.72 0.88 4.76
C ARG B 399 8.26 -0.21 3.82
N LEU B 400 9.14 -0.67 2.95
CA LEU B 400 8.81 -1.75 2.02
C LEU B 400 8.55 -3.06 2.75
N MET B 401 9.34 -3.33 3.78
CA MET B 401 9.19 -4.56 4.54
C MET B 401 7.85 -4.66 5.25
N THR B 402 7.39 -3.56 5.83
CA THR B 402 6.12 -3.55 6.52
C THR B 402 5.00 -3.21 5.55
N GLN B 403 5.37 -2.97 4.31
CA GLN B 403 4.44 -2.67 3.24
C GLN B 403 3.52 -1.48 3.46
N ASP B 404 4.06 -0.40 4.01
CA ASP B 404 3.23 0.77 4.23
C ASP B 404 3.33 1.72 3.06
N TYR B 405 2.28 1.78 2.25
CA TYR B 405 2.27 2.66 1.11
C TYR B 405 3.47 2.32 0.24
N TRP B 406 3.80 1.04 0.21
CA TRP B 406 4.93 0.55 -0.56
C TRP B 406 4.75 0.74 -2.03
N GLU B 407 3.51 0.82 -2.46
CA GLU B 407 3.21 0.96 -3.88
C GLU B 407 3.79 2.23 -4.47
N ASN B 408 3.73 3.34 -3.75
CA ASN B 408 4.29 4.58 -4.24
C ASN B 408 5.81 4.55 -4.42
N LEU B 409 6.51 3.93 -3.48
CA LEU B 409 7.95 3.86 -3.60
C LEU B 409 8.22 3.07 -4.85
N TYR B 410 7.47 2.01 -5.04
CA TYR B 410 7.60 1.14 -6.20
C TYR B 410 7.32 1.86 -7.49
N GLN B 411 6.24 2.62 -7.51
CA GLN B 411 5.87 3.38 -8.68
C GLN B 411 6.85 4.48 -8.98
N GLN B 412 7.29 5.17 -7.94
CA GLN B 412 8.25 6.25 -8.11
C GLN B 412 9.61 5.86 -8.61
N THR B 413 10.19 4.80 -8.06
CA THR B 413 11.51 4.37 -8.53
C THR B 413 11.47 3.82 -9.94
N LEU B 414 10.44 3.07 -10.25
CA LEU B 414 10.30 2.48 -11.57
C LEU B 414 10.23 3.56 -12.61
N ARG B 415 9.51 4.61 -12.31
CA ARG B 415 9.39 5.70 -13.25
C ARG B 415 10.73 6.39 -13.49
N ALA B 416 11.44 6.73 -12.42
CA ALA B 416 12.73 7.36 -12.59
C ALA B 416 13.77 6.37 -13.10
N ALA B 417 13.81 5.21 -12.46
CA ALA B 417 14.71 4.13 -12.83
C ALA B 417 14.38 3.40 -14.13
N GLY B 418 13.11 3.15 -14.40
CA GLY B 418 12.70 2.42 -15.58
C GLY B 418 12.13 1.10 -15.12
N LYS B 419 11.25 0.52 -15.92
CA LYS B 419 10.55 -0.71 -15.58
C LYS B 419 11.38 -1.96 -15.38
N THR B 420 12.57 -2.01 -15.95
CA THR B 420 13.40 -3.20 -15.82
C THR B 420 13.77 -3.49 -14.38
N TYR B 421 13.76 -2.48 -13.55
CA TYR B 421 14.13 -2.59 -12.14
C TYR B 421 13.00 -3.13 -11.28
N MET B 422 11.90 -3.47 -11.92
CA MET B 422 10.78 -4.01 -11.19
C MET B 422 11.25 -5.27 -10.50
N ILE B 423 12.27 -5.90 -11.05
CA ILE B 423 12.82 -7.13 -10.51
C ILE B 423 13.33 -6.94 -9.08
N PHE B 424 13.90 -5.78 -8.80
CA PHE B 424 14.43 -5.54 -7.46
C PHE B 424 13.32 -5.64 -6.43
N PHE B 425 12.19 -5.01 -6.74
CA PHE B 425 11.02 -5.01 -5.87
C PHE B 425 10.41 -6.38 -5.70
N VAL B 426 10.36 -7.17 -6.75
CA VAL B 426 9.80 -8.50 -6.64
C VAL B 426 10.61 -9.33 -5.67
N VAL B 427 11.93 -9.28 -5.78
CA VAL B 427 12.76 -10.04 -4.85
C VAL B 427 12.67 -9.51 -3.42
N VAL B 428 12.69 -8.19 -3.26
CA VAL B 428 12.60 -7.62 -1.93
C VAL B 428 11.25 -7.88 -1.26
N ILE B 429 10.16 -7.62 -1.97
CA ILE B 429 8.83 -7.85 -1.40
C ILE B 429 8.61 -9.33 -1.14
N PHE B 430 8.98 -10.15 -2.10
CA PHE B 430 8.78 -11.58 -1.97
C PHE B 430 9.60 -12.25 -0.88
N LEU B 431 10.86 -11.87 -0.75
CA LEU B 431 11.70 -12.48 0.27
C LEU B 431 11.77 -11.63 1.52
N GLY B 432 12.02 -10.35 1.34
CA GLY B 432 12.12 -9.44 2.45
C GLY B 432 10.88 -9.17 3.26
N SER B 433 9.75 -9.00 2.60
CA SER B 433 8.52 -8.71 3.33
C SER B 433 7.65 -9.90 3.64
N PHE B 434 7.27 -10.69 2.65
CA PHE B 434 6.43 -11.81 2.95
C PHE B 434 7.16 -12.76 3.87
N TYR B 435 8.41 -13.07 3.56
CA TYR B 435 9.17 -13.98 4.40
C TYR B 435 9.58 -13.48 5.78
N LEU B 436 10.08 -12.25 5.88
CA LEU B 436 10.53 -11.76 7.17
C LEU B 436 9.40 -11.62 8.17
N ILE B 437 8.27 -11.10 7.72
CA ILE B 437 7.13 -10.92 8.59
C ILE B 437 6.63 -12.26 9.10
N ASN B 438 6.65 -13.25 8.22
CA ASN B 438 6.20 -14.59 8.58
C ASN B 438 7.08 -15.18 9.69
N LEU B 439 8.38 -14.92 9.60
CA LEU B 439 9.32 -15.43 10.59
C LEU B 439 8.98 -14.88 11.96
N ILE B 440 8.61 -13.61 12.02
CA ILE B 440 8.26 -12.98 13.28
C ILE B 440 7.02 -13.63 13.88
N LEU B 441 6.04 -13.92 13.04
CA LEU B 441 4.83 -14.56 13.52
C LEU B 441 5.10 -15.94 14.05
N ALA B 442 5.93 -16.69 13.36
CA ALA B 442 6.22 -18.04 13.80
C ALA B 442 6.92 -18.04 15.13
N VAL B 443 7.91 -17.17 15.30
CA VAL B 443 8.62 -17.10 16.56
C VAL B 443 7.74 -16.64 17.71
N VAL B 444 6.92 -15.62 17.47
CA VAL B 444 6.03 -15.15 18.52
C VAL B 444 5.03 -16.22 18.87
N ALA B 445 4.46 -16.85 17.84
CA ALA B 445 3.48 -17.91 18.05
C ALA B 445 4.12 -19.11 18.69
N MET B 446 5.30 -19.48 18.24
CA MET B 446 6.01 -20.63 18.79
C MET B 446 6.36 -20.39 20.24
N ALA B 447 6.82 -19.18 20.54
CA ALA B 447 7.19 -18.81 21.90
C ALA B 447 5.99 -18.80 22.83
N TYR B 448 4.87 -18.32 22.30
CA TYR B 448 3.65 -18.26 23.10
C TYR B 448 3.19 -19.64 23.50
N LYS B 449 3.30 -20.62 22.61
CA LYS B 449 2.84 -21.96 22.94
C LYS B 449 3.59 -22.60 24.10
N GLU B 450 4.91 -22.43 24.15
CA GLU B 450 5.67 -23.04 25.23
C GLU B 450 5.26 -22.49 26.59
N GLN B 451 5.19 -21.18 26.70
CA GLN B 451 4.78 -20.52 27.93
C GLN B 451 3.32 -20.79 28.27
N ASN B 452 2.46 -20.73 27.28
CA ASN B 452 1.05 -20.98 27.54
C ASN B 452 0.89 -22.41 27.99
N GLN B 453 1.48 -23.34 27.23
CA GLN B 453 1.35 -24.74 27.56
C GLN B 453 2.13 -25.12 28.81
N ALA B 454 3.30 -24.55 29.01
CA ALA B 454 4.09 -24.89 30.20
C ALA B 454 3.34 -24.49 31.47
N ASN B 455 2.76 -23.31 31.48
CA ASN B 455 2.01 -22.87 32.65
C ASN B 455 0.79 -23.75 32.90
N ILE B 456 0.11 -24.11 31.82
CA ILE B 456 -1.10 -24.94 31.88
C ILE B 456 -0.83 -26.34 32.43
N GLU B 457 0.30 -26.91 32.04
CA GLU B 457 0.68 -28.26 32.46
C GLU B 457 0.83 -28.43 33.97
N GLU B 458 1.38 -27.42 34.63
CA GLU B 458 1.58 -27.49 36.07
C GLU B 458 0.26 -27.67 36.84
N ALA B 459 -0.79 -27.00 36.40
CA ALA B 459 -2.08 -27.09 37.07
C ALA B 459 -2.62 -28.51 37.02
N LYS B 460 -2.47 -29.16 35.87
CA LYS B 460 -2.94 -30.52 35.69
C LYS B 460 -1.97 -31.33 34.85
N CYS B 769 -57.83 -13.72 39.59
CA CYS B 769 -57.28 -13.93 40.92
C CYS B 769 -56.06 -14.84 40.86
N SER B 770 -55.56 -15.22 42.04
CA SER B 770 -54.39 -16.09 42.14
C SER B 770 -54.64 -17.47 41.54
N PRO B 771 -55.89 -18.02 41.81
CA PRO B 771 -56.09 -19.36 41.21
C PRO B 771 -56.06 -19.37 39.69
N TYR B 772 -56.63 -18.35 39.06
CA TYR B 772 -56.67 -18.26 37.60
C TYR B 772 -55.29 -18.17 36.94
N TRP B 773 -54.35 -17.47 37.58
CA TRP B 773 -53.02 -17.31 37.02
C TRP B 773 -52.31 -18.66 36.83
N ILE B 774 -52.45 -19.55 37.80
CA ILE B 774 -51.82 -20.86 37.70
C ILE B 774 -52.37 -21.65 36.52
N LYS B 775 -53.68 -21.63 36.34
CA LYS B 775 -54.26 -22.37 35.23
C LYS B 775 -53.76 -21.76 33.93
N PHE B 776 -53.78 -20.44 33.86
CA PHE B 776 -53.30 -19.71 32.69
C PHE B 776 -51.79 -19.87 32.52
N LYS B 777 -51.08 -19.79 33.64
CA LYS B 777 -49.62 -19.89 33.64
C LYS B 777 -49.15 -21.25 33.14
N LYS B 778 -49.82 -22.31 33.55
CA LYS B 778 -49.43 -23.64 33.11
C LYS B 778 -49.53 -23.73 31.59
N CYS B 779 -50.58 -23.14 31.04
CA CYS B 779 -50.82 -23.14 29.61
C CYS B 779 -49.73 -22.44 28.78
N ILE B 780 -49.23 -21.33 29.32
CA ILE B 780 -48.19 -20.57 28.64
C ILE B 780 -46.94 -21.39 28.46
N TYR B 781 -46.59 -22.17 29.49
CA TYR B 781 -45.40 -23.01 29.45
C TYR B 781 -45.48 -24.07 28.36
N PHE B 782 -46.68 -24.59 28.15
CA PHE B 782 -46.92 -25.56 27.11
C PHE B 782 -46.65 -24.86 25.78
N ILE B 783 -46.89 -23.55 25.80
CA ILE B 783 -46.72 -22.67 24.64
C ILE B 783 -45.26 -22.39 24.26
N VAL B 784 -44.31 -22.85 25.06
CA VAL B 784 -42.91 -22.63 24.71
C VAL B 784 -42.72 -23.33 23.37
N MET B 785 -43.27 -24.53 23.23
CA MET B 785 -43.24 -25.23 21.95
C MET B 785 -41.87 -25.20 21.29
N ASP B 786 -40.87 -25.77 21.93
CA ASP B 786 -39.52 -25.75 21.35
C ASP B 786 -39.46 -26.39 19.98
N PRO B 787 -40.27 -27.49 19.80
CA PRO B 787 -40.14 -28.09 18.46
C PRO B 787 -40.57 -27.14 17.36
N PHE B 788 -41.68 -26.41 17.53
CA PHE B 788 -42.14 -25.51 16.49
C PHE B 788 -42.26 -24.01 16.77
N VAL B 789 -42.86 -23.62 17.88
CA VAL B 789 -43.04 -22.20 18.17
C VAL B 789 -41.72 -21.46 18.32
N ASP B 790 -40.76 -22.04 19.03
CA ASP B 790 -39.46 -21.38 19.19
C ASP B 790 -38.74 -21.31 17.84
N LEU B 791 -38.83 -22.40 17.09
CA LEU B 791 -38.22 -22.48 15.76
C LEU B 791 -38.87 -21.52 14.79
N ALA B 792 -40.18 -21.38 14.90
CA ALA B 792 -40.95 -20.53 14.01
C ALA B 792 -40.49 -19.10 14.09
N ILE B 793 -40.17 -18.64 15.29
CA ILE B 793 -39.72 -17.26 15.48
C ILE B 793 -38.42 -16.94 14.73
N THR B 794 -37.47 -17.86 14.73
CA THR B 794 -36.20 -17.59 14.04
C THR B 794 -36.41 -17.34 12.56
N ILE B 795 -37.35 -18.05 11.95
CA ILE B 795 -37.64 -17.83 10.55
C ILE B 795 -38.09 -16.39 10.45
N CYS B 796 -38.86 -15.95 11.44
CA CYS B 796 -39.36 -14.58 11.47
C CYS B 796 -38.22 -13.58 11.58
N ILE B 797 -37.22 -13.88 12.42
CA ILE B 797 -36.08 -12.99 12.58
C ILE B 797 -35.28 -12.86 11.30
N VAL B 798 -35.05 -13.97 10.61
CA VAL B 798 -34.27 -13.94 9.38
C VAL B 798 -34.99 -13.10 8.34
N LEU B 799 -36.30 -13.26 8.28
CA LEU B 799 -37.13 -12.53 7.34
C LEU B 799 -37.08 -11.05 7.64
N ASN B 800 -37.09 -10.71 8.92
CA ASN B 800 -37.06 -9.31 9.33
C ASN B 800 -35.81 -8.58 8.89
N THR B 801 -34.66 -9.22 9.03
CA THR B 801 -33.40 -8.60 8.64
C THR B 801 -33.40 -8.34 7.15
N LEU B 802 -33.92 -9.29 6.40
CA LEU B 802 -34.01 -9.21 4.95
C LEU B 802 -34.87 -8.04 4.60
N PHE B 803 -35.91 -7.81 5.38
CA PHE B 803 -36.79 -6.69 5.13
C PHE B 803 -36.04 -5.36 5.28
N MET B 804 -35.20 -5.30 6.30
CA MET B 804 -34.40 -4.13 6.61
C MET B 804 -33.33 -3.83 5.56
N ALA B 805 -32.88 -4.86 4.87
CA ALA B 805 -31.86 -4.73 3.85
C ALA B 805 -32.29 -3.84 2.69
N MET B 806 -33.58 -3.68 2.46
CA MET B 806 -34.02 -2.85 1.35
C MET B 806 -34.08 -1.36 1.68
N GLU B 807 -33.12 -0.63 1.15
CA GLU B 807 -33.05 0.81 1.31
C GLU B 807 -32.17 1.38 0.21
N HIS B 808 -32.35 2.66 -0.09
CA HIS B 808 -31.55 3.30 -1.12
C HIS B 808 -31.63 4.78 -0.89
N HIS B 809 -30.74 5.55 -1.51
CA HIS B 809 -30.84 6.99 -1.32
C HIS B 809 -32.17 7.45 -1.91
N PRO B 810 -32.49 6.91 -3.15
CA PRO B 810 -33.75 7.40 -3.70
C PRO B 810 -34.81 6.36 -3.52
N MET B 811 -35.82 6.70 -2.73
CA MET B 811 -36.91 5.80 -2.47
C MET B 811 -38.22 6.53 -2.70
N THR B 812 -39.11 5.88 -3.42
CA THR B 812 -40.40 6.46 -3.75
C THR B 812 -41.18 6.61 -2.47
N GLU B 813 -42.08 7.56 -2.44
CA GLU B 813 -42.86 7.81 -1.23
C GLU B 813 -43.70 6.62 -0.78
N GLU B 814 -44.34 5.92 -1.70
CA GLU B 814 -45.14 4.76 -1.31
C GLU B 814 -44.26 3.68 -0.69
N PHE B 815 -43.12 3.43 -1.30
CA PHE B 815 -42.19 2.41 -0.82
C PHE B 815 -41.66 2.75 0.56
N LYS B 816 -41.37 4.02 0.77
CA LYS B 816 -40.82 4.42 2.06
C LYS B 816 -41.80 4.09 3.18
N ASN B 817 -43.08 4.38 2.96
CA ASN B 817 -44.10 4.10 3.96
C ASN B 817 -44.30 2.62 4.24
N VAL B 818 -44.22 1.81 3.19
CA VAL B 818 -44.41 0.37 3.33
C VAL B 818 -43.37 -0.18 4.29
N LEU B 819 -42.14 0.32 4.18
CA LEU B 819 -41.09 -0.15 5.06
C LEU B 819 -41.51 0.15 6.48
N ALA B 820 -42.07 1.33 6.71
CA ALA B 820 -42.49 1.72 8.05
C ALA B 820 -43.58 0.82 8.61
N ILE B 821 -44.57 0.48 7.79
CA ILE B 821 -45.66 -0.40 8.21
C ILE B 821 -45.14 -1.79 8.53
N GLY B 822 -44.23 -2.28 7.69
CA GLY B 822 -43.65 -3.59 7.86
C GLY B 822 -42.85 -3.71 9.14
N ASN B 823 -42.13 -2.65 9.49
CA ASN B 823 -41.33 -2.66 10.71
C ASN B 823 -42.15 -2.77 11.96
N LEU B 824 -43.28 -2.09 11.99
CA LEU B 824 -44.14 -2.11 13.16
C LEU B 824 -44.66 -3.51 13.45
N VAL B 825 -45.04 -4.23 12.40
CA VAL B 825 -45.54 -5.58 12.59
C VAL B 825 -44.46 -6.45 13.22
N PHE B 826 -43.25 -6.32 12.70
CA PHE B 826 -42.16 -7.09 13.25
C PHE B 826 -41.86 -6.67 14.67
N THR B 827 -41.92 -5.38 14.94
CA THR B 827 -41.65 -4.89 16.29
C THR B 827 -42.69 -5.44 17.24
N GLY B 828 -43.95 -5.45 16.79
CA GLY B 828 -45.02 -5.96 17.61
C GLY B 828 -44.95 -7.43 17.91
N ILE B 829 -44.59 -8.23 16.91
CA ILE B 829 -44.48 -9.68 17.06
C ILE B 829 -43.41 -10.08 18.06
N PHE B 830 -42.28 -9.40 18.00
CA PHE B 830 -41.18 -9.68 18.91
C PHE B 830 -41.54 -9.36 20.34
N ALA B 831 -42.30 -8.29 20.53
CA ALA B 831 -42.75 -7.87 21.86
C ALA B 831 -43.87 -8.76 22.40
N ALA B 832 -44.78 -9.14 21.53
CA ALA B 832 -45.91 -9.98 21.94
C ALA B 832 -45.39 -11.30 22.44
N GLU B 833 -44.42 -11.87 21.73
CA GLU B 833 -43.83 -13.14 22.11
C GLU B 833 -43.17 -12.94 23.47
N MET B 834 -42.51 -11.80 23.64
CA MET B 834 -41.85 -11.49 24.90
C MET B 834 -42.86 -11.31 26.01
N VAL B 835 -43.92 -10.55 25.75
CA VAL B 835 -44.95 -10.36 26.77
C VAL B 835 -45.59 -11.71 27.03
N LEU B 836 -45.87 -12.42 25.93
CA LEU B 836 -46.46 -13.73 25.96
C LEU B 836 -45.51 -14.70 26.64
N LYS B 837 -44.22 -14.54 26.38
CA LYS B 837 -43.21 -15.40 26.96
C LYS B 837 -43.21 -15.29 28.46
N LEU B 838 -43.39 -14.07 28.96
CA LEU B 838 -43.37 -13.80 30.39
C LEU B 838 -44.46 -14.50 31.19
N ILE B 839 -45.66 -14.55 30.63
CA ILE B 839 -46.78 -15.18 31.33
C ILE B 839 -46.55 -16.65 31.60
N ALA B 840 -46.02 -17.38 30.62
CA ALA B 840 -45.82 -18.82 30.77
C ALA B 840 -44.83 -19.31 31.84
N MET B 841 -43.66 -18.69 31.96
CA MET B 841 -42.70 -19.16 32.96
C MET B 841 -42.49 -18.28 34.19
N ASP B 842 -43.15 -17.12 34.23
CA ASP B 842 -43.04 -16.18 35.36
C ASP B 842 -41.85 -15.25 35.16
N PRO B 843 -41.90 -14.03 35.81
CA PRO B 843 -40.73 -13.16 35.56
C PRO B 843 -39.37 -13.65 36.03
N TYR B 844 -39.26 -14.21 37.23
CA TYR B 844 -37.95 -14.65 37.69
C TYR B 844 -37.41 -15.76 36.81
N GLU B 845 -38.29 -16.68 36.44
CA GLU B 845 -37.89 -17.78 35.59
C GLU B 845 -37.45 -17.26 34.23
N TYR B 846 -38.19 -16.26 33.76
CA TYR B 846 -37.95 -15.63 32.46
C TYR B 846 -36.61 -14.94 32.31
N PHE B 847 -36.18 -14.25 33.36
CA PHE B 847 -34.92 -13.52 33.29
C PHE B 847 -33.71 -14.35 33.65
N GLN B 848 -33.93 -15.59 34.01
CA GLN B 848 -32.83 -16.46 34.38
C GLN B 848 -31.87 -16.67 33.21
N VAL B 849 -32.42 -16.88 32.01
CA VAL B 849 -31.60 -17.11 30.83
C VAL B 849 -31.00 -15.84 30.22
N GLY B 850 -29.71 -15.89 29.93
CA GLY B 850 -28.98 -14.77 29.37
C GLY B 850 -29.48 -14.33 28.02
N TRP B 851 -29.83 -15.27 27.15
CA TRP B 851 -30.31 -14.85 25.85
C TRP B 851 -31.60 -14.05 26.04
N ASN B 852 -32.41 -14.49 27.00
CA ASN B 852 -33.64 -13.78 27.26
C ASN B 852 -33.42 -12.32 27.63
N ILE B 853 -32.44 -12.08 28.50
CA ILE B 853 -32.15 -10.72 28.90
C ILE B 853 -31.68 -9.98 27.67
N PHE B 854 -30.87 -10.66 26.86
CA PHE B 854 -30.34 -10.07 25.64
C PHE B 854 -31.47 -9.71 24.70
N ASP B 855 -32.43 -10.62 24.56
CA ASP B 855 -33.58 -10.38 23.69
C ASP B 855 -34.44 -9.26 24.24
N SER B 856 -34.56 -9.21 25.56
CA SER B 856 -35.38 -8.22 26.24
C SER B 856 -34.97 -6.78 26.03
N LEU B 857 -33.67 -6.52 26.05
CA LEU B 857 -33.15 -5.17 25.87
C LEU B 857 -33.52 -4.62 24.50
N ILE B 858 -33.44 -5.46 23.48
CA ILE B 858 -33.76 -5.07 22.12
C ILE B 858 -35.24 -4.74 21.94
N VAL B 859 -36.10 -5.56 22.52
CA VAL B 859 -37.54 -5.34 22.41
C VAL B 859 -37.95 -4.05 23.08
N THR B 860 -37.36 -3.79 24.24
CA THR B 860 -37.69 -2.59 24.99
C THR B 860 -37.32 -1.33 24.22
N LEU B 861 -36.20 -1.37 23.52
CA LEU B 861 -35.74 -0.23 22.75
C LEU B 861 -36.76 0.15 21.67
N SER B 862 -37.32 -0.85 21.03
CA SER B 862 -38.29 -0.61 19.97
C SER B 862 -39.55 0.09 20.48
N LEU B 863 -40.03 -0.32 21.65
CA LEU B 863 -41.25 0.27 22.22
C LEU B 863 -41.08 1.76 22.50
N VAL B 864 -39.92 2.12 23.03
CA VAL B 864 -39.58 3.49 23.37
C VAL B 864 -39.50 4.40 22.13
N GLU B 865 -39.13 3.82 21.01
CA GLU B 865 -38.95 4.58 19.78
C GLU B 865 -40.21 5.31 19.34
N LEU B 866 -41.36 4.68 19.49
CA LEU B 866 -42.60 5.30 19.07
C LEU B 866 -42.90 6.65 19.76
N PHE B 867 -42.64 6.80 21.05
CA PHE B 867 -42.96 8.10 21.65
C PHE B 867 -41.78 8.96 22.11
N LEU B 868 -40.94 8.40 22.97
CA LEU B 868 -39.78 9.14 23.46
C LEU B 868 -38.82 9.47 22.31
N LEU B 874 -31.35 10.55 18.96
CA LEU B 874 -30.51 9.45 18.52
C LEU B 874 -31.36 8.32 17.93
N SER B 875 -31.84 8.51 16.71
CA SER B 875 -32.64 7.52 16.04
C SER B 875 -31.79 6.34 15.59
N VAL B 876 -30.48 6.50 15.63
CA VAL B 876 -29.57 5.45 15.20
C VAL B 876 -29.77 4.19 16.02
N LEU B 877 -29.93 4.35 17.33
CA LEU B 877 -30.13 3.21 18.22
C LEU B 877 -31.23 2.36 17.64
N ARG B 878 -32.21 3.01 17.00
CA ARG B 878 -33.33 2.30 16.43
C ARG B 878 -32.84 1.31 15.38
N SER B 879 -31.84 1.71 14.62
CA SER B 879 -31.30 0.84 13.58
C SER B 879 -30.72 -0.46 14.13
N PHE B 880 -30.48 -0.42 15.44
CA PHE B 880 -29.87 -1.47 16.27
C PHE B 880 -30.57 -2.82 16.47
N ARG B 881 -31.86 -2.91 16.16
CA ARG B 881 -32.59 -4.17 16.37
C ARG B 881 -32.07 -5.33 15.53
N LEU B 882 -31.28 -5.01 14.50
CA LEU B 882 -30.75 -6.01 13.59
C LEU B 882 -29.83 -7.04 14.24
N LEU B 883 -29.26 -6.72 15.39
CA LEU B 883 -28.37 -7.67 16.05
C LEU B 883 -29.15 -8.94 16.29
N ARG B 884 -30.41 -8.77 16.66
CA ARG B 884 -31.30 -9.88 16.92
C ARG B 884 -30.91 -11.04 16.02
N VAL B 885 -30.34 -10.72 14.87
CA VAL B 885 -29.97 -11.75 13.90
C VAL B 885 -29.07 -12.85 14.42
N PHE B 886 -28.29 -12.56 15.44
CA PHE B 886 -27.39 -13.55 16.01
C PHE B 886 -28.11 -14.77 16.56
N LYS B 887 -29.28 -14.56 17.13
CA LYS B 887 -30.03 -15.63 17.78
C LYS B 887 -29.75 -16.97 17.10
N LEU B 888 -29.54 -16.93 15.79
CA LEU B 888 -29.27 -18.13 15.01
C LEU B 888 -27.95 -18.78 15.38
N ALA B 889 -27.15 -18.07 16.17
CA ALA B 889 -25.84 -18.57 16.55
C ALA B 889 -25.90 -19.90 17.26
N LYS B 890 -26.92 -20.12 18.09
CA LYS B 890 -27.02 -21.37 18.84
C LYS B 890 -27.13 -22.59 17.93
N SER B 891 -27.92 -22.46 16.87
CA SER B 891 -28.10 -23.53 15.90
C SER B 891 -26.88 -23.83 15.02
N TRP B 892 -26.19 -22.78 14.61
CA TRP B 892 -25.01 -22.87 13.72
C TRP B 892 -23.69 -23.18 14.42
N PRO B 893 -22.97 -24.21 13.97
CA PRO B 893 -21.71 -24.56 14.61
C PRO B 893 -20.63 -23.50 14.48
N THR B 894 -20.45 -22.96 13.28
CA THR B 894 -19.43 -21.90 13.08
C THR B 894 -19.75 -20.57 13.75
N LEU B 895 -21.01 -20.15 13.68
CA LEU B 895 -21.40 -18.88 14.27
C LEU B 895 -21.14 -18.97 15.75
N ASN B 896 -21.36 -20.13 16.33
CA ASN B 896 -21.12 -20.31 17.73
C ASN B 896 -19.66 -20.02 18.01
N MET B 897 -18.80 -20.43 17.10
CA MET B 897 -17.37 -20.19 17.23
C MET B 897 -17.00 -18.71 17.23
N LEU B 898 -17.61 -17.93 16.35
CA LEU B 898 -17.34 -16.50 16.29
C LEU B 898 -17.78 -15.86 17.59
N ILE B 899 -18.92 -16.30 18.11
CA ILE B 899 -19.43 -15.76 19.35
C ILE B 899 -18.43 -16.09 20.45
N LYS B 900 -17.86 -17.29 20.41
CA LYS B 900 -16.88 -17.71 21.39
C LYS B 900 -15.61 -16.86 21.33
N ILE B 901 -15.15 -16.54 20.13
CA ILE B 901 -13.94 -15.74 19.98
C ILE B 901 -14.06 -14.35 20.57
N ILE B 902 -15.20 -13.71 20.35
CA ILE B 902 -15.40 -12.37 20.88
C ILE B 902 -15.40 -12.41 22.41
N GLY B 903 -15.99 -13.45 22.97
CA GLY B 903 -16.06 -13.61 24.42
C GLY B 903 -14.71 -13.76 25.08
N ASN B 904 -13.81 -14.49 24.45
CA ASN B 904 -12.48 -14.73 24.99
C ASN B 904 -11.71 -13.45 25.21
N SER B 905 -11.86 -12.49 24.30
CA SER B 905 -11.15 -11.23 24.41
C SER B 905 -11.49 -10.48 25.69
N VAL B 906 -12.76 -10.47 26.07
CA VAL B 906 -13.18 -9.79 27.30
C VAL B 906 -13.41 -10.81 28.41
N GLY B 907 -13.10 -12.07 28.13
CA GLY B 907 -13.27 -13.13 29.11
C GLY B 907 -11.98 -13.52 29.76
N ALA B 908 -11.47 -14.69 29.41
CA ALA B 908 -10.22 -15.18 29.96
C ALA B 908 -9.06 -14.27 29.59
N LEU B 909 -9.09 -13.76 28.37
CA LEU B 909 -8.03 -12.91 27.84
C LEU B 909 -8.32 -11.45 28.11
N GLY B 910 -9.28 -11.18 28.97
CA GLY B 910 -9.65 -9.82 29.27
C GLY B 910 -8.48 -9.03 29.81
N ASN B 911 -7.65 -9.64 30.64
CA ASN B 911 -6.52 -8.90 31.16
C ASN B 911 -5.57 -8.49 30.05
N LEU B 912 -5.30 -9.40 29.12
CA LEU B 912 -4.41 -9.11 28.00
C LEU B 912 -4.96 -8.03 27.08
N THR B 913 -6.25 -8.09 26.81
CA THR B 913 -6.91 -7.11 25.97
C THR B 913 -6.86 -5.75 26.63
N LEU B 914 -7.00 -5.74 27.95
CA LEU B 914 -6.98 -4.51 28.73
C LEU B 914 -5.65 -3.79 28.59
N VAL B 915 -4.57 -4.54 28.51
CA VAL B 915 -3.24 -3.97 28.35
C VAL B 915 -3.18 -3.22 27.05
N LEU B 916 -3.78 -3.76 26.01
CA LEU B 916 -3.78 -3.11 24.71
C LEU B 916 -4.47 -1.78 24.83
N ALA B 917 -5.57 -1.74 25.57
CA ALA B 917 -6.29 -0.50 25.77
C ALA B 917 -5.45 0.50 26.53
N ILE B 918 -4.72 0.05 27.55
CA ILE B 918 -3.88 0.94 28.34
C ILE B 918 -2.75 1.53 27.52
N ILE B 919 -2.10 0.69 26.72
CA ILE B 919 -0.99 1.14 25.87
C ILE B 919 -1.45 2.14 24.82
N VAL B 920 -2.60 1.90 24.20
CA VAL B 920 -3.08 2.81 23.19
C VAL B 920 -3.34 4.16 23.83
N PHE B 921 -3.88 4.13 25.05
CA PHE B 921 -4.17 5.37 25.77
C PHE B 921 -2.92 6.16 26.13
N ILE B 922 -1.87 5.49 26.58
CA ILE B 922 -0.65 6.19 26.94
C ILE B 922 -0.03 6.88 25.73
N PHE B 923 0.02 6.18 24.62
CA PHE B 923 0.60 6.74 23.41
C PHE B 923 -0.20 7.91 22.87
N ALA B 924 -1.51 7.82 22.90
CA ALA B 924 -2.32 8.91 22.38
C ALA B 924 -2.06 10.15 23.17
N VAL B 925 -2.02 10.02 24.49
CA VAL B 925 -1.74 11.15 25.36
C VAL B 925 -0.30 11.65 25.22
N VAL B 926 0.65 10.72 25.12
CA VAL B 926 2.06 11.09 24.99
C VAL B 926 2.27 11.86 23.70
N GLY B 927 1.68 11.38 22.62
CA GLY B 927 1.82 12.05 21.36
C GLY B 927 1.21 13.41 21.44
N MET B 928 0.07 13.52 22.11
CA MET B 928 -0.61 14.79 22.23
C MET B 928 0.20 15.84 22.98
N GLN B 929 0.83 15.43 24.06
CA GLN B 929 1.63 16.34 24.86
C GLN B 929 2.85 16.85 24.12
N LEU B 930 3.58 15.92 23.49
CA LEU B 930 4.78 16.24 22.76
C LEU B 930 4.63 17.05 21.48
N PHE B 931 3.67 16.67 20.64
CA PHE B 931 3.46 17.35 19.37
C PHE B 931 2.19 18.16 19.25
N GLY B 932 1.41 18.27 20.31
CA GLY B 932 0.17 19.00 20.17
C GLY B 932 0.30 20.46 19.81
N LYS B 933 1.23 21.15 20.46
CA LYS B 933 1.47 22.56 20.22
C LYS B 933 2.04 22.84 18.85
N SER B 934 2.94 21.97 18.39
CA SER B 934 3.59 22.13 17.11
C SER B 934 2.66 22.09 15.94
N TYR B 935 1.70 21.19 15.95
CA TYR B 935 0.80 21.07 14.83
C TYR B 935 0.06 22.36 14.64
N LYS B 936 -0.39 22.97 15.72
CA LYS B 936 -1.12 24.21 15.58
C LYS B 936 -0.28 25.37 15.05
N GLU B 937 0.89 25.58 15.62
CA GLU B 937 1.71 26.69 15.14
C GLU B 937 2.22 26.47 13.74
N CYS B 938 2.76 25.29 13.48
CA CYS B 938 3.31 24.97 12.16
C CYS B 938 2.32 24.88 11.01
N VAL B 939 1.20 24.22 11.23
CA VAL B 939 0.12 24.04 10.25
C VAL B 939 0.49 24.22 8.78
N CYS B 940 1.10 25.37 8.50
CA CYS B 940 1.52 25.74 7.15
C CYS B 940 2.59 24.87 6.49
N LYS B 941 3.56 24.40 7.27
CA LYS B 941 4.60 23.56 6.70
C LYS B 941 3.92 22.33 6.13
N ILE B 942 2.93 21.86 6.86
CA ILE B 942 2.12 20.69 6.53
C ILE B 942 0.96 20.93 5.56
N ASN B 943 0.28 22.07 5.70
CA ASN B 943 -0.86 22.36 4.87
C ASN B 943 -0.82 23.69 4.10
N ASP B 944 -1.16 23.63 2.82
CA ASP B 944 -1.14 24.81 1.96
C ASP B 944 -2.12 25.88 2.41
N ASP B 945 -3.28 25.39 2.83
CA ASP B 945 -4.43 26.18 3.27
C ASP B 945 -4.24 27.05 4.50
N CYS B 946 -3.45 26.56 5.46
CA CYS B 946 -3.18 27.23 6.74
C CYS B 946 -4.10 26.73 7.83
N THR B 947 -4.76 25.60 7.57
CA THR B 947 -5.68 24.98 8.52
C THR B 947 -5.18 23.58 8.88
N LEU B 948 -5.65 23.04 9.98
CA LEU B 948 -5.24 21.70 10.42
C LEU B 948 -5.59 20.58 9.43
N PRO B 949 -4.62 19.61 9.25
CA PRO B 949 -4.97 18.53 8.32
C PRO B 949 -5.97 17.53 8.89
N ARG B 950 -6.51 16.64 8.08
CA ARG B 950 -7.47 15.69 8.58
C ARG B 950 -6.89 14.83 9.68
N TRP B 951 -5.65 14.39 9.54
CA TRP B 951 -5.03 13.58 10.57
C TRP B 951 -4.01 14.43 11.28
N HIS B 952 -4.19 14.65 12.56
CA HIS B 952 -3.30 15.49 13.33
C HIS B 952 -3.29 15.04 14.78
N MET B 953 -2.35 15.56 15.54
CA MET B 953 -2.19 15.19 16.94
C MET B 953 -2.60 16.24 17.96
N ASN B 954 -3.36 17.23 17.52
CA ASN B 954 -3.81 18.30 18.40
C ASN B 954 -4.74 17.99 19.58
N ASP B 955 -5.68 17.08 19.40
CA ASP B 955 -6.66 16.73 20.43
C ASP B 955 -6.56 15.28 20.79
N PHE B 956 -7.13 14.90 21.93
CA PHE B 956 -7.06 13.51 22.33
C PHE B 956 -7.77 12.58 21.38
N PHE B 957 -8.95 12.95 20.90
CA PHE B 957 -9.65 12.07 19.99
C PHE B 957 -8.80 11.93 18.75
N HIS B 958 -8.29 13.05 18.25
CA HIS B 958 -7.44 13.05 17.08
C HIS B 958 -6.11 12.35 17.29
N SER B 959 -5.51 12.59 18.45
CA SER B 959 -4.25 11.95 18.77
C SER B 959 -4.52 10.47 18.81
N PHE B 960 -5.67 10.08 19.37
CA PHE B 960 -6.04 8.67 19.47
C PHE B 960 -6.21 8.06 18.08
N LEU B 961 -6.81 8.79 17.16
CA LEU B 961 -7.02 8.27 15.83
C LEU B 961 -5.71 7.95 15.14
N ILE B 962 -4.72 8.81 15.29
CA ILE B 962 -3.43 8.57 14.67
C ILE B 962 -2.81 7.31 15.23
N VAL B 963 -2.90 7.10 16.53
CA VAL B 963 -2.31 5.92 17.13
C VAL B 963 -3.00 4.66 16.63
N PHE B 964 -4.31 4.71 16.49
CA PHE B 964 -5.06 3.55 16.01
C PHE B 964 -4.66 3.25 14.58
N ARG B 965 -4.45 4.28 13.78
CA ARG B 965 -4.07 4.09 12.38
C ARG B 965 -2.77 3.34 12.26
N VAL B 966 -1.81 3.66 13.12
CA VAL B 966 -0.50 3.02 13.11
C VAL B 966 -0.55 1.53 13.44
N LEU B 967 -1.58 1.10 14.17
CA LEU B 967 -1.72 -0.30 14.52
C LEU B 967 -1.93 -1.08 13.23
N CYS B 968 -2.71 -0.51 12.31
CA CYS B 968 -2.88 -1.07 10.98
C CYS B 968 -1.59 -0.52 10.45
N GLY B 969 -0.98 -1.07 9.41
CA GLY B 969 0.31 -0.55 8.98
C GLY B 969 0.23 0.69 8.14
N GLU B 970 -0.19 1.81 8.74
CA GLU B 970 -0.31 3.08 8.00
C GLU B 970 0.60 4.21 8.54
N TRP B 971 1.68 3.86 9.19
CA TRP B 971 2.57 4.84 9.81
C TRP B 971 3.29 5.89 8.96
N ILE B 972 3.75 5.57 7.77
CA ILE B 972 4.50 6.53 6.97
C ILE B 972 3.82 7.83 6.52
N GLU B 973 2.58 7.77 6.07
CA GLU B 973 1.93 8.97 5.58
C GLU B 973 1.82 10.04 6.63
N THR B 974 1.44 9.63 7.84
CA THR B 974 1.32 10.50 9.00
C THR B 974 2.64 11.05 9.49
N MET B 975 3.67 10.21 9.45
CA MET B 975 4.97 10.60 9.94
C MET B 975 5.62 11.74 9.21
N TRP B 976 5.42 11.84 7.90
CA TRP B 976 6.02 12.93 7.18
C TRP B 976 5.45 14.20 7.76
N ASP B 977 4.17 14.19 8.06
CA ASP B 977 3.53 15.36 8.63
C ASP B 977 4.08 15.75 9.99
N CYS B 978 4.29 14.77 10.87
CA CYS B 978 4.81 15.08 12.18
C CYS B 978 6.20 15.64 12.10
N MET B 979 7.00 15.06 11.22
CA MET B 979 8.38 15.47 11.04
C MET B 979 8.51 16.89 10.58
N GLU B 980 7.63 17.33 9.70
CA GLU B 980 7.75 18.70 9.22
C GLU B 980 7.56 19.64 10.38
N VAL B 981 6.50 19.45 11.14
CA VAL B 981 6.23 20.28 12.31
C VAL B 981 7.09 20.06 13.55
N ALA B 982 7.26 18.80 13.94
CA ALA B 982 8.03 18.44 15.13
C ALA B 982 9.51 18.08 15.02
N GLY B 983 10.05 17.99 13.81
CA GLY B 983 11.46 17.66 13.65
C GLY B 983 11.67 16.16 13.54
N GLN B 984 12.73 15.75 12.87
CA GLN B 984 13.01 14.33 12.68
C GLN B 984 13.32 13.43 13.87
N ALA B 985 14.13 13.89 14.81
CA ALA B 985 14.49 13.02 15.91
C ALA B 985 13.35 12.63 16.80
N MET B 986 12.51 13.59 17.17
CA MET B 986 11.38 13.31 18.03
C MET B 986 10.30 12.45 17.39
N CYS B 987 9.88 12.83 16.18
CA CYS B 987 8.83 12.13 15.49
C CYS B 987 9.22 10.69 15.20
N LEU B 988 10.45 10.47 14.78
CA LEU B 988 10.91 9.13 14.46
C LEU B 988 10.93 8.20 15.66
N ILE B 989 11.39 8.68 16.80
CA ILE B 989 11.45 7.85 18.00
C ILE B 989 10.08 7.44 18.51
N VAL B 990 9.14 8.36 18.54
CA VAL B 990 7.79 8.06 19.00
C VAL B 990 7.06 7.08 18.09
N TYR B 991 7.09 7.34 16.78
CA TYR B 991 6.42 6.46 15.84
C TYR B 991 7.02 5.08 15.82
N MET B 992 8.33 4.98 15.88
CA MET B 992 8.98 3.68 15.85
C MET B 992 8.60 2.85 17.05
N MET B 993 8.52 3.49 18.22
CA MET B 993 8.12 2.79 19.44
C MET B 993 6.67 2.33 19.41
N VAL B 994 5.78 3.16 18.89
CA VAL B 994 4.38 2.78 18.83
C VAL B 994 4.24 1.58 17.94
N MET B 995 4.93 1.63 16.81
CA MET B 995 4.87 0.55 15.87
C MET B 995 5.43 -0.76 16.39
N VAL B 996 6.61 -0.71 17.00
CA VAL B 996 7.19 -1.94 17.54
C VAL B 996 6.47 -2.45 18.79
N ILE B 997 6.33 -1.60 19.79
CA ILE B 997 5.65 -1.99 21.02
C ILE B 997 4.17 -2.25 20.83
N GLY B 998 3.50 -1.37 20.09
CA GLY B 998 2.08 -1.51 19.86
C GLY B 998 1.72 -2.75 19.09
N ASN B 999 2.47 -3.01 18.03
CA ASN B 999 2.24 -4.18 17.22
C ASN B 999 2.50 -5.49 17.93
N LEU B 1000 3.52 -5.51 18.79
CA LEU B 1000 3.82 -6.73 19.52
C LEU B 1000 2.62 -7.13 20.38
N VAL B 1001 1.99 -6.17 21.03
CA VAL B 1001 0.83 -6.46 21.84
C VAL B 1001 -0.33 -6.95 20.98
N VAL B 1002 -0.53 -6.31 19.85
CA VAL B 1002 -1.60 -6.70 18.94
C VAL B 1002 -1.34 -8.10 18.43
N LEU B 1003 -0.10 -8.38 18.09
CA LEU B 1003 0.25 -9.70 17.59
C LEU B 1003 0.02 -10.76 18.65
N ASN B 1004 0.35 -10.44 19.89
CA ASN B 1004 0.16 -11.37 20.98
C ASN B 1004 -1.30 -11.67 21.22
N LEU B 1005 -2.13 -10.64 21.16
CA LEU B 1005 -3.56 -10.82 21.35
C LEU B 1005 -4.15 -11.69 20.24
N PHE B 1006 -3.78 -11.40 19.01
CA PHE B 1006 -4.28 -12.17 17.90
C PHE B 1006 -3.88 -13.63 18.03
N LEU B 1007 -2.59 -13.90 18.18
CA LEU B 1007 -2.11 -15.27 18.33
C LEU B 1007 -2.62 -15.94 19.59
N ALA B 1008 -2.64 -15.21 20.69
CA ALA B 1008 -3.10 -15.77 21.95
C ALA B 1008 -4.57 -16.12 21.85
N LEU B 1009 -5.33 -15.22 21.25
CA LEU B 1009 -6.76 -15.43 21.07
C LEU B 1009 -7.03 -16.61 20.16
N LEU B 1010 -6.31 -16.67 19.04
CA LEU B 1010 -6.50 -17.73 18.07
C LEU B 1010 -6.15 -19.12 18.57
N LEU B 1011 -5.02 -19.25 19.24
CA LEU B 1011 -4.61 -20.55 19.75
C LEU B 1011 -5.52 -21.07 20.86
N SER B 1012 -5.90 -20.16 21.76
CA SER B 1012 -6.75 -20.53 22.88
C SER B 1012 -8.12 -20.98 22.38
N SER B 1013 -8.64 -20.25 21.41
CA SER B 1013 -9.94 -20.57 20.83
C SER B 1013 -9.92 -21.91 20.12
N PHE B 1014 -8.82 -22.16 19.42
CA PHE B 1014 -8.63 -23.38 18.66
C PHE B 1014 -8.60 -24.64 19.53
N SER B 1015 -7.96 -24.56 20.68
CA SER B 1015 -7.88 -25.72 21.58
C SER B 1015 -7.92 -25.29 23.04
N GLY B 1218 -14.92 -60.49 -35.03
CA GLY B 1218 -14.03 -59.47 -35.56
C GLY B 1218 -13.48 -58.63 -34.44
N LYS B 1219 -14.25 -57.65 -33.99
CA LYS B 1219 -13.84 -56.79 -32.89
C LYS B 1219 -12.52 -56.14 -33.17
N ILE B 1220 -12.30 -55.72 -34.41
CA ILE B 1220 -11.06 -55.05 -34.77
C ILE B 1220 -11.00 -53.73 -34.00
N TRP B 1221 -12.16 -53.27 -33.56
CA TRP B 1221 -12.29 -52.04 -32.83
C TRP B 1221 -11.47 -52.08 -31.56
N TRP B 1222 -11.40 -53.23 -30.91
CA TRP B 1222 -10.64 -53.32 -29.68
C TRP B 1222 -9.14 -53.04 -29.86
N ASN B 1223 -8.53 -53.55 -30.94
CA ASN B 1223 -7.11 -53.31 -31.16
C ASN B 1223 -6.83 -51.83 -31.35
N ILE B 1224 -7.71 -51.16 -32.10
CA ILE B 1224 -7.56 -49.74 -32.35
C ILE B 1224 -7.65 -48.97 -31.05
N ARG B 1225 -8.58 -49.37 -30.20
CA ARG B 1225 -8.77 -48.72 -28.92
C ARG B 1225 -7.55 -48.91 -28.04
N LYS B 1226 -6.96 -50.09 -28.10
CA LYS B 1226 -5.76 -50.33 -27.31
C LYS B 1226 -4.60 -49.45 -27.78
N THR B 1227 -4.43 -49.33 -29.09
CA THR B 1227 -3.34 -48.55 -29.67
C THR B 1227 -3.37 -47.06 -29.38
N CYS B 1228 -4.54 -46.46 -29.47
CA CYS B 1228 -4.66 -45.04 -29.21
C CYS B 1228 -4.25 -44.82 -27.78
N TYR B 1229 -4.62 -45.76 -26.93
CA TYR B 1229 -4.29 -45.68 -25.53
C TYR B 1229 -2.78 -45.64 -25.47
N LYS B 1230 -2.12 -46.40 -26.33
CA LYS B 1230 -0.68 -46.42 -26.35
C LYS B 1230 -0.12 -45.05 -26.70
N ILE B 1231 -0.71 -44.39 -27.68
CA ILE B 1231 -0.23 -43.07 -28.10
C ILE B 1231 -0.37 -42.00 -27.02
N VAL B 1232 -1.52 -41.93 -26.36
CA VAL B 1232 -1.73 -40.93 -25.32
C VAL B 1232 -0.77 -41.11 -24.15
N GLU B 1233 -0.54 -42.36 -23.76
CA GLU B 1233 0.37 -42.68 -22.68
C GLU B 1233 1.83 -42.33 -22.95
N HIS B 1234 2.25 -42.48 -24.20
CA HIS B 1234 3.64 -42.24 -24.58
C HIS B 1234 4.14 -40.85 -24.24
N SER B 1235 5.38 -40.80 -23.77
CA SER B 1235 6.02 -39.57 -23.34
C SER B 1235 6.20 -38.49 -24.40
N TRP B 1236 6.53 -38.86 -25.63
CA TRP B 1236 6.72 -37.82 -26.64
C TRP B 1236 5.42 -37.07 -26.80
N PHE B 1237 4.32 -37.80 -26.85
CA PHE B 1237 3.02 -37.18 -27.00
C PHE B 1237 2.64 -36.31 -25.82
N GLU B 1238 2.88 -36.79 -24.61
CA GLU B 1238 2.55 -36.00 -23.44
C GLU B 1238 3.42 -34.76 -23.47
N SER B 1239 4.69 -34.97 -23.82
CA SER B 1239 5.65 -33.89 -23.91
C SER B 1239 5.32 -32.91 -25.03
N PHE B 1240 4.91 -33.44 -26.16
CA PHE B 1240 4.57 -32.62 -27.31
C PHE B 1240 3.37 -31.74 -27.00
N ILE B 1241 2.39 -32.31 -26.32
CA ILE B 1241 1.18 -31.58 -25.96
C ILE B 1241 1.50 -30.42 -25.03
N VAL B 1242 2.40 -30.62 -24.08
CA VAL B 1242 2.75 -29.56 -23.16
C VAL B 1242 3.41 -28.39 -23.87
N LEU B 1243 4.24 -28.68 -24.84
CA LEU B 1243 4.90 -27.62 -25.59
C LEU B 1243 3.88 -26.76 -26.30
N MET B 1244 2.85 -27.40 -26.84
CA MET B 1244 1.81 -26.67 -27.55
C MET B 1244 1.07 -25.74 -26.61
N ILE B 1245 0.82 -26.20 -25.39
CA ILE B 1245 0.12 -25.38 -24.41
C ILE B 1245 0.90 -24.12 -24.05
N LEU B 1246 2.20 -24.24 -23.83
CA LEU B 1246 3.00 -23.07 -23.50
C LEU B 1246 3.05 -22.13 -24.68
N LEU B 1247 3.23 -22.71 -25.85
CA LEU B 1247 3.28 -21.96 -27.10
C LEU B 1247 1.94 -21.28 -27.40
N SER B 1248 0.86 -22.02 -27.16
CA SER B 1248 -0.48 -21.51 -27.41
C SER B 1248 -0.77 -20.33 -26.50
N SER B 1249 -0.39 -20.46 -25.24
CA SER B 1249 -0.58 -19.42 -24.23
C SER B 1249 0.21 -18.17 -24.53
N GLY B 1250 1.44 -18.37 -25.00
CA GLY B 1250 2.32 -17.27 -25.32
C GLY B 1250 1.80 -16.36 -26.41
N ALA B 1251 1.10 -16.92 -27.39
CA ALA B 1251 0.58 -16.13 -28.49
C ALA B 1251 -0.39 -15.09 -27.95
N LEU B 1252 -0.98 -15.38 -26.82
CA LEU B 1252 -1.94 -14.49 -26.17
C LEU B 1252 -1.36 -13.15 -25.78
N ALA B 1253 -0.12 -13.14 -25.33
CA ALA B 1253 0.57 -11.94 -24.88
C ALA B 1253 0.74 -10.84 -25.93
N PHE B 1254 0.96 -11.24 -27.17
CA PHE B 1254 1.18 -10.28 -28.26
C PHE B 1254 0.04 -9.32 -28.55
N GLU B 1255 -1.21 -9.77 -28.42
CA GLU B 1255 -2.35 -8.89 -28.70
C GLU B 1255 -2.44 -7.72 -27.71
N ASP B 1256 -2.86 -6.55 -28.21
CA ASP B 1256 -2.97 -5.38 -27.35
C ASP B 1256 -3.11 -4.15 -28.21
N ILE B 1257 -2.94 -2.97 -27.62
CA ILE B 1257 -3.07 -1.73 -28.39
C ILE B 1257 -2.03 -1.57 -29.50
N TYR B 1258 -0.84 -2.14 -29.30
CA TYR B 1258 0.24 -2.02 -30.28
C TYR B 1258 0.21 -3.04 -31.41
N ILE B 1259 -0.79 -3.89 -31.43
CA ILE B 1259 -0.91 -4.91 -32.47
C ILE B 1259 -1.11 -4.33 -33.86
N GLU B 1260 -1.66 -3.14 -33.96
CA GLU B 1260 -1.90 -2.52 -35.26
C GLU B 1260 -0.59 -2.31 -35.98
N ARG B 1261 0.41 -1.89 -35.21
CA ARG B 1261 1.77 -1.71 -35.69
C ARG B 1261 2.24 -3.15 -35.78
N LYS B 1262 3.26 -3.45 -36.58
CA LYS B 1262 3.66 -4.86 -36.67
C LYS B 1262 2.52 -5.72 -37.23
N LYS B 1263 2.01 -5.30 -38.38
CA LYS B 1263 0.91 -6.00 -39.01
C LYS B 1263 1.32 -7.43 -39.34
N THR B 1264 2.58 -7.65 -39.68
CA THR B 1264 3.02 -9.00 -40.03
C THR B 1264 2.86 -10.04 -38.93
N ILE B 1265 3.19 -9.69 -37.69
CA ILE B 1265 3.04 -10.62 -36.58
C ILE B 1265 1.58 -10.94 -36.38
N LYS B 1266 0.72 -9.96 -36.62
CA LYS B 1266 -0.69 -10.18 -36.44
C LYS B 1266 -1.19 -11.26 -37.38
N ILE B 1267 -0.74 -11.23 -38.62
CA ILE B 1267 -1.18 -12.23 -39.58
C ILE B 1267 -0.74 -13.65 -39.23
N ILE B 1268 0.51 -13.83 -38.83
CA ILE B 1268 0.96 -15.17 -38.47
C ILE B 1268 0.26 -15.68 -37.23
N LEU B 1269 0.05 -14.82 -36.25
CA LEU B 1269 -0.62 -15.23 -35.03
C LEU B 1269 -2.04 -15.68 -35.32
N GLU B 1270 -2.74 -14.98 -36.19
CA GLU B 1270 -4.11 -15.36 -36.50
C GLU B 1270 -4.14 -16.74 -37.13
N TYR B 1271 -3.23 -16.99 -38.07
CA TYR B 1271 -3.11 -18.28 -38.72
C TYR B 1271 -2.61 -19.35 -37.77
N ALA B 1272 -1.70 -18.96 -36.89
CA ALA B 1272 -1.08 -19.89 -35.95
C ALA B 1272 -2.11 -20.50 -35.02
N ASP B 1273 -3.10 -19.72 -34.62
CA ASP B 1273 -4.12 -20.21 -33.71
C ASP B 1273 -4.90 -21.37 -34.33
N LYS B 1274 -5.17 -21.27 -35.63
CA LYS B 1274 -5.94 -22.30 -36.32
C LYS B 1274 -5.21 -23.63 -36.24
N ILE B 1275 -3.91 -23.62 -36.39
CA ILE B 1275 -3.17 -24.86 -36.28
C ILE B 1275 -3.32 -25.39 -34.87
N PHE B 1276 -3.28 -24.51 -33.87
CA PHE B 1276 -3.45 -24.93 -32.49
C PHE B 1276 -4.83 -25.51 -32.25
N THR B 1277 -5.85 -24.87 -32.80
CA THR B 1277 -7.21 -25.36 -32.58
C THR B 1277 -7.33 -26.76 -33.16
N TYR B 1278 -6.75 -26.98 -34.32
CA TYR B 1278 -6.81 -28.30 -34.93
C TYR B 1278 -6.06 -29.33 -34.10
N ILE B 1279 -4.91 -28.97 -33.55
CA ILE B 1279 -4.15 -29.91 -32.74
C ILE B 1279 -4.89 -30.31 -31.48
N PHE B 1280 -5.49 -29.36 -30.79
CA PHE B 1280 -6.22 -29.68 -29.58
C PHE B 1280 -7.47 -30.51 -29.83
N ILE B 1281 -8.19 -30.18 -30.90
CA ILE B 1281 -9.38 -30.94 -31.23
C ILE B 1281 -8.93 -32.34 -31.57
N LEU B 1282 -7.83 -32.47 -32.29
CA LEU B 1282 -7.32 -33.78 -32.65
C LEU B 1282 -6.93 -34.59 -31.42
N GLU B 1283 -6.30 -33.92 -30.47
CA GLU B 1283 -5.86 -34.58 -29.24
C GLU B 1283 -7.06 -35.08 -28.44
N MET B 1284 -8.12 -34.29 -28.40
CA MET B 1284 -9.30 -34.65 -27.65
C MET B 1284 -9.92 -35.92 -28.20
N LEU B 1285 -9.96 -36.06 -29.51
CA LEU B 1285 -10.53 -37.25 -30.12
C LEU B 1285 -9.75 -38.49 -29.73
N LEU B 1286 -8.44 -38.37 -29.66
CA LEU B 1286 -7.62 -39.51 -29.26
C LEU B 1286 -8.02 -39.86 -27.83
N LYS B 1287 -8.29 -38.85 -27.02
CA LYS B 1287 -8.66 -39.10 -25.66
C LYS B 1287 -9.93 -39.93 -25.58
N TRP B 1288 -10.92 -39.61 -26.41
CA TRP B 1288 -12.15 -40.37 -26.37
C TRP B 1288 -11.94 -41.83 -26.72
N ILE B 1289 -11.20 -42.11 -27.79
CA ILE B 1289 -10.98 -43.50 -28.16
C ILE B 1289 -10.20 -44.24 -27.09
N ALA B 1290 -9.15 -43.62 -26.57
CA ALA B 1290 -8.34 -44.25 -25.54
C ALA B 1290 -9.05 -44.48 -24.21
N TYR B 1291 -9.81 -43.49 -23.75
CA TYR B 1291 -10.50 -43.60 -22.47
C TYR B 1291 -11.96 -44.03 -22.53
N GLY B 1292 -12.64 -43.63 -23.58
CA GLY B 1292 -14.04 -43.95 -23.73
C GLY B 1292 -14.79 -42.82 -23.06
N TYR B 1293 -16.07 -42.68 -23.32
CA TYR B 1293 -16.85 -41.60 -22.70
C TYR B 1293 -17.00 -41.65 -21.19
N LYS B 1294 -17.23 -42.84 -20.63
CA LYS B 1294 -17.42 -42.93 -19.19
C LYS B 1294 -16.20 -42.51 -18.39
N THR B 1295 -15.03 -42.98 -18.79
CA THR B 1295 -13.81 -42.61 -18.09
C THR B 1295 -13.49 -41.14 -18.29
N TYR B 1296 -13.71 -40.67 -19.50
CA TYR B 1296 -13.41 -39.29 -19.87
C TYR B 1296 -14.20 -38.22 -19.15
N PHE B 1297 -15.50 -38.43 -18.97
CA PHE B 1297 -16.32 -37.42 -18.33
C PHE B 1297 -16.41 -37.47 -16.81
N THR B 1298 -15.85 -38.51 -16.21
CA THR B 1298 -15.85 -38.66 -14.76
C THR B 1298 -14.61 -37.98 -14.17
N ASN B 1299 -13.82 -37.37 -15.05
CA ASN B 1299 -12.59 -36.70 -14.66
C ASN B 1299 -12.81 -35.20 -14.65
N ALA B 1300 -12.44 -34.56 -13.55
CA ALA B 1300 -12.61 -33.13 -13.43
C ALA B 1300 -11.79 -32.34 -14.43
N TRP B 1301 -10.54 -32.78 -14.63
CA TRP B 1301 -9.63 -32.11 -15.55
C TRP B 1301 -10.09 -32.13 -16.98
N CYS B 1302 -10.61 -33.26 -17.42
CA CYS B 1302 -11.08 -33.40 -18.79
C CYS B 1302 -12.21 -32.45 -19.10
N TRP B 1303 -13.11 -32.26 -18.15
CA TRP B 1303 -14.22 -31.36 -18.38
C TRP B 1303 -13.66 -29.98 -18.60
N LEU B 1304 -12.66 -29.60 -17.82
CA LEU B 1304 -12.06 -28.30 -18.00
C LEU B 1304 -11.45 -28.24 -19.38
N ASP B 1305 -10.72 -29.30 -19.72
CA ASP B 1305 -10.07 -29.42 -21.02
C ASP B 1305 -11.06 -29.48 -22.19
N PHE B 1306 -12.13 -30.23 -22.00
CA PHE B 1306 -13.16 -30.36 -23.04
C PHE B 1306 -13.87 -29.04 -23.27
N LEU B 1307 -14.14 -28.33 -22.18
CA LEU B 1307 -14.83 -27.05 -22.27
C LEU B 1307 -14.03 -26.01 -23.03
N ILE B 1308 -12.74 -25.94 -22.78
CA ILE B 1308 -11.90 -24.95 -23.46
C ILE B 1308 -11.82 -25.13 -24.96
N VAL B 1309 -11.71 -26.37 -25.41
CA VAL B 1309 -11.63 -26.62 -26.84
C VAL B 1309 -12.93 -26.18 -27.49
N ASP B 1310 -14.04 -26.38 -26.80
CA ASP B 1310 -15.34 -25.99 -27.33
C ASP B 1310 -15.51 -24.51 -27.59
N VAL B 1311 -15.06 -23.67 -26.68
CA VAL B 1311 -15.18 -22.24 -26.88
C VAL B 1311 -14.37 -21.83 -28.10
N SER B 1312 -13.16 -22.38 -28.20
CA SER B 1312 -12.29 -22.09 -29.33
C SER B 1312 -12.92 -22.62 -30.60
N LEU B 1313 -13.51 -23.80 -30.52
CA LEU B 1313 -14.17 -24.43 -31.65
C LEU B 1313 -15.36 -23.63 -32.17
N VAL B 1314 -16.17 -23.12 -31.27
CA VAL B 1314 -17.33 -22.33 -31.67
C VAL B 1314 -16.91 -21.05 -32.38
N THR B 1315 -15.89 -20.39 -31.86
CA THR B 1315 -15.43 -19.18 -32.50
C THR B 1315 -14.89 -19.50 -33.88
N LEU B 1316 -14.16 -20.59 -34.01
CA LEU B 1316 -13.59 -20.95 -35.31
C LEU B 1316 -14.67 -21.25 -36.34
N VAL B 1317 -15.69 -22.01 -35.97
CA VAL B 1317 -16.75 -22.31 -36.92
C VAL B 1317 -17.52 -21.04 -37.27
N ALA B 1318 -17.81 -20.24 -36.24
CA ALA B 1318 -18.53 -19.00 -36.45
C ALA B 1318 -17.71 -18.03 -37.27
N ASN B 1319 -16.41 -17.98 -36.98
CA ASN B 1319 -15.50 -17.10 -37.69
C ASN B 1319 -15.35 -17.42 -39.17
N THR B 1320 -15.24 -18.70 -39.50
CA THR B 1320 -15.11 -19.09 -40.91
C THR B 1320 -16.36 -18.71 -41.66
N LEU B 1321 -17.49 -18.96 -41.02
CA LEU B 1321 -18.80 -18.68 -41.59
C LEU B 1321 -19.06 -17.20 -41.83
N GLY B 1322 -18.49 -16.34 -41.00
CA GLY B 1322 -18.73 -14.92 -41.11
C GLY B 1322 -19.86 -14.77 -40.12
N TYR B 1323 -20.70 -13.73 -40.22
CA TYR B 1323 -21.78 -13.61 -39.25
C TYR B 1323 -21.11 -13.52 -37.88
N SER B 1324 -20.03 -12.75 -37.83
CA SER B 1324 -19.24 -12.55 -36.63
C SER B 1324 -19.24 -11.12 -36.14
N ASP B 1325 -18.94 -10.95 -34.85
CA ASP B 1325 -18.89 -9.67 -34.17
C ASP B 1325 -20.20 -9.15 -33.59
N LEU B 1326 -21.24 -9.98 -33.67
CA LEU B 1326 -22.53 -9.61 -33.11
C LEU B 1326 -22.60 -9.99 -31.64
N GLY B 1327 -21.92 -9.23 -30.77
CA GLY B 1327 -21.91 -9.53 -29.35
C GLY B 1327 -21.41 -10.95 -29.24
N PRO B 1328 -22.14 -11.82 -28.44
CA PRO B 1328 -21.63 -13.20 -28.48
C PRO B 1328 -22.08 -13.64 -29.87
N ILE B 1329 -21.26 -14.29 -30.69
CA ILE B 1329 -19.92 -14.79 -30.40
C ILE B 1329 -18.79 -13.84 -30.02
N LYS B 1330 -18.86 -12.56 -30.36
CA LYS B 1330 -17.75 -11.66 -30.07
C LYS B 1330 -17.37 -11.58 -28.60
N SER B 1331 -18.33 -11.60 -27.68
CA SER B 1331 -17.99 -11.57 -26.27
C SER B 1331 -17.18 -12.83 -26.01
N LEU B 1332 -17.59 -13.90 -26.67
CA LEU B 1332 -16.94 -15.20 -26.56
C LEU B 1332 -15.44 -15.18 -26.84
N ARG B 1333 -15.01 -14.33 -27.75
CA ARG B 1333 -13.60 -14.30 -28.09
C ARG B 1333 -12.79 -13.92 -26.87
N THR B 1334 -13.32 -13.00 -26.07
CA THR B 1334 -12.63 -12.52 -24.89
C THR B 1334 -12.37 -13.66 -23.90
N LEU B 1335 -13.14 -14.73 -24.04
CA LEU B 1335 -13.05 -15.90 -23.19
C LEU B 1335 -11.80 -16.73 -23.45
N ARG B 1336 -11.04 -16.33 -24.47
CA ARG B 1336 -9.83 -17.04 -24.83
C ARG B 1336 -8.84 -17.06 -23.69
N ALA B 1337 -8.74 -15.95 -22.98
CA ALA B 1337 -7.78 -15.82 -21.88
C ALA B 1337 -7.73 -17.05 -21.02
N LEU B 1338 -8.76 -17.89 -21.12
CA LEU B 1338 -8.83 -19.15 -20.37
C LEU B 1338 -7.90 -20.24 -20.90
N ARG B 1339 -7.27 -20.01 -22.04
CA ARG B 1339 -6.41 -21.00 -22.66
C ARG B 1339 -5.26 -21.45 -21.76
N PRO B 1340 -4.65 -20.47 -20.99
CA PRO B 1340 -3.54 -20.95 -20.15
C PRO B 1340 -4.00 -21.94 -19.08
N LEU B 1341 -5.30 -21.96 -18.81
CA LEU B 1341 -5.88 -22.79 -17.78
C LEU B 1341 -5.63 -24.28 -17.94
N ARG B 1342 -5.53 -24.77 -19.17
CA ARG B 1342 -5.28 -26.20 -19.39
C ARG B 1342 -3.91 -26.62 -18.91
N ALA B 1343 -3.04 -25.64 -18.70
CA ALA B 1343 -1.69 -25.88 -18.22
C ALA B 1343 -1.64 -26.46 -16.81
N LEU B 1344 -2.66 -26.21 -16.01
CA LEU B 1344 -2.69 -26.67 -14.63
C LEU B 1344 -2.60 -28.17 -14.49
N SER B 1345 -3.30 -28.92 -15.34
CA SER B 1345 -3.28 -30.36 -15.26
C SER B 1345 -1.92 -30.99 -15.56
N ARG B 1346 -1.22 -30.44 -16.54
CA ARG B 1346 0.09 -30.95 -16.98
C ARG B 1346 1.24 -30.91 -15.98
N PHE B 1347 1.38 -29.82 -15.25
CA PHE B 1347 2.48 -29.71 -14.30
C PHE B 1347 2.18 -30.35 -12.96
N GLU B 1348 3.06 -31.25 -12.55
CA GLU B 1348 2.90 -31.98 -11.32
C GLU B 1348 2.88 -31.05 -10.11
N GLY B 1349 3.77 -30.07 -10.11
CA GLY B 1349 3.85 -29.12 -9.02
C GLY B 1349 2.60 -28.28 -8.86
N MET B 1350 2.08 -27.78 -9.96
CA MET B 1350 0.89 -26.94 -9.96
C MET B 1350 -0.33 -27.69 -9.49
N ARG B 1351 -0.46 -28.93 -9.92
CA ARG B 1351 -1.61 -29.76 -9.54
C ARG B 1351 -1.67 -30.06 -8.06
N VAL B 1352 -0.54 -30.30 -7.43
CA VAL B 1352 -0.53 -30.61 -6.01
C VAL B 1352 -1.08 -29.45 -5.18
N VAL B 1353 -0.70 -28.22 -5.53
CA VAL B 1353 -1.18 -27.05 -4.82
C VAL B 1353 -2.68 -26.88 -4.98
N VAL B 1354 -3.18 -27.12 -6.19
CA VAL B 1354 -4.62 -27.01 -6.49
C VAL B 1354 -5.44 -28.03 -5.70
N ASN B 1355 -4.89 -29.22 -5.51
CA ASN B 1355 -5.59 -30.23 -4.76
C ASN B 1355 -5.83 -29.76 -3.34
N ALA B 1356 -4.85 -29.09 -2.76
CA ALA B 1356 -4.99 -28.59 -1.40
C ALA B 1356 -6.11 -27.57 -1.26
N LEU B 1357 -6.21 -26.66 -2.22
CA LEU B 1357 -7.27 -25.66 -2.18
C LEU B 1357 -8.67 -26.24 -2.29
N ILE B 1358 -8.83 -27.24 -3.16
CA ILE B 1358 -10.12 -27.86 -3.34
C ILE B 1358 -10.53 -28.52 -2.04
N GLY B 1359 -9.54 -29.06 -1.34
CA GLY B 1359 -9.78 -29.72 -0.08
C GLY B 1359 -10.37 -28.76 0.92
N ALA B 1360 -9.90 -27.52 0.90
CA ALA B 1360 -10.37 -26.51 1.83
C ALA B 1360 -11.53 -25.59 1.42
N ILE B 1361 -12.05 -25.70 0.20
CA ILE B 1361 -13.15 -24.81 -0.20
C ILE B 1361 -14.41 -25.01 0.62
N PRO B 1362 -14.75 -26.24 0.96
CA PRO B 1362 -15.97 -26.44 1.76
C PRO B 1362 -15.83 -25.76 3.10
N SER B 1363 -14.67 -25.90 3.74
CA SER B 1363 -14.40 -25.28 5.03
C SER B 1363 -14.40 -23.76 4.93
N ILE B 1364 -13.82 -23.25 3.86
CA ILE B 1364 -13.76 -21.82 3.61
C ILE B 1364 -15.16 -21.28 3.44
N MET B 1365 -16.01 -22.08 2.81
CA MET B 1365 -17.39 -21.70 2.56
C MET B 1365 -18.13 -21.41 3.85
N ASN B 1366 -17.92 -22.23 4.87
CA ASN B 1366 -18.59 -22.03 6.13
C ASN B 1366 -18.21 -20.70 6.77
N VAL B 1367 -16.91 -20.39 6.79
CA VAL B 1367 -16.46 -19.14 7.37
C VAL B 1367 -17.01 -17.96 6.59
N LEU B 1368 -17.06 -18.10 5.27
CA LEU B 1368 -17.55 -17.03 4.44
C LEU B 1368 -18.99 -16.71 4.78
N LEU B 1369 -19.79 -17.73 5.06
CA LEU B 1369 -21.18 -17.47 5.40
C LEU B 1369 -21.27 -16.65 6.67
N VAL B 1370 -20.45 -16.96 7.67
CA VAL B 1370 -20.48 -16.20 8.91
C VAL B 1370 -20.03 -14.77 8.66
N CYS B 1371 -19.01 -14.61 7.81
CA CYS B 1371 -18.52 -13.29 7.49
C CYS B 1371 -19.59 -12.48 6.81
N LEU B 1372 -20.29 -13.11 5.87
CA LEU B 1372 -21.32 -12.41 5.14
C LEU B 1372 -22.47 -11.98 6.03
N ILE B 1373 -22.91 -12.87 6.90
CA ILE B 1373 -23.99 -12.55 7.81
C ILE B 1373 -23.53 -11.46 8.76
N PHE B 1374 -22.32 -11.58 9.28
CA PHE B 1374 -21.79 -10.59 10.20
C PHE B 1374 -21.59 -9.22 9.58
N TRP B 1375 -21.05 -9.20 8.38
CA TRP B 1375 -20.81 -7.96 7.64
C TRP B 1375 -22.10 -7.28 7.25
N LEU B 1376 -23.15 -8.08 7.06
CA LEU B 1376 -24.44 -7.55 6.66
C LEU B 1376 -25.01 -6.60 7.70
N ILE B 1377 -24.84 -6.94 8.96
CA ILE B 1377 -25.35 -6.07 10.01
C ILE B 1377 -24.64 -4.74 9.96
N PHE B 1378 -23.33 -4.76 9.76
CA PHE B 1378 -22.56 -3.52 9.67
C PHE B 1378 -22.98 -2.73 8.45
N SER B 1379 -23.19 -3.45 7.35
CA SER B 1379 -23.60 -2.83 6.10
C SER B 1379 -24.98 -2.20 6.19
N ILE B 1380 -25.90 -2.89 6.85
CA ILE B 1380 -27.26 -2.38 7.04
C ILE B 1380 -27.21 -1.16 7.95
N MET B 1381 -26.38 -1.25 8.99
CA MET B 1381 -26.24 -0.16 9.93
C MET B 1381 -25.66 1.04 9.24
N GLY B 1382 -24.69 0.79 8.37
CA GLY B 1382 -24.03 1.83 7.61
C GLY B 1382 -24.96 2.52 6.65
N VAL B 1383 -25.83 1.75 6.02
CA VAL B 1383 -26.77 2.31 5.05
C VAL B 1383 -27.73 3.29 5.68
N ASN B 1384 -28.21 2.98 6.87
CA ASN B 1384 -29.13 3.90 7.54
C ASN B 1384 -28.47 5.22 7.87
N LEU B 1385 -27.25 5.15 8.39
CA LEU B 1385 -26.50 6.33 8.77
C LEU B 1385 -26.05 7.26 7.65
N PHE B 1386 -25.42 6.69 6.62
CA PHE B 1386 -24.90 7.50 5.52
C PHE B 1386 -25.54 7.38 4.15
N ALA B 1387 -26.64 6.66 4.00
CA ALA B 1387 -27.21 6.50 2.66
C ALA B 1387 -27.70 7.82 2.10
N GLY B 1388 -27.20 8.16 0.92
CA GLY B 1388 -27.57 9.38 0.23
C GLY B 1388 -26.92 10.64 0.73
N LYS B 1389 -26.03 10.53 1.70
CA LYS B 1389 -25.40 11.72 2.26
C LYS B 1389 -24.00 12.05 1.76
N PHE B 1390 -23.49 11.28 0.81
CA PHE B 1390 -22.16 11.51 0.28
C PHE B 1390 -22.05 12.50 -0.87
N TYR B 1391 -23.18 13.00 -1.35
CA TYR B 1391 -23.17 13.95 -2.46
C TYR B 1391 -22.59 15.28 -2.04
N GLU B 1392 -21.93 15.98 -2.95
CA GLU B 1392 -21.38 17.29 -2.63
C GLU B 1392 -21.24 18.10 -3.89
N CYS B 1393 -21.20 19.44 -3.78
CA CYS B 1393 -21.04 20.27 -4.95
C CYS B 1393 -19.56 20.54 -5.04
N ILE B 1394 -18.93 20.19 -6.15
CA ILE B 1394 -17.50 20.40 -6.26
C ILE B 1394 -17.09 21.21 -7.47
N ASN B 1395 -15.99 21.95 -7.36
CA ASN B 1395 -15.52 22.74 -8.48
C ASN B 1395 -14.83 21.69 -9.31
N THR B 1396 -15.26 21.56 -10.55
CA THR B 1396 -14.74 20.57 -11.47
C THR B 1396 -13.27 20.73 -11.82
N THR B 1397 -12.80 21.96 -11.94
CA THR B 1397 -11.40 22.19 -12.30
C THR B 1397 -10.39 21.63 -11.31
N ASP B 1398 -10.59 21.84 -10.01
CA ASP B 1398 -9.67 21.30 -9.01
C ASP B 1398 -10.31 20.31 -8.05
N GLY B 1399 -11.57 19.97 -8.26
CA GLY B 1399 -12.25 19.04 -7.39
C GLY B 1399 -12.31 19.45 -5.93
N SER B 1400 -12.54 20.73 -5.66
CA SER B 1400 -12.62 21.22 -4.29
C SER B 1400 -14.04 21.54 -3.90
N ARG B 1401 -14.51 20.96 -2.81
CA ARG B 1401 -15.87 21.18 -2.33
C ARG B 1401 -16.07 22.64 -2.00
N PHE B 1402 -17.26 23.15 -2.28
CA PHE B 1402 -17.55 24.53 -1.96
C PHE B 1402 -17.67 24.69 -0.45
N PRO B 1403 -17.59 25.92 0.03
CA PRO B 1403 -17.62 26.19 1.48
C PRO B 1403 -18.85 25.78 2.28
N ALA B 1404 -20.04 25.90 1.70
CA ALA B 1404 -21.32 25.61 2.35
C ALA B 1404 -21.90 26.90 2.93
N SER B 1405 -21.08 27.94 2.93
CA SER B 1405 -21.52 29.28 3.32
C SER B 1405 -22.49 29.69 2.20
N GLN B 1406 -22.14 29.27 0.98
CA GLN B 1406 -22.88 29.48 -0.23
C GLN B 1406 -23.10 28.06 -0.70
N VAL B 1407 -24.13 27.81 -1.49
CA VAL B 1407 -24.44 26.46 -1.97
C VAL B 1407 -24.64 25.43 -0.86
N PRO B 1408 -25.45 25.83 0.19
CA PRO B 1408 -25.63 24.83 1.26
C PRO B 1408 -26.32 23.52 0.90
N ASN B 1409 -27.36 23.56 0.08
CA ASN B 1409 -28.11 22.36 -0.30
C ASN B 1409 -28.03 22.06 -1.78
N ARG B 1410 -28.51 20.88 -2.17
CA ARG B 1410 -28.49 20.47 -3.55
C ARG B 1410 -29.27 21.43 -4.40
N SER B 1411 -30.39 21.93 -3.89
CA SER B 1411 -31.21 22.85 -4.64
C SER B 1411 -30.42 24.10 -4.97
N GLU B 1412 -29.66 24.59 -4.00
CA GLU B 1412 -28.82 25.76 -4.18
C GLU B 1412 -27.71 25.53 -5.18
N CYS B 1413 -27.15 24.31 -5.17
CA CYS B 1413 -26.07 23.95 -6.06
C CYS B 1413 -26.48 24.02 -7.51
N PHE B 1414 -27.69 23.60 -7.81
CA PHE B 1414 -28.15 23.63 -9.19
C PHE B 1414 -28.26 25.04 -9.74
N ALA B 1415 -28.68 25.98 -8.92
CA ALA B 1415 -28.79 27.36 -9.37
C ALA B 1415 -27.43 27.87 -9.81
N LEU B 1416 -26.38 27.47 -9.11
CA LEU B 1416 -25.03 27.88 -9.44
C LEU B 1416 -24.64 27.37 -10.81
N MET B 1417 -25.00 26.14 -11.13
CA MET B 1417 -24.66 25.55 -12.42
C MET B 1417 -25.28 26.32 -13.55
N ASN B 1418 -26.52 26.73 -13.37
CA ASN B 1418 -27.23 27.44 -14.41
C ASN B 1418 -26.51 28.75 -14.75
N VAL B 1419 -25.90 29.39 -13.75
CA VAL B 1419 -25.12 30.60 -14.00
C VAL B 1419 -23.61 30.34 -14.00
N SER B 1420 -23.18 29.10 -13.74
CA SER B 1420 -21.76 28.76 -13.74
C SER B 1420 -21.45 27.47 -14.49
N GLN B 1421 -20.42 27.51 -15.32
CA GLN B 1421 -20.01 26.38 -16.17
C GLN B 1421 -19.47 25.04 -15.62
N ASN B 1422 -18.61 25.07 -14.61
CA ASN B 1422 -18.00 23.84 -14.11
C ASN B 1422 -18.34 23.29 -12.74
N VAL B 1423 -19.51 23.59 -12.20
CA VAL B 1423 -19.81 23.14 -10.87
C VAL B 1423 -20.65 21.89 -11.02
N ARG B 1424 -20.31 20.84 -10.28
CA ARG B 1424 -21.03 19.58 -10.39
C ARG B 1424 -21.48 19.06 -9.04
N TRP B 1425 -22.65 18.44 -8.98
CA TRP B 1425 -23.15 17.87 -7.75
C TRP B 1425 -22.89 16.40 -7.97
N LYS B 1426 -21.96 15.79 -7.24
CA LYS B 1426 -21.66 14.39 -7.49
C LYS B 1426 -21.38 13.44 -6.33
N ASN B 1427 -21.78 12.19 -6.51
CA ASN B 1427 -21.62 11.10 -5.55
C ASN B 1427 -20.22 10.50 -5.53
N LEU B 1428 -19.89 9.78 -4.47
CA LEU B 1428 -18.59 9.14 -4.29
C LEU B 1428 -18.12 8.00 -5.23
N LYS B 1429 -19.05 7.14 -5.63
CA LYS B 1429 -18.82 5.98 -6.52
C LYS B 1429 -18.68 4.70 -5.73
N VAL B 1430 -18.23 4.81 -4.50
CA VAL B 1430 -18.15 3.68 -3.61
C VAL B 1430 -18.78 4.32 -2.38
N ASN B 1431 -19.92 3.81 -1.96
CA ASN B 1431 -20.59 4.42 -0.84
C ASN B 1431 -21.61 3.50 -0.24
N PHE B 1432 -22.46 4.07 0.61
CA PHE B 1432 -23.49 3.33 1.31
C PHE B 1432 -24.91 3.54 0.81
N ASP B 1433 -25.07 3.89 -0.46
CA ASP B 1433 -26.39 4.15 -1.02
C ASP B 1433 -27.32 2.95 -0.93
N ASN B 1434 -26.81 1.74 -1.13
CA ASN B 1434 -27.64 0.55 -1.03
C ASN B 1434 -26.86 -0.53 -0.32
N VAL B 1435 -27.51 -1.61 0.08
CA VAL B 1435 -26.79 -2.66 0.77
C VAL B 1435 -25.66 -3.29 -0.04
N GLY B 1436 -25.86 -3.48 -1.34
CA GLY B 1436 -24.81 -4.06 -2.15
C GLY B 1436 -23.58 -3.19 -2.19
N LEU B 1437 -23.77 -1.89 -2.38
CA LEU B 1437 -22.68 -0.94 -2.41
C LEU B 1437 -21.98 -0.86 -1.07
N GLY B 1438 -22.74 -0.95 0.00
CA GLY B 1438 -22.20 -0.89 1.33
C GLY B 1438 -21.21 -2.01 1.52
N TYR B 1439 -21.49 -3.16 0.93
CA TYR B 1439 -20.58 -4.29 1.05
C TYR B 1439 -19.26 -3.93 0.43
N LEU B 1440 -19.27 -3.22 -0.69
CA LEU B 1440 -18.04 -2.80 -1.33
C LEU B 1440 -17.28 -1.78 -0.48
N SER B 1441 -18.01 -0.84 0.11
CA SER B 1441 -17.40 0.17 0.95
C SER B 1441 -16.75 -0.48 2.13
N LEU B 1442 -17.42 -1.48 2.69
CA LEU B 1442 -16.88 -2.20 3.82
C LEU B 1442 -15.61 -2.94 3.45
N LEU B 1443 -15.59 -3.51 2.26
CA LEU B 1443 -14.42 -4.26 1.84
C LEU B 1443 -13.19 -3.39 1.80
N GLN B 1444 -13.32 -2.16 1.32
CA GLN B 1444 -12.18 -1.26 1.27
C GLN B 1444 -11.69 -0.92 2.67
N VAL B 1445 -12.60 -0.66 3.60
CA VAL B 1445 -12.24 -0.35 4.97
C VAL B 1445 -11.56 -1.55 5.61
N ALA B 1446 -12.04 -2.73 5.31
CA ALA B 1446 -11.47 -3.94 5.88
C ALA B 1446 -10.03 -4.12 5.46
N THR B 1447 -9.72 -3.82 4.21
CA THR B 1447 -8.37 -3.96 3.69
C THR B 1447 -7.52 -2.71 3.88
N PHE B 1448 -8.13 -1.63 4.33
CA PHE B 1448 -7.39 -0.40 4.57
C PHE B 1448 -6.96 0.30 3.32
N LYS B 1449 -7.49 -0.11 2.17
CA LYS B 1449 -7.11 0.54 0.93
C LYS B 1449 -8.30 1.31 0.43
N GLY B 1450 -8.14 2.62 0.32
CA GLY B 1450 -9.19 3.48 -0.15
C GLY B 1450 -10.16 3.82 0.96
N TRP B 1451 -9.87 3.33 2.15
CA TRP B 1451 -10.70 3.55 3.32
C TRP B 1451 -10.81 4.97 3.80
N THR B 1452 -9.72 5.72 3.77
CA THR B 1452 -9.74 7.09 4.24
C THR B 1452 -10.62 8.04 3.46
N ILE B 1453 -10.76 7.88 2.13
CA ILE B 1453 -11.61 8.78 1.35
C ILE B 1453 -13.05 8.63 1.84
N ILE B 1454 -13.44 7.39 2.11
CA ILE B 1454 -14.77 7.11 2.62
C ILE B 1454 -15.04 7.70 3.99
N MET B 1455 -14.08 7.59 4.91
CA MET B 1455 -14.24 8.11 6.26
C MET B 1455 -14.38 9.62 6.27
N TYR B 1456 -13.65 10.30 5.42
CA TYR B 1456 -13.75 11.73 5.35
C TYR B 1456 -15.16 12.09 4.98
N ALA B 1457 -15.72 11.32 4.06
CA ALA B 1457 -17.08 11.54 3.61
C ALA B 1457 -18.09 11.32 4.70
N ALA B 1458 -17.88 10.27 5.49
CA ALA B 1458 -18.81 9.95 6.56
C ALA B 1458 -18.88 11.01 7.64
N VAL B 1459 -17.74 11.47 8.11
CA VAL B 1459 -17.69 12.50 9.15
C VAL B 1459 -18.19 13.86 8.67
N ASP B 1460 -17.87 14.18 7.43
CA ASP B 1460 -18.26 15.43 6.80
C ASP B 1460 -19.77 15.57 6.63
N SER B 1461 -20.43 14.46 6.37
CA SER B 1461 -21.87 14.40 6.08
C SER B 1461 -22.84 14.96 7.10
N VAL B 1462 -23.84 15.66 6.60
CA VAL B 1462 -24.88 16.26 7.43
C VAL B 1462 -26.29 15.69 7.20
N ASN B 1463 -26.82 15.83 5.99
CA ASN B 1463 -28.17 15.35 5.65
C ASN B 1463 -28.28 14.89 4.21
N VAL B 1464 -29.40 14.27 3.84
CA VAL B 1464 -29.57 13.73 2.49
C VAL B 1464 -29.48 14.68 1.29
N ASP B 1465 -30.11 15.84 1.36
CA ASP B 1465 -30.04 16.77 0.24
C ASP B 1465 -29.23 18.00 0.58
N LYS B 1466 -28.44 17.93 1.64
CA LYS B 1466 -27.66 19.07 2.10
C LYS B 1466 -26.17 18.91 1.87
N GLN B 1467 -25.51 20.02 1.53
CA GLN B 1467 -24.08 20.03 1.29
C GLN B 1467 -23.33 19.67 2.56
N PRO B 1468 -22.24 18.82 2.41
CA PRO B 1468 -21.57 18.46 3.66
C PRO B 1468 -20.66 19.49 4.30
N LYS B 1469 -20.82 19.70 5.59
CA LYS B 1469 -20.01 20.62 6.37
C LYS B 1469 -18.74 19.88 6.75
N TYR B 1470 -17.66 20.61 7.05
CA TYR B 1470 -16.40 19.97 7.40
C TYR B 1470 -16.38 19.46 8.82
N GLU B 1471 -16.25 18.15 8.95
CA GLU B 1471 -16.22 17.45 10.23
C GLU B 1471 -17.43 17.71 11.11
N TYR B 1472 -18.63 17.72 10.54
CA TYR B 1472 -19.85 17.90 11.33
C TYR B 1472 -20.08 16.73 12.27
N SER B 1473 -20.09 15.52 11.72
CA SER B 1473 -20.30 14.30 12.51
C SER B 1473 -19.16 13.90 13.45
N LEU B 1474 -17.94 14.12 13.01
CA LEU B 1474 -16.75 13.80 13.78
C LEU B 1474 -16.77 12.53 14.59
N TYR B 1475 -17.90 12.13 15.15
CA TYR B 1475 -17.91 10.92 15.97
C TYR B 1475 -18.30 9.68 15.20
N MET B 1476 -18.59 9.86 13.93
CA MET B 1476 -18.94 8.74 13.08
C MET B 1476 -17.70 7.91 12.84
N TYR B 1477 -16.55 8.45 13.19
CA TYR B 1477 -15.29 7.77 13.02
C TYR B 1477 -15.42 6.54 13.86
N ILE B 1478 -16.06 6.68 15.00
CA ILE B 1478 -16.24 5.56 15.90
C ILE B 1478 -16.84 4.34 15.20
N TYR B 1479 -17.74 4.56 14.25
CA TYR B 1479 -18.35 3.46 13.56
C TYR B 1479 -17.31 2.65 12.82
N PHE B 1480 -16.42 3.34 12.13
CA PHE B 1480 -15.35 2.67 11.39
C PHE B 1480 -14.39 1.95 12.32
N VAL B 1481 -14.09 2.55 13.46
CA VAL B 1481 -13.20 1.92 14.42
C VAL B 1481 -13.81 0.62 14.93
N VAL B 1482 -15.10 0.64 15.24
CA VAL B 1482 -15.77 -0.56 15.73
C VAL B 1482 -15.82 -1.63 14.67
N PHE B 1483 -16.06 -1.26 13.41
CA PHE B 1483 -16.10 -2.23 12.33
C PHE B 1483 -14.75 -2.90 12.12
N ILE B 1484 -13.69 -2.10 12.18
CA ILE B 1484 -12.36 -2.62 11.98
C ILE B 1484 -12.02 -3.63 13.05
N ILE B 1485 -12.34 -3.33 14.29
CA ILE B 1485 -12.04 -4.27 15.35
C ILE B 1485 -12.85 -5.55 15.20
N PHE B 1486 -14.14 -5.42 14.90
CA PHE B 1486 -14.99 -6.59 14.73
C PHE B 1486 -14.97 -7.18 13.34
N GLY B 1487 -15.09 -6.33 12.35
CA GLY B 1487 -15.09 -6.77 10.97
C GLY B 1487 -13.78 -7.33 10.44
N SER B 1488 -12.69 -6.66 10.75
CA SER B 1488 -11.41 -7.10 10.26
C SER B 1488 -10.57 -7.89 11.26
N PHE B 1489 -10.41 -7.38 12.48
CA PHE B 1489 -9.59 -8.10 13.44
C PHE B 1489 -10.17 -9.45 13.85
N PHE B 1490 -11.45 -9.50 14.19
CA PHE B 1490 -12.06 -10.77 14.58
C PHE B 1490 -12.29 -11.80 13.49
N THR B 1491 -12.86 -11.37 12.36
CA THR B 1491 -13.13 -12.28 11.27
C THR B 1491 -11.85 -12.84 10.68
N LEU B 1492 -10.86 -11.98 10.53
CA LEU B 1492 -9.58 -12.39 10.00
C LEU B 1492 -9.05 -13.42 10.96
N ASN B 1493 -9.29 -13.20 12.25
CA ASN B 1493 -8.83 -14.14 13.24
C ASN B 1493 -9.50 -15.46 12.96
N LEU B 1494 -10.80 -15.40 12.68
CA LEU B 1494 -11.56 -16.59 12.36
C LEU B 1494 -11.16 -17.21 11.02
N PHE B 1495 -10.92 -16.37 10.02
CA PHE B 1495 -10.55 -16.84 8.68
C PHE B 1495 -9.24 -17.58 8.73
N ILE B 1496 -8.27 -17.01 9.42
CA ILE B 1496 -6.96 -17.62 9.56
C ILE B 1496 -7.02 -18.89 10.37
N GLY B 1497 -7.81 -18.88 11.43
CA GLY B 1497 -7.89 -20.05 12.27
C GLY B 1497 -8.44 -21.26 11.58
N VAL B 1498 -9.52 -21.10 10.84
CA VAL B 1498 -10.10 -22.24 10.13
C VAL B 1498 -9.23 -22.77 8.99
N ILE B 1499 -8.69 -21.88 8.19
CA ILE B 1499 -7.88 -22.31 7.06
C ILE B 1499 -6.63 -23.05 7.47
N ILE B 1500 -5.89 -22.55 8.44
CA ILE B 1500 -4.70 -23.27 8.86
C ILE B 1500 -5.09 -24.61 9.47
N ASP B 1501 -6.16 -24.62 10.25
CA ASP B 1501 -6.58 -25.88 10.86
C ASP B 1501 -7.02 -26.90 9.81
N ASN B 1502 -7.73 -26.44 8.80
CA ASN B 1502 -8.18 -27.36 7.77
C ASN B 1502 -6.97 -27.97 7.11
N PHE B 1503 -5.95 -27.15 6.91
CA PHE B 1503 -4.71 -27.59 6.30
C PHE B 1503 -4.10 -28.66 7.19
N ASN B 1504 -4.23 -28.48 8.50
CA ASN B 1504 -3.69 -29.45 9.44
C ASN B 1504 -4.35 -30.83 9.28
N GLN B 1505 -5.66 -30.83 9.10
CA GLN B 1505 -6.39 -32.09 8.92
C GLN B 1505 -5.96 -32.79 7.64
N GLN B 1506 -5.74 -32.02 6.58
CA GLN B 1506 -5.33 -32.59 5.31
C GLN B 1506 -3.99 -33.29 5.44
N LYS B 1507 -3.08 -32.67 6.17
CA LYS B 1507 -1.75 -33.24 6.36
C LYS B 1507 -1.85 -34.55 7.11
N LYS B 1508 -2.75 -34.60 8.09
CA LYS B 1508 -2.96 -35.80 8.87
C LYS B 1508 -3.47 -36.95 8.02
N LYS B 1509 -4.39 -36.65 7.11
CA LYS B 1509 -4.96 -37.70 6.27
C LYS B 1509 -3.95 -38.40 5.36
N LEU B 1510 -3.11 -37.61 4.68
CA LEU B 1510 -2.16 -38.22 3.78
C LEU B 1510 -0.88 -38.64 4.50
N GLY B 1511 -1.05 -39.51 5.47
CA GLY B 1511 0.08 -40.07 6.19
C GLY B 1511 1.09 -39.11 6.78
N GLY B 1512 0.63 -37.98 7.30
CA GLY B 1512 1.53 -37.00 7.90
C GLY B 1512 2.66 -36.55 6.99
N GLN B 1513 2.34 -36.31 5.72
CA GLN B 1513 3.33 -35.88 4.74
C GLN B 1513 3.00 -34.49 4.22
N ASP B 1514 4.02 -33.69 3.93
CA ASP B 1514 3.75 -32.34 3.46
C ASP B 1514 2.92 -32.43 2.20
N ILE B 1515 1.91 -31.57 2.14
CA ILE B 1515 0.97 -31.54 1.04
C ILE B 1515 1.29 -30.50 -0.04
N PHE B 1516 2.43 -29.83 0.09
CA PHE B 1516 2.80 -28.82 -0.89
C PHE B 1516 3.91 -29.23 -1.86
N MET B 1517 4.29 -30.49 -1.88
CA MET B 1517 5.35 -30.92 -2.79
C MET B 1517 5.06 -32.19 -3.60
N THR B 1518 5.59 -32.22 -4.81
CA THR B 1518 5.43 -33.35 -5.71
C THR B 1518 6.32 -34.44 -5.18
N GLU B 1519 6.09 -35.69 -5.56
CA GLU B 1519 6.88 -36.80 -5.05
C GLU B 1519 8.38 -36.66 -5.24
N GLU B 1520 8.81 -36.16 -6.38
CA GLU B 1520 10.24 -35.99 -6.62
C GLU B 1520 10.81 -34.96 -5.68
N GLN B 1521 10.05 -33.92 -5.42
CA GLN B 1521 10.47 -32.85 -4.53
C GLN B 1521 10.71 -33.41 -3.15
N LYS B 1522 9.88 -34.37 -2.75
CA LYS B 1522 10.01 -34.96 -1.44
C LYS B 1522 11.36 -35.64 -1.24
N LYS B 1523 11.86 -36.33 -2.25
CA LYS B 1523 13.15 -37.00 -2.12
C LYS B 1523 14.22 -35.94 -1.87
N TYR B 1524 14.14 -34.85 -2.63
CA TYR B 1524 15.10 -33.76 -2.50
C TYR B 1524 15.03 -33.07 -1.15
N TYR B 1525 13.83 -32.92 -0.62
CA TYR B 1525 13.63 -32.27 0.66
C TYR B 1525 14.37 -33.03 1.74
N ASN B 1526 14.34 -34.36 1.66
CA ASN B 1526 15.03 -35.20 2.63
C ASN B 1526 16.53 -35.01 2.62
N ALA B 1527 17.09 -34.83 1.43
CA ALA B 1527 18.54 -34.62 1.31
C ALA B 1527 18.97 -33.35 2.02
N MET B 1528 18.17 -32.30 1.88
CA MET B 1528 18.45 -31.02 2.53
C MET B 1528 18.40 -31.19 4.04
N LYS B 1529 17.56 -32.07 4.51
CA LYS B 1529 17.41 -32.36 5.93
C LYS B 1529 18.74 -32.87 6.48
N LYS B 1530 19.45 -33.63 5.67
CA LYS B 1530 20.73 -34.21 6.05
C LYS B 1530 21.80 -33.17 6.40
N LEU B 1531 21.74 -32.01 5.75
CA LEU B 1531 22.71 -30.93 5.97
C LEU B 1531 22.67 -30.43 7.42
N GLY B 1532 21.55 -30.66 8.10
CA GLY B 1532 21.37 -30.25 9.48
C GLY B 1532 22.35 -30.89 10.46
N SER B 1533 22.74 -32.13 10.19
CA SER B 1533 23.66 -32.87 11.06
C SER B 1533 25.03 -32.24 11.27
N LYS B 1534 25.53 -32.36 12.50
CA LYS B 1534 26.80 -31.81 12.94
C LYS B 1534 27.91 -32.84 13.15
N LYS B 1535 27.79 -34.03 12.58
CA LYS B 1535 28.82 -35.04 12.83
C LYS B 1535 30.15 -34.44 12.43
N PRO B 1536 31.19 -34.62 13.25
CA PRO B 1536 32.46 -33.97 12.86
C PRO B 1536 33.16 -34.50 11.61
N GLN B 1537 33.62 -33.55 10.79
CA GLN B 1537 34.37 -33.81 9.58
C GLN B 1537 35.81 -34.05 10.02
N LYS B 1538 36.65 -34.62 9.16
CA LYS B 1538 38.05 -34.86 9.54
C LYS B 1538 38.82 -33.58 9.88
N PRO B 1539 39.68 -33.66 10.95
CA PRO B 1539 40.40 -32.42 11.30
C PRO B 1539 41.40 -31.84 10.28
N ILE B 1540 42.13 -32.73 9.63
CA ILE B 1540 43.16 -32.44 8.65
C ILE B 1540 44.51 -32.57 9.35
N PRO B 1541 45.57 -32.91 8.53
CA PRO B 1541 46.86 -33.05 9.24
C PRO B 1541 47.79 -31.94 8.84
N ARG B 1542 48.45 -31.30 9.80
CA ARG B 1542 49.34 -30.23 9.44
C ARG B 1542 50.40 -30.82 8.55
N PRO B 1543 50.75 -30.05 7.46
CA PRO B 1543 51.78 -30.66 6.60
C PRO B 1543 53.02 -30.79 7.44
N GLY B 1544 53.91 -31.70 7.06
CA GLY B 1544 55.12 -31.94 7.84
C GLY B 1544 56.00 -30.71 7.98
N ASN B 1545 56.13 -29.93 6.92
CA ASN B 1545 56.97 -28.74 6.98
C ASN B 1545 56.47 -27.75 8.04
N LYS B 1546 57.41 -27.26 8.84
CA LYS B 1546 57.12 -26.30 9.90
C LYS B 1546 56.64 -25.00 9.32
N ILE B 1547 57.26 -24.59 8.21
CA ILE B 1547 56.90 -23.34 7.57
C ILE B 1547 55.47 -23.48 7.13
N GLN B 1548 55.15 -24.62 6.55
CA GLN B 1548 53.79 -24.90 6.12
C GLN B 1548 52.91 -25.07 7.36
N GLY B 1549 53.45 -25.76 8.35
CA GLY B 1549 52.72 -26.03 9.58
C GLY B 1549 52.34 -24.84 10.43
N CYS B 1550 53.25 -23.89 10.60
CA CYS B 1550 52.94 -22.74 11.42
C CYS B 1550 51.79 -21.96 10.81
N ILE B 1551 51.82 -21.81 9.49
CA ILE B 1551 50.76 -21.10 8.82
C ILE B 1551 49.49 -21.88 9.07
N PHE B 1552 49.59 -23.20 8.95
CA PHE B 1552 48.42 -24.02 9.21
C PHE B 1552 48.05 -23.85 10.66
N ASP B 1553 49.06 -23.80 11.51
CA ASP B 1553 48.82 -23.66 12.94
C ASP B 1553 48.13 -22.34 13.23
N LEU B 1554 48.59 -21.28 12.56
CA LEU B 1554 48.01 -19.96 12.72
C LEU B 1554 46.59 -19.90 12.21
N VAL B 1555 46.37 -20.47 11.03
CA VAL B 1555 45.06 -20.49 10.36
C VAL B 1555 44.00 -21.26 11.12
N THR B 1556 44.40 -22.39 11.68
CA THR B 1556 43.51 -23.25 12.43
C THR B 1556 42.92 -22.54 13.66
N ASN B 1557 43.74 -21.72 14.31
CA ASN B 1557 43.31 -21.04 15.52
C ASN B 1557 42.03 -20.23 15.34
N GLN B 1558 41.12 -20.43 16.28
CA GLN B 1558 39.82 -19.76 16.30
C GLN B 1558 39.97 -18.25 16.45
N ALA B 1559 40.96 -17.83 17.22
CA ALA B 1559 41.17 -16.41 17.44
C ALA B 1559 41.41 -15.71 16.12
N PHE B 1560 42.15 -16.36 15.22
CA PHE B 1560 42.43 -15.77 13.91
C PHE B 1560 41.13 -15.56 13.14
N ASP B 1561 40.22 -16.53 13.21
CA ASP B 1561 38.96 -16.42 12.51
C ASP B 1561 38.10 -15.27 13.02
N ILE B 1562 38.13 -15.03 14.33
CA ILE B 1562 37.34 -13.95 14.90
C ILE B 1562 37.86 -12.65 14.29
N SER B 1563 39.16 -12.56 14.09
CA SER B 1563 39.74 -11.36 13.53
C SER B 1563 39.18 -11.10 12.13
N ILE B 1564 39.03 -12.16 11.35
CA ILE B 1564 38.46 -12.00 10.01
C ILE B 1564 37.03 -11.53 10.10
N MET B 1565 36.27 -12.03 11.07
CA MET B 1565 34.88 -11.63 11.23
C MET B 1565 34.83 -10.13 11.52
N VAL B 1566 35.75 -9.67 12.35
CA VAL B 1566 35.81 -8.26 12.69
C VAL B 1566 36.14 -7.46 11.45
N LEU B 1567 37.03 -7.99 10.62
CA LEU B 1567 37.45 -7.31 9.40
C LEU B 1567 36.30 -7.11 8.42
N ILE B 1568 35.45 -8.12 8.28
CA ILE B 1568 34.31 -8.02 7.39
C ILE B 1568 33.34 -6.94 7.87
N CYS B 1569 33.14 -6.88 9.18
CA CYS B 1569 32.25 -5.87 9.75
C CYS B 1569 32.82 -4.50 9.43
N LEU B 1570 34.13 -4.37 9.52
CA LEU B 1570 34.79 -3.11 9.21
C LEU B 1570 34.55 -2.79 7.75
N ASN B 1571 34.57 -3.80 6.90
CA ASN B 1571 34.34 -3.60 5.48
C ASN B 1571 32.94 -3.09 5.23
N MET B 1572 31.98 -3.67 5.95
CA MET B 1572 30.57 -3.30 5.79
C MET B 1572 30.32 -1.86 6.14
N VAL B 1573 30.97 -1.36 7.18
CA VAL B 1573 30.79 0.02 7.59
C VAL B 1573 31.26 0.96 6.50
N THR B 1574 32.26 0.56 5.73
CA THR B 1574 32.78 1.40 4.65
C THR B 1574 31.75 1.65 3.56
N MET B 1575 30.96 0.63 3.23
CA MET B 1575 29.93 0.74 2.21
C MET B 1575 28.86 1.74 2.61
N MET B 1576 28.52 1.74 3.89
CA MET B 1576 27.51 2.62 4.47
C MET B 1576 27.84 4.10 4.35
N VAL B 1577 29.10 4.46 4.47
CA VAL B 1577 29.56 5.84 4.40
C VAL B 1577 29.29 6.51 3.06
N GLU B 1578 29.17 5.71 2.01
CA GLU B 1578 28.93 6.27 0.68
C GLU B 1578 27.60 7.01 0.66
N LYS B 1579 27.58 8.16 0.01
CA LYS B 1579 26.36 8.95 -0.07
C LYS B 1579 26.35 9.78 -1.33
N GLU B 1580 25.18 10.28 -1.72
CA GLU B 1580 25.06 11.07 -2.93
C GLU B 1580 25.85 12.37 -2.88
N GLY B 1581 26.53 12.70 -3.98
CA GLY B 1581 27.31 13.92 -4.07
C GLY B 1581 28.40 14.08 -3.03
N GLN B 1582 29.11 12.99 -2.74
CA GLN B 1582 30.18 12.99 -1.75
C GLN B 1582 31.45 13.82 -2.00
N SER B 1583 31.88 13.91 -3.26
CA SER B 1583 33.08 14.64 -3.73
C SER B 1583 34.26 13.72 -4.00
N GLN B 1584 35.20 14.19 -4.81
CA GLN B 1584 36.35 13.39 -5.21
C GLN B 1584 37.33 12.93 -4.14
N HIS B 1585 37.73 13.82 -3.23
CA HIS B 1585 38.69 13.41 -2.22
C HIS B 1585 38.04 12.30 -1.43
N MET B 1586 36.77 12.48 -1.12
CA MET B 1586 36.03 11.49 -0.39
C MET B 1586 35.90 10.20 -1.18
N THR B 1587 35.64 10.34 -2.47
CA THR B 1587 35.49 9.19 -3.35
C THR B 1587 36.76 8.39 -3.50
N GLU B 1588 37.89 9.09 -3.61
CA GLU B 1588 39.17 8.42 -3.76
C GLU B 1588 39.58 7.58 -2.56
N VAL B 1589 39.38 8.11 -1.36
CA VAL B 1589 39.76 7.37 -0.17
C VAL B 1589 38.95 6.09 -0.05
N LEU B 1590 37.66 6.17 -0.34
CA LEU B 1590 36.83 4.98 -0.24
C LEU B 1590 37.32 3.95 -1.23
N TYR B 1591 37.71 4.38 -2.42
CA TYR B 1591 38.19 3.43 -3.40
C TYR B 1591 39.44 2.74 -2.91
N TRP B 1592 40.37 3.51 -2.34
CA TRP B 1592 41.61 2.94 -1.82
C TRP B 1592 41.43 2.02 -0.62
N ILE B 1593 40.53 2.38 0.29
CA ILE B 1593 40.30 1.54 1.45
C ILE B 1593 39.77 0.22 0.96
N ASN B 1594 38.93 0.28 -0.08
CA ASN B 1594 38.33 -0.93 -0.63
C ASN B 1594 39.37 -1.90 -1.17
N VAL B 1595 40.40 -1.36 -1.83
CA VAL B 1595 41.45 -2.18 -2.39
C VAL B 1595 42.17 -2.94 -1.29
N VAL B 1596 42.45 -2.29 -0.18
CA VAL B 1596 43.15 -2.96 0.90
C VAL B 1596 42.30 -4.11 1.39
N PHE B 1597 41.00 -3.91 1.46
CA PHE B 1597 40.13 -4.96 1.91
C PHE B 1597 40.19 -6.16 0.97
N ILE B 1598 40.20 -5.91 -0.33
CA ILE B 1598 40.28 -7.01 -1.27
C ILE B 1598 41.59 -7.76 -1.10
N ILE B 1599 42.69 -7.03 -0.91
CA ILE B 1599 43.98 -7.67 -0.73
C ILE B 1599 44.03 -8.53 0.53
N LEU B 1600 43.50 -8.02 1.64
CA LEU B 1600 43.53 -8.79 2.87
C LEU B 1600 42.68 -10.05 2.75
N PHE B 1601 41.50 -9.90 2.18
CA PHE B 1601 40.62 -11.04 2.02
C PHE B 1601 41.21 -12.08 1.08
N THR B 1602 41.81 -11.63 0.00
CA THR B 1602 42.47 -12.51 -0.95
C THR B 1602 43.62 -13.14 -0.21
N GLY B 1603 44.26 -12.36 0.65
CA GLY B 1603 45.37 -12.86 1.41
C GLY B 1603 44.98 -13.98 2.35
N GLU B 1604 43.84 -13.85 3.00
CA GLU B 1604 43.38 -14.89 3.90
C GLU B 1604 43.11 -16.17 3.14
N CYS B 1605 42.52 -16.05 1.97
CA CYS B 1605 42.21 -17.22 1.17
C CYS B 1605 43.47 -17.98 0.78
N VAL B 1606 44.52 -17.27 0.40
CA VAL B 1606 45.76 -17.93 0.03
C VAL B 1606 46.36 -18.66 1.22
N LEU B 1607 46.30 -18.03 2.38
CA LEU B 1607 46.86 -18.63 3.60
C LEU B 1607 46.15 -19.91 3.99
N LYS B 1608 44.84 -19.94 3.91
CA LYS B 1608 44.11 -21.15 4.26
C LYS B 1608 44.53 -22.25 3.29
N LEU B 1609 44.68 -21.87 2.02
CA LEU B 1609 45.07 -22.80 0.99
C LEU B 1609 46.46 -23.39 1.16
N ILE B 1610 47.43 -22.58 1.60
CA ILE B 1610 48.77 -23.10 1.77
C ILE B 1610 48.79 -24.19 2.82
N SER B 1611 48.18 -23.93 3.97
CA SER B 1611 48.12 -24.94 5.02
C SER B 1611 47.17 -26.12 4.80
N LEU B 1612 45.94 -25.80 4.41
CA LEU B 1612 44.88 -26.79 4.19
C LEU B 1612 44.98 -27.78 3.02
N ARG B 1613 45.46 -27.26 1.89
CA ARG B 1613 45.62 -28.00 0.66
C ARG B 1613 44.28 -28.54 0.14
N HIS B 1614 44.23 -29.82 -0.20
CA HIS B 1614 43.00 -30.39 -0.71
C HIS B 1614 41.90 -30.30 0.33
N TYR B 1615 42.29 -30.36 1.59
CA TYR B 1615 41.31 -30.33 2.66
C TYR B 1615 40.47 -29.05 2.62
N TYR B 1616 41.07 -27.94 2.21
CA TYR B 1616 40.33 -26.69 2.19
C TYR B 1616 39.09 -26.77 1.31
N PHE B 1617 39.19 -27.43 0.17
CA PHE B 1617 38.05 -27.52 -0.74
C PHE B 1617 36.90 -28.35 -0.22
N THR B 1618 37.17 -29.15 0.81
CA THR B 1618 36.14 -30.00 1.38
C THR B 1618 34.97 -29.24 1.99
N VAL B 1619 35.25 -28.16 2.72
CA VAL B 1619 34.19 -27.39 3.36
C VAL B 1619 33.37 -26.54 2.41
N GLY B 1620 32.05 -26.57 2.59
CA GLY B 1620 31.15 -25.80 1.77
C GLY B 1620 31.36 -24.32 1.92
N TRP B 1621 31.56 -23.87 3.15
CA TRP B 1621 31.76 -22.45 3.40
C TRP B 1621 33.02 -21.91 2.76
N ASN B 1622 34.07 -22.71 2.77
CA ASN B 1622 35.34 -22.27 2.19
C ASN B 1622 35.13 -22.01 0.72
N ILE B 1623 34.35 -22.85 0.05
CA ILE B 1623 34.10 -22.65 -1.36
C ILE B 1623 33.36 -21.35 -1.62
N PHE B 1624 32.39 -21.02 -0.76
CA PHE B 1624 31.67 -19.77 -0.94
C PHE B 1624 32.63 -18.63 -0.77
N ASP B 1625 33.51 -18.76 0.22
CA ASP B 1625 34.51 -17.73 0.51
C ASP B 1625 35.47 -17.57 -0.66
N PHE B 1626 35.88 -18.69 -1.25
CA PHE B 1626 36.79 -18.66 -2.37
C PHE B 1626 36.14 -18.01 -3.58
N VAL B 1627 34.88 -18.34 -3.82
CA VAL B 1627 34.15 -17.78 -4.95
C VAL B 1627 33.96 -16.27 -4.80
N VAL B 1628 33.73 -15.81 -3.58
CA VAL B 1628 33.52 -14.39 -3.37
C VAL B 1628 34.74 -13.58 -3.75
N VAL B 1629 35.93 -14.10 -3.44
CA VAL B 1629 37.16 -13.42 -3.78
C VAL B 1629 37.33 -13.28 -5.28
N ILE B 1630 37.02 -14.34 -6.03
CA ILE B 1630 37.14 -14.31 -7.48
C ILE B 1630 36.21 -13.26 -8.05
N ILE B 1631 34.98 -13.21 -7.54
CA ILE B 1631 34.02 -12.23 -8.02
C ILE B 1631 34.45 -10.80 -7.71
N SER B 1632 34.99 -10.61 -6.50
CA SER B 1632 35.44 -9.29 -6.03
C SER B 1632 36.58 -8.67 -6.82
N ILE B 1633 37.59 -9.45 -7.17
CA ILE B 1633 38.70 -8.93 -7.95
C ILE B 1633 38.24 -8.58 -9.35
N VAL B 1634 37.44 -9.47 -9.94
CA VAL B 1634 36.92 -9.28 -11.28
C VAL B 1634 36.03 -8.05 -11.33
N GLY B 1635 35.22 -7.85 -10.29
CA GLY B 1635 34.31 -6.72 -10.25
C GLY B 1635 35.08 -5.41 -10.26
N MET B 1636 36.16 -5.34 -9.50
CA MET B 1636 36.97 -4.14 -9.47
C MET B 1636 37.64 -3.87 -10.81
N PHE B 1637 38.24 -4.91 -11.38
CA PHE B 1637 38.93 -4.80 -12.66
C PHE B 1637 38.01 -4.47 -13.82
N LEU B 1638 36.87 -5.14 -13.87
CA LEU B 1638 35.92 -4.92 -14.94
C LEU B 1638 35.40 -3.50 -14.91
N ALA B 1639 35.15 -3.00 -13.72
CA ALA B 1639 34.65 -1.65 -13.56
C ALA B 1639 35.69 -0.71 -14.14
N ASP B 1640 36.96 -1.03 -13.83
CA ASP B 1640 38.11 -0.28 -14.31
C ASP B 1640 38.26 -0.36 -15.81
N LEU B 1641 38.08 -1.54 -16.37
CA LEU B 1641 38.15 -1.72 -17.81
C LEU B 1641 37.00 -0.92 -18.43
N ILE B 1642 35.84 -1.01 -17.77
CA ILE B 1642 34.65 -0.33 -18.27
C ILE B 1642 34.93 1.16 -18.29
N GLU B 1643 35.60 1.65 -17.25
CA GLU B 1643 35.92 3.05 -17.20
C GLU B 1643 36.85 3.43 -18.35
N THR B 1644 37.86 2.59 -18.61
CA THR B 1644 38.74 2.90 -19.73
C THR B 1644 37.97 2.80 -21.06
N TYR B 1645 37.21 1.73 -21.24
CA TYR B 1645 36.41 1.58 -22.45
C TYR B 1645 35.32 2.62 -22.46
N PHE B 1646 34.70 2.82 -21.30
CA PHE B 1646 33.65 3.82 -21.16
C PHE B 1646 32.34 3.33 -21.77
N VAL B 1647 31.43 4.27 -22.01
CA VAL B 1647 30.13 3.96 -22.59
C VAL B 1647 29.30 3.00 -21.74
N SER B 1648 28.28 3.57 -21.11
CA SER B 1648 27.31 2.86 -20.27
C SER B 1648 27.64 2.80 -18.78
N PRO B 1649 27.05 3.71 -18.02
CA PRO B 1649 27.19 3.75 -16.56
C PRO B 1649 26.48 2.61 -15.85
N THR B 1650 25.30 2.26 -16.35
CA THR B 1650 24.42 1.25 -15.77
C THR B 1650 25.01 -0.15 -15.66
N LEU B 1651 25.77 -0.57 -16.63
CA LEU B 1651 26.37 -1.89 -16.55
C LEU B 1651 27.30 -1.88 -15.36
N PHE B 1652 27.96 -0.74 -15.15
CA PHE B 1652 28.92 -0.55 -14.08
C PHE B 1652 28.35 -0.66 -12.66
N ARG B 1653 27.20 -0.07 -12.41
CA ARG B 1653 26.63 -0.16 -11.07
C ARG B 1653 26.32 -1.61 -10.75
N VAL B 1654 25.75 -2.33 -11.70
CA VAL B 1654 25.42 -3.72 -11.48
C VAL B 1654 26.66 -4.54 -11.21
N ILE B 1655 27.75 -4.18 -11.87
CA ILE B 1655 29.02 -4.87 -11.70
C ILE B 1655 29.56 -4.74 -10.28
N ARG B 1656 29.42 -3.55 -9.72
CA ARG B 1656 29.90 -3.31 -8.37
C ARG B 1656 29.13 -4.14 -7.35
N LEU B 1657 27.92 -4.54 -7.71
CA LEU B 1657 27.05 -5.24 -6.79
C LEU B 1657 27.79 -6.46 -6.26
N ALA B 1658 28.88 -6.82 -6.92
CA ALA B 1658 29.67 -7.98 -6.52
C ALA B 1658 30.27 -7.82 -5.12
N ARG B 1659 30.61 -6.60 -4.73
CA ARG B 1659 31.22 -6.44 -3.42
C ARG B 1659 30.27 -6.87 -2.32
N ILE B 1660 28.98 -6.70 -2.51
CA ILE B 1660 28.05 -7.07 -1.47
C ILE B 1660 28.25 -8.53 -1.12
N GLY B 1661 28.89 -9.28 -2.01
CA GLY B 1661 29.11 -10.69 -1.73
C GLY B 1661 29.90 -10.94 -0.46
N ARG B 1662 30.91 -10.14 -0.18
CA ARG B 1662 31.72 -10.35 1.02
C ARG B 1662 30.90 -10.20 2.31
N ILE B 1663 29.96 -9.28 2.32
CA ILE B 1663 29.11 -9.04 3.48
C ILE B 1663 28.32 -10.28 3.83
N LEU B 1664 27.98 -11.06 2.82
CA LEU B 1664 27.21 -12.28 3.01
C LEU B 1664 27.95 -13.30 3.88
N ARG B 1665 29.27 -13.24 3.91
CA ARG B 1665 30.09 -14.16 4.69
C ARG B 1665 29.85 -14.04 6.19
N LEU B 1666 29.23 -12.95 6.61
CA LEU B 1666 28.92 -12.70 8.00
C LEU B 1666 28.01 -13.78 8.54
N VAL B 1667 27.19 -14.33 7.67
CA VAL B 1667 26.23 -15.35 8.04
C VAL B 1667 26.92 -16.56 8.63
N LYS B 1668 28.11 -16.85 8.14
CA LYS B 1668 28.87 -18.00 8.59
C LYS B 1668 29.19 -17.91 10.07
N GLY B 1669 29.52 -16.72 10.52
CA GLY B 1669 29.82 -16.49 11.92
C GLY B 1669 28.70 -16.66 12.93
N ALA B 1670 27.50 -16.19 12.58
CA ALA B 1670 26.38 -16.26 13.53
C ALA B 1670 25.55 -17.52 13.49
N LYS B 1671 25.62 -18.31 14.56
CA LYS B 1671 24.86 -19.55 14.65
C LYS B 1671 23.35 -19.32 14.67
N GLY B 1672 22.89 -18.30 15.37
CA GLY B 1672 21.46 -18.04 15.45
C GLY B 1672 20.80 -17.68 14.14
N ILE B 1673 21.43 -16.81 13.37
CA ILE B 1673 20.89 -16.39 12.08
C ILE B 1673 20.86 -17.52 11.08
N ARG B 1674 21.87 -18.39 11.13
CA ARG B 1674 21.94 -19.50 10.20
C ARG B 1674 20.79 -20.47 10.31
N THR B 1675 20.32 -20.74 11.51
CA THR B 1675 19.22 -21.66 11.67
C THR B 1675 17.98 -21.12 10.96
N LEU B 1676 17.73 -19.82 11.09
CA LEU B 1676 16.60 -19.21 10.44
C LEU B 1676 16.75 -19.28 8.94
N LEU B 1677 17.97 -19.03 8.47
CA LEU B 1677 18.25 -19.08 7.04
C LEU B 1677 18.06 -20.47 6.47
N PHE B 1678 18.44 -21.47 7.24
CA PHE B 1678 18.29 -22.85 6.81
C PHE B 1678 16.82 -23.14 6.63
N ALA B 1679 15.98 -22.62 7.51
CA ALA B 1679 14.54 -22.84 7.41
C ALA B 1679 13.99 -22.26 6.11
N LEU B 1680 14.48 -21.11 5.71
CA LEU B 1680 14.03 -20.49 4.47
C LEU B 1680 14.36 -21.39 3.30
N MET B 1681 15.55 -21.96 3.31
CA MET B 1681 16.00 -22.85 2.26
C MET B 1681 15.16 -24.11 2.16
N MET B 1682 14.75 -24.64 3.30
CA MET B 1682 13.94 -25.85 3.35
C MET B 1682 12.60 -25.70 2.66
N SER B 1683 12.00 -24.53 2.82
CA SER B 1683 10.68 -24.27 2.25
C SER B 1683 10.69 -23.78 0.82
N LEU B 1684 11.85 -23.67 0.20
CA LEU B 1684 11.91 -23.19 -1.17
C LEU B 1684 11.16 -24.12 -2.11
N PRO B 1685 11.30 -25.48 -1.89
CA PRO B 1685 10.54 -26.33 -2.82
C PRO B 1685 9.04 -26.09 -2.74
N ALA B 1686 8.48 -25.98 -1.54
CA ALA B 1686 7.05 -25.73 -1.37
C ALA B 1686 6.62 -24.38 -1.91
N LEU B 1687 7.43 -23.36 -1.64
CA LEU B 1687 7.17 -22.01 -2.09
C LEU B 1687 7.18 -21.93 -3.60
N PHE B 1688 8.06 -22.70 -4.24
CA PHE B 1688 8.14 -22.68 -5.68
C PHE B 1688 6.85 -23.13 -6.34
N ASN B 1689 6.25 -24.20 -5.83
CA ASN B 1689 5.01 -24.69 -6.43
C ASN B 1689 3.91 -23.65 -6.35
N ILE B 1690 3.80 -23.03 -5.18
CA ILE B 1690 2.80 -21.99 -4.98
C ILE B 1690 3.09 -20.83 -5.89
N GLY B 1691 4.37 -20.51 -6.04
CA GLY B 1691 4.78 -19.43 -6.90
C GLY B 1691 4.39 -19.70 -8.33
N LEU B 1692 4.57 -20.93 -8.78
CA LEU B 1692 4.20 -21.29 -10.14
C LEU B 1692 2.70 -21.14 -10.35
N LEU B 1693 1.92 -21.61 -9.39
CA LEU B 1693 0.46 -21.54 -9.46
C LEU B 1693 0.02 -20.09 -9.44
N LEU B 1694 0.67 -19.29 -8.61
CA LEU B 1694 0.36 -17.89 -8.49
C LEU B 1694 0.67 -17.15 -9.78
N PHE B 1695 1.76 -17.53 -10.42
CA PHE B 1695 2.16 -16.91 -11.68
C PHE B 1695 1.16 -17.17 -12.79
N LEU B 1696 0.65 -18.39 -12.86
CA LEU B 1696 -0.32 -18.74 -13.89
C LEU B 1696 -1.62 -17.97 -13.72
N VAL B 1697 -2.08 -17.82 -12.48
CA VAL B 1697 -3.31 -17.08 -12.19
C VAL B 1697 -3.11 -15.63 -12.56
N MET B 1698 -1.94 -15.11 -12.27
CA MET B 1698 -1.62 -13.73 -12.59
C MET B 1698 -1.65 -13.59 -14.09
N PHE B 1699 -1.11 -14.57 -14.79
CA PHE B 1699 -1.07 -14.54 -16.25
C PHE B 1699 -2.45 -14.54 -16.90
N ILE B 1700 -3.37 -15.36 -16.41
CA ILE B 1700 -4.72 -15.41 -16.98
C ILE B 1700 -5.40 -14.07 -16.79
N TYR B 1701 -5.21 -13.48 -15.62
CA TYR B 1701 -5.79 -12.20 -15.29
C TYR B 1701 -5.23 -11.06 -16.14
N ALA B 1702 -3.95 -11.10 -16.43
CA ALA B 1702 -3.32 -10.07 -17.23
C ALA B 1702 -3.94 -10.05 -18.60
N ILE B 1703 -4.18 -11.23 -19.17
CA ILE B 1703 -4.79 -11.33 -20.49
C ILE B 1703 -6.22 -10.79 -20.49
N PHE B 1704 -6.98 -11.12 -19.47
CA PHE B 1704 -8.37 -10.65 -19.37
C PHE B 1704 -8.32 -9.16 -19.26
N GLY B 1705 -7.36 -8.66 -18.49
CA GLY B 1705 -7.20 -7.25 -18.30
C GLY B 1705 -6.82 -6.48 -19.54
N MET B 1706 -5.94 -7.03 -20.35
CA MET B 1706 -5.51 -6.32 -21.54
C MET B 1706 -6.65 -6.04 -22.48
N SER B 1707 -7.46 -7.04 -22.76
CA SER B 1707 -8.58 -6.85 -23.65
C SER B 1707 -9.68 -5.98 -23.07
N ASN B 1708 -10.05 -6.29 -21.84
CA ASN B 1708 -11.09 -5.57 -21.12
C ASN B 1708 -10.83 -4.14 -20.67
N PHE B 1709 -9.66 -3.89 -20.10
CA PHE B 1709 -9.38 -2.56 -19.55
C PHE B 1709 -8.52 -1.56 -20.29
N ALA B 1710 -7.96 -1.93 -21.42
CA ALA B 1710 -7.16 -0.98 -22.16
C ALA B 1710 -8.24 -0.06 -22.64
N TYR B 1711 -7.93 1.20 -22.84
CA TYR B 1711 -8.90 2.19 -23.32
C TYR B 1711 -9.73 2.87 -22.23
N VAL B 1712 -9.60 2.45 -20.98
CA VAL B 1712 -10.35 3.10 -19.92
C VAL B 1712 -9.69 4.44 -19.74
N LYS B 1713 -10.46 5.45 -19.35
CA LYS B 1713 -9.90 6.78 -19.16
C LYS B 1713 -8.89 6.71 -18.04
N LYS B 1714 -7.79 7.46 -18.16
CA LYS B 1714 -6.77 7.44 -17.12
C LYS B 1714 -7.09 8.42 -16.02
N GLU B 1715 -7.32 7.91 -14.82
CA GLU B 1715 -7.67 8.78 -13.69
C GLU B 1715 -6.72 8.63 -12.49
N ASP B 1716 -7.01 7.67 -11.62
CA ASP B 1716 -6.18 7.46 -10.45
C ASP B 1716 -5.69 6.03 -10.40
N GLY B 1717 -4.38 5.87 -10.41
CA GLY B 1717 -3.78 4.56 -10.39
C GLY B 1717 -3.56 4.04 -11.79
N ILE B 1718 -4.14 4.73 -12.77
CA ILE B 1718 -3.97 4.37 -14.17
C ILE B 1718 -3.48 5.63 -14.86
N ASN B 1719 -2.30 5.55 -15.45
CA ASN B 1719 -1.65 6.66 -16.13
C ASN B 1719 -0.68 6.03 -17.07
N ASP B 1720 0.13 6.78 -17.80
CA ASP B 1720 1.09 6.14 -18.69
C ASP B 1720 2.00 5.36 -17.76
N MET B 1721 2.18 4.07 -18.04
CA MET B 1721 2.96 3.13 -17.24
C MET B 1721 1.93 2.66 -16.22
N PHE B 1722 2.05 1.47 -15.68
CA PHE B 1722 1.08 1.03 -14.69
C PHE B 1722 -0.33 1.19 -15.25
N ASN B 1723 -0.53 0.70 -16.46
CA ASN B 1723 -1.81 0.76 -17.15
C ASN B 1723 -1.99 -0.59 -17.81
N PHE B 1724 -3.16 -0.88 -18.34
CA PHE B 1724 -3.39 -2.18 -18.97
C PHE B 1724 -3.17 -2.21 -20.47
N GLU B 1725 -2.54 -1.18 -21.02
CA GLU B 1725 -2.34 -1.08 -22.45
C GLU B 1725 -1.56 -2.23 -23.08
N THR B 1726 -0.52 -2.74 -22.42
CA THR B 1726 0.25 -3.86 -22.97
C THR B 1726 0.54 -4.94 -21.94
N PHE B 1727 0.99 -6.11 -22.38
CA PHE B 1727 1.27 -7.21 -21.46
C PHE B 1727 2.33 -6.93 -20.42
N GLY B 1728 3.39 -6.22 -20.80
CA GLY B 1728 4.42 -5.91 -19.83
C GLY B 1728 3.82 -5.06 -18.73
N ASN B 1729 3.02 -4.08 -19.12
CA ASN B 1729 2.34 -3.17 -18.20
C ASN B 1729 1.35 -3.83 -17.28
N SER B 1730 0.56 -4.74 -17.82
CA SER B 1730 -0.45 -5.43 -17.05
C SER B 1730 0.18 -6.25 -15.96
N MET B 1731 1.30 -6.87 -16.26
CA MET B 1731 2.02 -7.68 -15.30
C MET B 1731 2.52 -6.85 -14.13
N ILE B 1732 2.97 -5.64 -14.42
CA ILE B 1732 3.48 -4.75 -13.39
C ILE B 1732 2.38 -4.40 -12.40
N CYS B 1733 1.18 -4.10 -12.89
CA CYS B 1733 0.05 -3.77 -12.04
C CYS B 1733 -0.42 -4.94 -11.20
N LEU B 1734 -0.54 -6.09 -11.82
CA LEU B 1734 -1.04 -7.28 -11.13
C LEU B 1734 -0.12 -7.62 -9.98
N PHE B 1735 1.18 -7.48 -10.16
CA PHE B 1735 2.09 -7.78 -9.08
C PHE B 1735 1.83 -6.80 -7.94
N GLN B 1736 1.57 -5.55 -8.27
CA GLN B 1736 1.35 -4.54 -7.27
C GLN B 1736 0.13 -4.82 -6.41
N ILE B 1737 -0.95 -5.26 -7.04
CA ILE B 1737 -2.21 -5.55 -6.36
C ILE B 1737 -2.24 -6.90 -5.65
N THR B 1738 -1.22 -7.72 -5.85
CA THR B 1738 -1.17 -9.02 -5.22
C THR B 1738 -1.19 -8.85 -3.72
N THR B 1739 -0.57 -7.78 -3.26
CA THR B 1739 -0.57 -7.45 -1.84
C THR B 1739 -1.78 -6.56 -1.55
N SER B 1740 -2.62 -6.38 -2.55
CA SER B 1740 -3.83 -5.57 -2.45
C SER B 1740 -3.51 -4.14 -2.12
N ALA B 1741 -2.41 -3.64 -2.64
CA ALA B 1741 -2.04 -2.28 -2.39
C ALA B 1741 -2.41 -1.48 -3.60
N GLY B 1742 -3.22 -0.46 -3.43
CA GLY B 1742 -3.61 0.37 -4.55
C GLY B 1742 -4.69 -0.27 -5.39
N TRP B 1743 -5.28 -1.35 -4.91
CA TRP B 1743 -6.34 -2.02 -5.63
C TRP B 1743 -7.51 -1.08 -5.78
N ASP B 1744 -7.73 -0.27 -4.76
CA ASP B 1744 -8.81 0.68 -4.79
C ASP B 1744 -8.61 1.70 -5.91
N GLY B 1745 -7.37 2.13 -6.12
CA GLY B 1745 -7.08 3.10 -7.16
C GLY B 1745 -7.32 2.65 -8.58
N LEU B 1746 -6.90 1.44 -8.90
CA LEU B 1746 -7.08 0.88 -10.25
C LEU B 1746 -8.55 0.68 -10.57
N LEU B 1747 -9.30 0.21 -9.60
CA LEU B 1747 -10.72 -0.06 -9.76
C LEU B 1747 -11.52 1.18 -10.08
N ALA B 1748 -11.14 2.32 -9.52
CA ALA B 1748 -11.91 3.53 -9.70
C ALA B 1748 -12.11 4.00 -11.14
N PRO B 1749 -11.01 3.95 -12.00
CA PRO B 1749 -11.32 4.39 -13.38
C PRO B 1749 -12.35 3.48 -14.05
N ILE B 1750 -12.29 2.18 -13.77
CA ILE B 1750 -13.19 1.19 -14.33
C ILE B 1750 -14.65 1.46 -13.96
N LEU B 1751 -14.89 1.93 -12.74
CA LEU B 1751 -16.23 2.20 -12.27
C LEU B 1751 -17.03 3.26 -13.03
N ASN B 1752 -16.41 4.36 -13.41
CA ASN B 1752 -17.17 5.40 -14.10
C ASN B 1752 -17.74 5.03 -15.46
N SER B 1753 -19.02 5.30 -15.66
CA SER B 1753 -19.70 5.00 -16.92
C SER B 1753 -20.73 6.06 -17.25
N LYS B 1754 -20.73 6.53 -18.49
CA LYS B 1754 -21.67 7.52 -18.98
C LYS B 1754 -21.23 8.95 -18.71
N PRO B 1755 -21.72 9.92 -19.58
CA PRO B 1755 -21.28 11.29 -19.29
C PRO B 1755 -21.85 11.75 -17.95
N PRO B 1756 -21.17 12.68 -17.16
CA PRO B 1756 -19.92 13.23 -17.70
C PRO B 1756 -18.67 12.54 -17.18
N ASP B 1757 -18.82 11.39 -16.54
CA ASP B 1757 -17.68 10.68 -16.00
C ASP B 1757 -16.73 10.29 -17.11
N CYS B 1758 -17.28 9.89 -18.25
CA CYS B 1758 -16.47 9.50 -19.38
C CYS B 1758 -17.22 9.66 -20.70
N ASP B 1759 -16.52 9.58 -21.81
CA ASP B 1759 -17.16 9.71 -23.12
C ASP B 1759 -17.37 8.31 -23.67
N PRO B 1760 -18.69 7.95 -23.92
CA PRO B 1760 -18.84 6.58 -24.43
C PRO B 1760 -18.17 6.33 -25.77
N LYS B 1761 -18.26 7.25 -26.72
CA LYS B 1761 -17.60 7.05 -28.01
C LYS B 1761 -16.44 8.02 -28.17
N LYS B 1762 -15.22 7.49 -28.13
CA LYS B 1762 -14.00 8.29 -28.27
C LYS B 1762 -13.24 7.79 -29.47
N VAL B 1763 -12.59 8.68 -30.20
CA VAL B 1763 -11.88 8.26 -31.41
C VAL B 1763 -10.71 7.28 -31.29
N HIS B 1764 -9.82 7.45 -30.31
CA HIS B 1764 -8.70 6.51 -30.20
C HIS B 1764 -7.95 6.36 -31.51
N PRO B 1765 -7.19 7.45 -31.90
CA PRO B 1765 -6.53 7.29 -33.21
C PRO B 1765 -5.64 6.07 -33.31
N GLY B 1766 -5.65 5.45 -34.49
CA GLY B 1766 -4.87 4.26 -34.76
C GLY B 1766 -5.59 2.97 -34.40
N SER B 1767 -6.82 3.08 -33.92
CA SER B 1767 -7.57 1.88 -33.56
C SER B 1767 -9.07 1.95 -33.83
N SER B 1768 -9.64 0.77 -34.08
CA SER B 1768 -11.06 0.56 -34.34
C SER B 1768 -12.05 0.82 -33.21
N VAL B 1769 -11.65 0.49 -31.98
CA VAL B 1769 -12.49 0.61 -30.79
C VAL B 1769 -12.90 2.03 -30.45
N GLU B 1770 -14.11 2.17 -29.92
CA GLU B 1770 -14.64 3.46 -29.56
C GLU B 1770 -15.07 3.55 -28.11
N GLY B 1771 -14.71 4.63 -27.46
CA GLY B 1771 -15.09 4.90 -26.09
C GLY B 1771 -14.13 4.38 -25.05
N ASP B 1772 -14.14 5.02 -23.89
CA ASP B 1772 -13.28 4.61 -22.80
C ASP B 1772 -14.12 4.53 -21.55
N CYS B 1773 -14.98 3.54 -21.49
CA CYS B 1773 -15.86 3.35 -20.34
C CYS B 1773 -15.60 2.00 -19.71
N GLY B 1774 -15.38 2.00 -18.40
CA GLY B 1774 -15.14 0.75 -17.70
C GLY B 1774 -16.47 0.06 -17.56
N ASN B 1775 -16.47 -1.25 -17.39
CA ASN B 1775 -17.72 -1.95 -17.19
C ASN B 1775 -17.81 -2.02 -15.68
N PRO B 1776 -18.79 -1.38 -15.08
CA PRO B 1776 -18.83 -1.42 -13.62
C PRO B 1776 -19.03 -2.84 -13.11
N SER B 1777 -19.93 -3.61 -13.71
CA SER B 1777 -20.15 -4.98 -13.26
C SER B 1777 -18.98 -5.92 -13.47
N VAL B 1778 -18.40 -5.88 -14.67
CA VAL B 1778 -17.27 -6.71 -15.03
C VAL B 1778 -16.01 -6.30 -14.26
N GLY B 1779 -15.83 -5.01 -14.09
CA GLY B 1779 -14.69 -4.51 -13.36
C GLY B 1779 -14.68 -4.91 -11.91
N ILE B 1780 -15.84 -4.81 -11.26
CA ILE B 1780 -15.95 -5.16 -9.85
C ILE B 1780 -15.68 -6.63 -9.60
N PHE B 1781 -16.20 -7.51 -10.46
CA PHE B 1781 -15.98 -8.93 -10.30
C PHE B 1781 -14.51 -9.27 -10.46
N TYR B 1782 -13.86 -8.63 -11.43
CA TYR B 1782 -12.46 -8.87 -11.71
C TYR B 1782 -11.50 -8.48 -10.59
N PHE B 1783 -11.59 -7.26 -10.09
CA PHE B 1783 -10.72 -6.84 -9.01
C PHE B 1783 -10.97 -7.55 -7.71
N VAL B 1784 -12.25 -7.72 -7.38
CA VAL B 1784 -12.63 -8.40 -6.15
C VAL B 1784 -12.22 -9.87 -6.12
N SER B 1785 -12.42 -10.54 -7.25
CA SER B 1785 -12.06 -11.96 -7.36
C SER B 1785 -10.56 -12.15 -7.21
N TYR B 1786 -9.79 -11.23 -7.80
CA TYR B 1786 -8.34 -11.30 -7.73
C TYR B 1786 -7.85 -11.07 -6.33
N ILE B 1787 -8.44 -10.12 -5.64
CA ILE B 1787 -8.01 -9.82 -4.29
C ILE B 1787 -8.23 -11.03 -3.42
N ILE B 1788 -9.38 -11.65 -3.53
CA ILE B 1788 -9.69 -12.84 -2.75
C ILE B 1788 -8.81 -14.03 -3.11
N ILE B 1789 -8.59 -14.28 -4.39
CA ILE B 1789 -7.77 -15.42 -4.80
C ILE B 1789 -6.32 -15.32 -4.38
N SER B 1790 -5.74 -14.14 -4.54
CA SER B 1790 -4.35 -13.92 -4.15
C SER B 1790 -4.20 -14.10 -2.66
N PHE B 1791 -5.18 -13.61 -1.91
CA PHE B 1791 -5.19 -13.71 -0.47
C PHE B 1791 -5.21 -15.17 -0.05
N LEU B 1792 -5.98 -15.98 -0.75
CA LEU B 1792 -6.05 -17.39 -0.41
C LEU B 1792 -4.70 -18.07 -0.59
N VAL B 1793 -4.01 -17.78 -1.68
CA VAL B 1793 -2.69 -18.36 -1.93
C VAL B 1793 -1.66 -17.87 -0.93
N VAL B 1794 -1.73 -16.59 -0.58
CA VAL B 1794 -0.82 -16.00 0.41
C VAL B 1794 -1.02 -16.66 1.78
N VAL B 1795 -2.18 -17.10 2.07
CA VAL B 1795 -2.43 -17.78 3.33
C VAL B 1795 -1.54 -19.01 3.28
N ASN B 1796 -1.38 -19.57 2.08
CA ASN B 1796 -0.56 -20.75 1.88
C ASN B 1796 0.90 -20.51 2.22
N MET B 1797 1.44 -19.36 1.84
CA MET B 1797 2.82 -19.04 2.14
C MET B 1797 2.96 -18.98 3.65
N TYR B 1798 1.98 -18.39 4.30
CA TYR B 1798 2.00 -18.25 5.73
C TYR B 1798 2.03 -19.65 6.31
N ILE B 1799 1.23 -20.55 5.76
CA ILE B 1799 1.21 -21.94 6.23
C ILE B 1799 2.48 -22.74 5.96
N ALA B 1800 3.06 -22.60 4.77
CA ALA B 1800 4.27 -23.33 4.43
C ALA B 1800 5.47 -22.90 5.26
N VAL B 1801 5.61 -21.60 5.48
CA VAL B 1801 6.72 -21.08 6.28
C VAL B 1801 6.66 -21.53 7.72
N ILE B 1802 5.46 -21.53 8.30
CA ILE B 1802 5.28 -21.93 9.68
C ILE B 1802 5.62 -23.39 9.94
N LEU B 1803 5.22 -24.27 9.02
CA LEU B 1803 5.50 -25.69 9.18
C LEU B 1803 7.00 -25.96 9.21
N GLU B 1804 7.72 -25.42 8.25
CA GLU B 1804 9.16 -25.62 8.17
C GLU B 1804 9.87 -25.01 9.36
N ASN B 1805 9.42 -23.83 9.77
CA ASN B 1805 10.03 -23.13 10.88
C ASN B 1805 9.93 -23.92 12.17
N PHE B 1806 8.78 -24.52 12.43
CA PHE B 1806 8.63 -25.31 13.64
C PHE B 1806 9.59 -26.49 13.61
N SER B 1807 9.72 -27.12 12.45
CA SER B 1807 10.62 -28.27 12.35
C SER B 1807 12.09 -27.94 12.58
N VAL B 1808 12.58 -26.87 11.97
CA VAL B 1808 13.99 -26.49 12.15
C VAL B 1808 14.30 -26.06 13.58
N ALA B 1809 13.44 -25.23 14.14
CA ALA B 1809 13.62 -24.76 15.51
C ALA B 1809 13.52 -25.95 16.46
N THR B 1810 12.59 -26.84 16.14
CA THR B 1810 12.34 -28.02 16.98
C THR B 1810 13.57 -28.91 17.05
N GLU B 1811 14.27 -29.07 15.95
CA GLU B 1811 15.45 -29.92 15.95
C GLU B 1811 16.47 -29.42 16.96
N GLY C 20 -5.06 4.02 -25.85
CA GLY C 20 -5.01 5.38 -26.37
C GLY C 20 -4.41 5.46 -27.75
N CYS C 21 -3.77 6.58 -28.07
CA CYS C 21 -3.14 6.76 -29.36
C CYS C 21 -1.95 5.84 -29.58
N VAL C 22 -1.86 5.29 -30.79
CA VAL C 22 -0.79 4.42 -31.21
C VAL C 22 -0.36 4.89 -32.58
N GLU C 23 0.91 4.74 -32.93
CA GLU C 23 1.34 5.18 -34.24
C GLU C 23 1.44 3.99 -35.18
N VAL C 24 0.69 4.05 -36.27
CA VAL C 24 0.68 2.97 -37.24
C VAL C 24 1.00 3.52 -38.62
N ASP C 25 1.92 2.87 -39.33
CA ASP C 25 2.31 3.30 -40.67
C ASP C 25 1.23 3.01 -41.70
N SER C 26 1.09 3.89 -42.68
CA SER C 26 0.08 3.75 -43.73
C SER C 26 0.39 2.68 -44.78
N GLU C 27 -0.67 2.19 -45.44
CA GLU C 27 -0.52 1.18 -46.48
C GLU C 27 0.16 1.80 -47.68
N THR C 28 1.04 1.03 -48.33
CA THR C 28 1.79 1.54 -49.47
C THR C 28 1.26 1.24 -50.87
N GLU C 29 0.20 0.45 -51.00
CA GLU C 29 -0.32 0.16 -52.33
C GLU C 29 -1.79 0.51 -52.47
N ALA C 30 -2.12 1.31 -53.48
CA ALA C 30 -3.50 1.70 -53.69
C ALA C 30 -4.02 1.17 -54.99
N VAL C 31 -5.16 0.47 -54.94
CA VAL C 31 -5.77 -0.08 -56.15
C VAL C 31 -6.29 1.07 -56.99
N TYR C 32 -6.13 0.95 -58.29
CA TYR C 32 -6.60 1.98 -59.21
C TYR C 32 -8.12 2.01 -59.26
N GLY C 33 -8.68 3.21 -59.37
CA GLY C 33 -10.12 3.36 -59.47
C GLY C 33 -10.87 3.09 -58.18
N MET C 34 -10.16 3.01 -57.07
CA MET C 34 -10.78 2.75 -55.78
C MET C 34 -10.30 3.74 -54.72
N THR C 35 -11.12 3.95 -53.69
CA THR C 35 -10.76 4.88 -52.64
C THR C 35 -9.61 4.36 -51.79
N PHE C 36 -8.70 5.25 -51.41
CA PHE C 36 -7.55 4.91 -50.59
C PHE C 36 -7.44 5.87 -49.43
N LYS C 37 -6.97 5.38 -48.29
CA LYS C 37 -6.80 6.22 -47.10
C LYS C 37 -5.33 6.24 -46.71
N ILE C 38 -4.77 7.43 -46.55
CA ILE C 38 -3.38 7.58 -46.18
C ILE C 38 -3.33 7.91 -44.70
N LEU C 39 -2.51 7.20 -43.95
CA LEU C 39 -2.44 7.41 -42.51
C LEU C 39 -1.18 8.08 -42.01
N CYS C 40 -1.34 9.20 -41.33
CA CYS C 40 -0.22 9.91 -40.74
C CYS C 40 -0.70 10.09 -39.33
N ILE C 41 -0.05 9.47 -38.35
CA ILE C 41 -0.49 9.63 -36.97
C ILE C 41 0.67 10.08 -36.12
N SER C 42 0.51 11.18 -35.38
CA SER C 42 1.60 11.63 -34.52
C SER C 42 1.09 11.69 -33.09
N CYS C 43 1.80 11.07 -32.17
CA CYS C 43 1.35 11.05 -30.79
C CYS C 43 2.21 11.86 -29.84
N LYS C 44 1.56 12.66 -29.01
CA LYS C 44 2.25 13.49 -28.03
C LYS C 44 2.91 12.60 -27.01
N ARG C 45 4.03 13.05 -26.47
CA ARG C 45 4.75 12.26 -25.48
C ARG C 45 3.91 12.05 -24.24
N ARG C 46 3.19 13.08 -23.82
CA ARG C 46 2.32 12.95 -22.66
C ARG C 46 0.89 13.28 -23.07
N SER C 47 -0.02 12.36 -22.79
CA SER C 47 -1.43 12.52 -23.11
C SER C 47 -2.12 13.66 -22.38
N GLU C 48 -1.74 13.88 -21.13
CA GLU C 48 -2.34 14.90 -20.29
C GLU C 48 -2.20 16.32 -20.81
N THR C 49 -1.04 16.64 -21.39
CA THR C 49 -0.76 17.98 -21.88
C THR C 49 -1.67 18.37 -23.01
N ASN C 50 -2.07 19.63 -23.08
CA ASN C 50 -2.96 20.05 -24.16
C ASN C 50 -2.34 21.07 -25.08
N ALA C 51 -2.37 20.79 -26.38
CA ALA C 51 -1.78 21.67 -27.38
C ALA C 51 -2.65 21.81 -28.62
N GLU C 52 -2.41 22.84 -29.42
CA GLU C 52 -3.17 23.08 -30.63
C GLU C 52 -2.35 22.71 -31.86
N THR C 53 -2.93 21.90 -32.74
CA THR C 53 -2.22 21.45 -33.94
C THR C 53 -2.81 21.87 -35.27
N PHE C 54 -1.96 21.86 -36.28
CA PHE C 54 -2.34 22.17 -37.66
C PHE C 54 -1.43 21.33 -38.56
N THR C 55 -1.84 20.99 -39.77
CA THR C 55 -1.01 20.15 -40.63
C THR C 55 -0.89 20.59 -42.06
N GLU C 56 0.20 20.16 -42.70
CA GLU C 56 0.45 20.44 -44.09
C GLU C 56 0.87 19.15 -44.76
N TRP C 57 0.34 18.86 -45.93
CA TRP C 57 0.70 17.66 -46.64
C TRP C 57 1.22 18.14 -47.96
N THR C 58 2.40 17.70 -48.36
CA THR C 58 2.93 18.11 -49.65
C THR C 58 3.21 16.87 -50.43
N PHE C 59 2.83 16.82 -51.71
CA PHE C 59 3.12 15.63 -52.52
C PHE C 59 3.83 15.93 -53.84
N ARG C 60 4.87 15.16 -54.12
CA ARG C 60 5.61 15.30 -55.36
C ARG C 60 5.34 14.02 -56.14
N GLN C 61 4.82 14.16 -57.36
CA GLN C 61 4.52 12.99 -58.18
C GLN C 61 5.78 12.25 -58.59
N LYS C 62 5.64 10.96 -58.81
CA LYS C 62 6.76 10.11 -59.19
C LYS C 62 7.36 10.59 -60.50
N GLY C 63 8.68 10.55 -60.57
CA GLY C 63 9.40 10.97 -61.76
C GLY C 63 9.65 12.46 -61.80
N THR C 64 9.25 13.15 -60.75
CA THR C 64 9.45 14.59 -60.66
C THR C 64 10.01 15.00 -59.32
N GLU C 65 10.95 15.95 -59.33
CA GLU C 65 11.55 16.45 -58.10
C GLU C 65 10.69 17.53 -57.44
N GLU C 66 10.85 17.67 -56.12
CA GLU C 66 10.13 18.67 -55.33
C GLU C 66 8.72 18.30 -54.87
N PHE C 67 8.15 19.13 -53.99
CA PHE C 67 6.84 18.86 -53.46
C PHE C 67 5.99 20.11 -53.55
N VAL C 68 4.75 19.95 -53.99
CA VAL C 68 3.85 21.09 -54.06
C VAL C 68 2.87 20.83 -52.95
N LYS C 69 2.73 21.78 -52.03
CA LYS C 69 1.81 21.56 -50.92
C LYS C 69 0.45 21.36 -51.53
N ILE C 70 -0.26 20.34 -51.06
CA ILE C 70 -1.59 20.07 -51.57
C ILE C 70 -2.71 20.54 -50.66
N LEU C 71 -2.52 20.43 -49.35
CA LEU C 71 -3.56 20.84 -48.41
C LEU C 71 -3.05 21.33 -47.07
N ARG C 72 -3.83 22.19 -46.42
CA ARG C 72 -3.50 22.72 -45.11
C ARG C 72 -4.75 22.63 -44.26
N TYR C 73 -4.61 22.12 -43.06
CA TYR C 73 -5.74 21.98 -42.18
C TYR C 73 -5.44 22.64 -40.86
N GLU C 74 -6.11 23.76 -40.61
CA GLU C 74 -5.93 24.53 -39.39
C GLU C 74 -7.32 24.88 -38.87
N ASN C 75 -7.47 25.07 -37.57
CA ASN C 75 -8.77 25.38 -37.04
C ASN C 75 -9.62 24.15 -37.31
N GLU C 76 -10.80 24.32 -37.89
CA GLU C 76 -11.60 23.15 -38.22
C GLU C 76 -11.75 22.92 -39.72
N VAL C 77 -11.74 23.99 -40.49
CA VAL C 77 -11.87 23.92 -41.94
C VAL C 77 -10.62 23.38 -42.59
N LEU C 78 -10.78 22.67 -43.69
CA LEU C 78 -9.64 22.11 -44.42
C LEU C 78 -9.43 22.90 -45.68
N GLN C 79 -8.20 23.35 -45.92
CA GLN C 79 -7.89 24.13 -47.10
C GLN C 79 -7.19 23.23 -48.09
N LEU C 80 -7.68 23.25 -49.32
CA LEU C 80 -7.13 22.43 -50.38
C LEU C 80 -6.58 23.25 -51.53
N GLU C 81 -5.40 22.89 -52.00
CA GLU C 81 -4.76 23.60 -53.09
C GLU C 81 -5.56 23.38 -54.37
N GLU C 82 -5.42 24.30 -55.31
CA GLU C 82 -6.17 24.25 -56.58
C GLU C 82 -5.61 23.34 -57.67
N ASP C 83 -4.50 22.67 -57.43
CA ASP C 83 -3.93 21.81 -58.47
C ASP C 83 -4.90 20.73 -58.85
N GLU C 84 -4.96 20.45 -60.16
CA GLU C 84 -5.85 19.47 -60.76
C GLU C 84 -5.60 18.02 -60.36
N ARG C 85 -4.36 17.67 -60.08
CA ARG C 85 -4.05 16.30 -59.76
C ARG C 85 -4.88 15.86 -58.57
N PHE C 86 -5.01 16.74 -57.59
CA PHE C 86 -5.79 16.42 -56.41
C PHE C 86 -7.06 17.23 -56.31
N GLU C 87 -7.45 17.92 -57.37
CA GLU C 87 -8.65 18.72 -57.30
C GLU C 87 -9.80 17.78 -57.17
N GLY C 88 -10.57 17.94 -56.11
CA GLY C 88 -11.69 17.06 -55.86
C GLY C 88 -10.99 15.83 -55.36
N ARG C 89 -11.71 14.81 -54.95
CA ARG C 89 -11.09 13.56 -54.54
C ARG C 89 -10.44 13.49 -53.17
N VAL C 90 -10.52 14.56 -52.38
CA VAL C 90 -9.88 14.52 -51.07
C VAL C 90 -10.79 14.93 -49.93
N VAL C 91 -10.79 14.14 -48.86
CA VAL C 91 -11.59 14.41 -47.70
C VAL C 91 -10.77 14.15 -46.44
N TRP C 92 -10.95 14.99 -45.45
CA TRP C 92 -10.26 14.85 -44.19
C TRP C 92 -10.82 13.69 -43.41
N ASN C 93 -9.95 12.83 -42.88
CA ASN C 93 -10.36 11.71 -42.05
C ASN C 93 -9.72 11.85 -40.68
N GLY C 94 -9.22 13.04 -40.40
CA GLY C 94 -8.50 13.36 -39.17
C GLY C 94 -9.36 13.49 -37.95
N SER C 95 -8.73 13.70 -36.80
CA SER C 95 -9.45 13.84 -35.55
C SER C 95 -10.40 15.00 -35.76
N ARG C 96 -11.61 14.87 -35.25
CA ARG C 96 -12.62 15.89 -35.46
C ARG C 96 -13.05 16.68 -34.25
N GLY C 97 -13.04 17.99 -34.39
CA GLY C 97 -13.49 18.90 -33.35
C GLY C 97 -12.56 19.04 -32.17
N THR C 98 -11.50 18.23 -32.13
CA THR C 98 -10.55 18.29 -31.05
C THR C 98 -9.76 19.58 -30.99
N LYS C 99 -9.33 20.04 -32.15
CA LYS C 99 -8.54 21.27 -32.25
C LYS C 99 -7.09 20.96 -31.87
N ASP C 100 -6.87 19.73 -31.42
CA ASP C 100 -5.60 19.17 -31.02
C ASP C 100 -5.68 17.84 -31.73
N LEU C 101 -5.38 17.83 -33.02
CA LEU C 101 -5.57 16.65 -33.84
C LEU C 101 -4.90 15.32 -33.51
N GLN C 102 -3.61 15.28 -33.26
CA GLN C 102 -3.03 13.98 -32.93
C GLN C 102 -2.98 13.05 -34.12
N ASP C 103 -4.12 12.80 -34.74
CA ASP C 103 -4.17 11.92 -35.89
C ASP C 103 -4.55 12.72 -37.11
N LEU C 104 -3.70 12.75 -38.12
CA LEU C 104 -4.02 13.45 -39.34
C LEU C 104 -4.00 12.40 -40.42
N SER C 105 -5.07 12.26 -41.17
CA SER C 105 -5.14 11.28 -42.24
C SER C 105 -5.88 11.89 -43.38
N ILE C 106 -5.54 11.48 -44.59
CA ILE C 106 -6.18 11.99 -45.76
C ILE C 106 -6.80 10.82 -46.49
N PHE C 107 -8.02 10.99 -46.98
CA PHE C 107 -8.74 9.96 -47.70
C PHE C 107 -9.03 10.50 -49.08
N ILE C 108 -8.72 9.69 -50.08
CA ILE C 108 -8.91 10.03 -51.47
C ILE C 108 -9.97 9.14 -52.05
N THR C 109 -10.90 9.72 -52.79
CA THR C 109 -11.95 8.97 -53.44
C THR C 109 -11.55 8.89 -54.90
N ASN C 110 -11.91 7.82 -55.59
CA ASN C 110 -11.54 7.72 -56.99
C ASN C 110 -10.03 7.85 -57.21
N VAL C 111 -9.26 6.95 -56.63
CA VAL C 111 -7.81 6.98 -56.75
C VAL C 111 -7.44 6.87 -58.22
N THR C 112 -6.39 7.57 -58.62
CA THR C 112 -5.94 7.59 -60.00
C THR C 112 -4.45 7.45 -60.07
N TYR C 113 -3.93 7.17 -61.26
CA TYR C 113 -2.50 7.01 -61.41
C TYR C 113 -1.81 8.31 -61.05
N ASN C 114 -2.43 9.42 -61.42
CA ASN C 114 -1.82 10.68 -61.13
C ASN C 114 -1.52 10.77 -59.64
N HIS C 115 -2.32 10.14 -58.78
CA HIS C 115 -1.98 10.18 -57.35
C HIS C 115 -0.93 9.13 -56.97
N SER C 116 0.31 9.27 -57.43
CA SER C 116 1.36 8.32 -57.06
C SER C 116 2.69 9.03 -56.80
N GLY C 117 3.48 8.56 -55.84
CA GLY C 117 4.74 9.22 -55.53
C GLY C 117 5.09 9.27 -54.06
N ASP C 118 5.71 10.37 -53.64
CA ASP C 118 6.11 10.59 -52.25
C ASP C 118 5.21 11.64 -51.62
N TYR C 119 4.76 11.36 -50.40
CA TYR C 119 3.90 12.24 -49.64
C TYR C 119 4.63 12.58 -48.37
N GLU C 120 4.74 13.87 -48.08
CA GLU C 120 5.39 14.29 -46.85
C GLU C 120 4.38 15.09 -46.04
N CYS C 121 4.16 14.69 -44.78
CA CYS C 121 3.21 15.42 -43.95
C CYS C 121 3.91 16.00 -42.74
N HIS C 122 3.84 17.32 -42.57
CA HIS C 122 4.48 17.99 -41.45
C HIS C 122 3.44 18.43 -40.48
N VAL C 123 3.73 18.35 -39.20
CA VAL C 123 2.78 18.75 -38.16
C VAL C 123 3.28 19.91 -37.32
N TYR C 124 2.43 20.88 -37.06
CA TYR C 124 2.79 22.01 -36.22
C TYR C 124 1.84 22.02 -35.04
N ARG C 125 2.42 22.01 -33.86
CA ARG C 125 1.79 21.89 -32.55
C ARG C 125 2.11 22.98 -31.51
N LEU C 126 1.09 23.63 -30.96
CA LEU C 126 1.34 24.65 -29.95
C LEU C 126 0.95 23.99 -28.63
N LEU C 127 1.93 23.85 -27.77
CA LEU C 127 1.78 23.19 -26.48
C LEU C 127 1.73 24.26 -25.42
N PHE C 128 0.71 24.23 -24.59
CA PHE C 128 0.60 25.23 -23.55
C PHE C 128 0.97 24.59 -22.24
N PHE C 129 1.97 25.20 -21.59
CA PHE C 129 2.51 24.76 -20.33
C PHE C 129 2.23 25.85 -19.32
N GLU C 130 2.74 25.73 -18.10
CA GLU C 130 2.42 26.74 -17.09
C GLU C 130 2.88 28.15 -17.48
N ASN C 131 4.11 28.30 -17.91
CA ASN C 131 4.60 29.61 -18.34
C ASN C 131 5.45 29.45 -19.59
N TYR C 132 5.37 28.26 -20.17
CA TYR C 132 6.14 27.86 -21.32
C TYR C 132 5.20 27.57 -22.46
N GLU C 133 5.49 28.10 -23.63
CA GLU C 133 4.69 27.83 -24.82
C GLU C 133 5.67 27.20 -25.76
N HIS C 134 5.42 25.99 -26.24
CA HIS C 134 6.38 25.32 -27.11
C HIS C 134 5.86 25.04 -28.51
N ASN C 135 6.66 25.35 -29.53
CA ASN C 135 6.26 25.10 -30.91
C ASN C 135 7.14 23.98 -31.44
N THR C 136 6.54 22.92 -31.94
CA THR C 136 7.30 21.77 -32.43
C THR C 136 6.92 21.34 -33.83
N SER C 137 7.86 20.68 -34.51
CA SER C 137 7.62 20.18 -35.84
C SER C 137 8.07 18.73 -35.93
N VAL C 138 7.22 17.86 -36.48
CA VAL C 138 7.58 16.46 -36.67
C VAL C 138 7.18 16.15 -38.10
N VAL C 139 8.01 15.42 -38.83
CA VAL C 139 7.67 15.12 -40.23
C VAL C 139 7.39 13.66 -40.51
N LYS C 140 6.22 13.37 -41.04
CA LYS C 140 5.86 12.02 -41.40
C LYS C 140 5.64 12.04 -42.90
N LYS C 141 6.37 11.16 -43.57
CA LYS C 141 6.33 11.03 -45.02
C LYS C 141 5.77 9.68 -45.42
N ILE C 142 4.82 9.72 -46.34
CA ILE C 142 4.15 8.54 -46.85
C ILE C 142 4.33 8.43 -48.35
N HIS C 143 4.80 7.27 -48.78
CA HIS C 143 5.08 6.97 -50.18
C HIS C 143 4.16 5.87 -50.65
N ILE C 144 3.37 6.14 -51.69
CA ILE C 144 2.45 5.14 -52.20
C ILE C 144 2.52 4.93 -53.71
N GLU C 145 2.38 3.69 -54.15
CA GLU C 145 2.40 3.37 -55.57
C GLU C 145 1.10 2.72 -56.02
N VAL C 146 0.45 3.28 -57.01
CA VAL C 146 -0.80 2.74 -57.53
C VAL C 146 -0.60 1.48 -58.35
N VAL C 147 -1.47 0.49 -58.16
CA VAL C 147 -1.40 -0.77 -58.91
C VAL C 147 -2.77 -1.11 -59.42
N ASP C 148 -2.86 -1.77 -60.57
CA ASP C 148 -4.14 -2.14 -61.16
C ASP C 148 -4.99 -3.14 -60.38
N LYS C 149 -4.36 -4.16 -59.84
CA LYS C 149 -5.08 -5.16 -59.08
C LYS C 149 -4.47 -5.31 -57.71
N ALA C 150 -5.30 -5.43 -56.68
CA ALA C 150 -4.76 -5.56 -55.35
C ALA C 150 -3.89 -6.80 -55.34
N ASN C 151 -2.73 -6.69 -54.71
CA ASN C 151 -1.81 -7.80 -54.65
C ASN C 151 -1.79 -8.33 -53.23
N ARG C 152 -2.07 -9.62 -53.06
CA ARG C 152 -2.09 -10.21 -51.74
C ARG C 152 -0.71 -10.11 -51.14
N ASP C 153 -0.65 -9.73 -49.88
CA ASP C 153 0.65 -9.61 -49.21
C ASP C 153 1.40 -10.93 -49.16
N MET C 154 2.73 -10.86 -49.27
CA MET C 154 3.54 -12.07 -49.25
C MET C 154 3.41 -12.80 -47.92
N ALA C 155 3.34 -12.04 -46.83
CA ALA C 155 3.23 -12.66 -45.52
C ALA C 155 1.95 -13.47 -45.43
N SER C 156 0.86 -12.95 -45.99
CA SER C 156 -0.39 -13.68 -45.95
C SER C 156 -0.27 -14.98 -46.72
N ILE C 157 0.32 -14.93 -47.91
CA ILE C 157 0.49 -16.13 -48.72
C ILE C 157 1.44 -17.17 -48.15
N VAL C 158 2.58 -16.72 -47.61
CA VAL C 158 3.53 -17.66 -47.08
C VAL C 158 2.97 -18.38 -45.88
N SER C 159 2.28 -17.65 -45.03
CA SER C 159 1.70 -18.25 -43.83
C SER C 159 0.64 -19.29 -44.13
N GLU C 160 -0.25 -18.99 -45.07
CA GLU C 160 -1.33 -19.92 -45.44
C GLU C 160 -0.77 -21.22 -46.01
N ILE C 161 0.25 -21.11 -46.86
CA ILE C 161 0.92 -22.26 -47.43
C ILE C 161 1.70 -22.96 -46.33
N MET C 162 2.32 -22.17 -45.47
CA MET C 162 3.12 -22.70 -44.38
C MET C 162 2.25 -23.43 -43.36
N MET C 163 1.08 -22.88 -43.08
CA MET C 163 0.16 -23.49 -42.13
C MET C 163 -0.32 -24.85 -42.61
N TYR C 164 -0.63 -24.96 -43.89
CA TYR C 164 -1.11 -26.21 -44.43
C TYR C 164 -0.09 -27.31 -44.32
N VAL C 165 1.17 -26.98 -44.58
CA VAL C 165 2.22 -27.98 -44.51
C VAL C 165 2.26 -28.55 -43.11
N LEU C 166 2.12 -27.71 -42.10
CA LEU C 166 2.13 -28.19 -40.73
C LEU C 166 0.95 -29.11 -40.47
N ILE C 167 -0.22 -28.73 -40.96
CA ILE C 167 -1.42 -29.53 -40.77
C ILE C 167 -1.24 -30.87 -41.46
N VAL C 168 -0.64 -30.88 -42.63
CA VAL C 168 -0.42 -32.13 -43.35
C VAL C 168 0.68 -32.97 -42.72
N VAL C 169 1.77 -32.34 -42.32
CA VAL C 169 2.86 -33.08 -41.72
C VAL C 169 2.50 -33.74 -40.41
N LEU C 170 1.77 -33.01 -39.56
CA LEU C 170 1.40 -33.58 -38.28
C LEU C 170 0.51 -34.79 -38.44
N THR C 171 -0.46 -34.69 -39.33
CA THR C 171 -1.38 -35.78 -39.58
C THR C 171 -0.65 -36.99 -40.14
N ILE C 172 0.30 -36.74 -41.02
CA ILE C 172 1.08 -37.82 -41.60
C ILE C 172 1.84 -38.49 -40.47
N TRP C 173 2.37 -37.70 -39.55
CA TRP C 173 3.11 -38.24 -38.43
C TRP C 173 2.20 -39.07 -37.54
N LEU C 174 1.01 -38.55 -37.27
CA LEU C 174 0.06 -39.27 -36.42
C LEU C 174 -0.37 -40.58 -37.04
N VAL C 175 -0.71 -40.56 -38.32
CA VAL C 175 -1.12 -41.77 -39.01
C VAL C 175 0.05 -42.75 -39.08
N ALA C 176 1.24 -42.20 -39.25
CA ALA C 176 2.43 -43.01 -39.37
C ALA C 176 2.69 -43.86 -38.13
N GLU C 177 2.47 -43.28 -36.96
CA GLU C 177 2.71 -44.02 -35.73
C GLU C 177 1.73 -45.17 -35.55
N MET C 178 0.47 -44.92 -35.90
CA MET C 178 -0.58 -45.91 -35.74
C MET C 178 -0.33 -47.15 -36.58
N ILE C 179 0.14 -46.98 -37.80
CA ILE C 179 0.40 -48.14 -38.63
C ILE C 179 1.49 -48.99 -37.99
N TYR C 180 2.48 -48.35 -37.40
CA TYR C 180 3.57 -49.07 -36.75
C TYR C 180 3.18 -49.57 -35.36
N CYS C 181 2.53 -48.72 -34.59
CA CYS C 181 2.11 -49.08 -33.25
C CYS C 181 1.00 -50.14 -33.24
N TYR C 182 0.02 -49.96 -34.11
CA TYR C 182 -1.13 -50.85 -34.20
C TYR C 182 -0.73 -52.25 -34.60
N LYS C 183 0.18 -52.36 -35.56
CA LYS C 183 0.60 -53.66 -36.01
C LYS C 183 1.21 -54.40 -34.86
N LYS C 184 2.00 -53.69 -34.06
CA LYS C 184 2.65 -54.32 -32.92
C LYS C 184 1.61 -54.82 -31.93
N ILE C 185 0.58 -54.02 -31.69
CA ILE C 185 -0.47 -54.41 -30.76
C ILE C 185 -1.18 -55.65 -31.25
N ALA C 186 -1.46 -55.71 -32.55
CA ALA C 186 -2.15 -56.86 -33.11
C ALA C 186 -1.30 -58.10 -32.93
N ALA C 187 0.01 -57.94 -33.11
CA ALA C 187 0.93 -59.05 -32.99
C ALA C 187 0.95 -59.66 -31.59
N ALA C 188 0.84 -58.82 -30.57
CA ALA C 188 0.87 -59.30 -29.19
C ALA C 188 -0.26 -60.25 -28.83
N THR C 189 -1.47 -59.99 -29.32
CA THR C 189 -2.59 -60.85 -29.01
C THR C 189 -2.38 -62.28 -29.52
N GLU C 190 -1.87 -62.41 -30.74
CA GLU C 190 -1.62 -63.71 -31.35
C GLU C 190 -0.59 -64.58 -30.63
N THR C 191 0.46 -63.94 -30.11
CA THR C 191 1.52 -64.68 -29.42
C THR C 191 0.97 -65.43 -28.23
N ALA C 192 0.08 -64.79 -27.48
CA ALA C 192 -0.51 -65.42 -26.31
C ALA C 192 -1.82 -66.12 -26.70
#